data_6OYC
#
_entry.id   6OYC
#
_cell.length_a   103.009
_cell.length_b   168.321
_cell.length_c   100.034
_cell.angle_alpha   90.00
_cell.angle_beta   90.00
_cell.angle_gamma   90.00
#
_symmetry.space_group_name_H-M   'P 21 21 2'
#
loop_
_entity.id
_entity.type
_entity.pdbx_description
1 polymer 'Glycosylation Associate Protein 1'
2 polymer 'Glycosylation Associate Protein 2'
3 polymer 'Glycosylation Associate Protein 3'
4 non-polymer GLYCEROL
5 non-polymer 'SULFATE ION'
6 water water
#
loop_
_entity_poly.entity_id
_entity_poly.type
_entity_poly.pdbx_seq_one_letter_code
_entity_poly.pdbx_strand_id
1 'polypeptide(L)'
;MFHFIPSWYNENRTWYDNNYLWYFKPTNVGFDDTINQMKMFDYAGKESRLVVLNYMPNLRYYLHRYDLLESGYYSVFDDI
QEIGNVRQQMIDFRQLNWPEGVDFTYTPFIVLVKKSGDLIAKVQFGEEGNLTHIDYFANEQIAKKYLFDDRGFLSSILYY
DNGGEAYQDYLAPSGERIMREYLREGDHHVEINPKKAIHFLKLSYSDIEELIREKYLTYLHKEVSKSDTIIVSFNQVHNA
FIVGNTSKGNLILSVFSERNNAHNVLEDYSSLSRADAIICDRLDIAAQLKEKIDKPVVHVSPFDTRLALGKSNQVRDLEI
YFVVDRLSHKELQKSLTSLYKVMLKNNDIKVTFVSYEREFESRQLTYDYLKEATKVFDQKFFSLSDDDANQVLMQSDEVE
KEKTRLSFTHPLSETDIINRLEYVRLIIDISKIPDLYTQIAGISSGIPQINTILTEFVEHRKNGYIIEEIQELEKAIPYY
CEQLTNWNRSLIYSIDKINDYTGGQLVERIINSY
;
A
2 'polypeptide(L)'
;MSKIKLTILQVGEENWATKENIPNNMEWLFIKPDQISDFVTTENNYLTSSKLLQKLPRKISALLLTEQTYGPELSSLSSF
FEVYEVFYPKDKHATGITEEFLRSKMAQRYDSSSPDQLIRQFYKGLFIGQYGEKLQVSQIQIRNDFEGVVNYQGNNYLEL
EGQFGENYSFLLNFAYNIPFSSDFYNELFLEHIIEGDIDIRLVISLIVDGSVDDIAKEWYFEKEDLNQLISLESDISGSL
AVKLFAKGKGIVKLGPLHRRNGRGGLGTFLLGGERHIDAIGHEFMTYFDPVDFKPPLTVYFSGFRSAEGFEGFWMMKSMK
TPFMLICDPRLQGGAFYIGSKEYEQKIVDAIQEKLAFLNFSSDQLILSGLSMGTYGATYHGAKLNPHAIIIGKPIFNLGT
VAQRERLERPDGFATSLDIQLLNQGDLTSSSSEKLNNYFWKSIEEGDFSNTTFALAYMKNDDYDATAFSDLLQYFRGKKH
KILGRGWDGRHGDCSAEVGAWFTSQYRRMLSNDFGRKEE
;
B
3 'polypeptide(L)'
;MSTISYIYWDDFSRFSYNFGTKLQFLGKSVCFENPLAPSSTNLYTWSSQTNYQSKRISPNLPLLRKGTRYSLSLNAELDL
VSSLFVRIEFYNRFNESVGFELLKKDSIIFIYPKEAYTYTISLINAGCSDFTFHYLKLEEVTDSVIQEKNLSTEFTIEEH
QDVLNLLLVEKKDSVYINKIESISQLQQKVELVSNPSLNSDSLILPELEKGLEDALKVFPNIKINVIAYGTQGNFAALYY
AKKFPRITAYINDCFAPFGILLKSLPHLTAKQQIFLREVWDTRETSPNVKHYGLVSENSSLNLVSMILSGNEHLPYLTLL
KKQDDNYDSL
;
C
#
loop_
_chem_comp.id
_chem_comp.type
_chem_comp.name
_chem_comp.formula
GOL non-polymer GLYCEROL 'C3 H8 O3'
SO4 non-polymer 'SULFATE ION' 'O4 S -2'
#
# COMPACT_ATOMS: atom_id res chain seq x y z
N MET A 1 -10.01 42.68 -12.36
CA MET A 1 -9.85 41.36 -11.76
C MET A 1 -10.30 41.25 -10.29
N PHE A 2 -10.40 40.02 -9.80
CA PHE A 2 -10.98 39.73 -8.49
C PHE A 2 -9.94 39.04 -7.62
N HIS A 3 -9.69 39.62 -6.43
CA HIS A 3 -8.73 39.08 -5.47
C HIS A 3 -9.50 38.39 -4.35
N PHE A 4 -9.32 37.07 -4.23
CA PHE A 4 -10.01 36.29 -3.20
C PHE A 4 -9.08 36.15 -2.01
N ILE A 5 -9.60 36.43 -0.82
CA ILE A 5 -8.81 36.23 0.39
C ILE A 5 -9.52 35.14 1.20
N PRO A 6 -8.94 33.94 1.31
CA PRO A 6 -9.59 32.83 2.02
C PRO A 6 -9.36 32.91 3.53
N SER A 7 -10.05 32.03 4.24
CA SER A 7 -9.85 31.82 5.68
C SER A 7 -9.49 30.36 5.89
N TRP A 8 -8.28 30.00 5.50
CA TRP A 8 -7.87 28.60 5.59
C TRP A 8 -6.85 28.46 6.69
N TYR A 9 -7.18 29.05 7.85
CA TYR A 9 -6.28 29.24 8.96
C TYR A 9 -6.23 27.99 9.84
N ASN A 10 -5.27 27.98 10.76
CA ASN A 10 -5.15 26.95 11.78
C ASN A 10 -5.85 27.45 13.02
N GLU A 11 -6.74 26.61 13.55
CA GLU A 11 -7.57 26.96 14.71
C GLU A 11 -6.73 27.37 15.91
N ASN A 12 -5.61 26.70 16.14
CA ASN A 12 -4.83 26.92 17.35
C ASN A 12 -3.63 27.83 17.14
N ARG A 13 -3.40 28.28 15.91
CA ARG A 13 -2.26 29.12 15.58
C ARG A 13 -2.58 29.75 14.23
N THR A 14 -3.26 30.91 14.27
CA THR A 14 -4.01 31.41 13.12
C THR A 14 -3.21 31.36 11.82
N TRP A 15 -1.99 31.90 11.84
CA TRP A 15 -1.26 32.17 10.61
C TRP A 15 -0.43 30.98 10.15
N TYR A 16 -0.62 29.82 10.77
CA TYR A 16 0.19 28.63 10.53
C TYR A 16 -0.48 27.70 9.51
N ASP A 17 0.17 26.56 9.25
CA ASP A 17 -0.31 25.56 8.31
C ASP A 17 -1.63 24.96 8.79
N ASN A 18 -2.61 24.84 7.90
CA ASN A 18 -3.86 24.17 8.25
C ASN A 18 -3.84 22.68 7.96
N ASN A 19 -2.73 22.14 7.45
CA ASN A 19 -2.72 20.74 7.04
C ASN A 19 -2.97 19.85 8.25
N TYR A 20 -3.47 18.65 7.97
CA TYR A 20 -3.86 17.67 8.98
C TYR A 20 -3.20 16.34 8.64
N LEU A 21 -3.06 15.48 9.64
CA LEU A 21 -2.59 14.12 9.35
C LEU A 21 -3.57 13.41 8.44
N TRP A 22 -3.05 12.62 7.49
CA TRP A 22 -3.89 12.02 6.47
C TRP A 22 -4.99 11.14 7.06
N TYR A 23 -4.74 10.58 8.24
CA TYR A 23 -5.69 9.68 8.87
C TYR A 23 -6.49 10.34 9.98
N PHE A 24 -6.44 11.67 10.08
CA PHE A 24 -7.03 12.35 11.23
C PHE A 24 -7.55 13.73 10.82
N LYS A 25 -8.22 13.80 9.68
CA LYS A 25 -8.70 15.09 9.20
C LYS A 25 -9.86 15.61 10.05
N PRO A 26 -9.83 16.86 10.52
CA PRO A 26 -11.02 17.45 11.13
C PRO A 26 -12.13 17.61 10.11
N THR A 27 -13.38 17.47 10.58
CA THR A 27 -14.52 17.57 9.67
C THR A 27 -14.77 19.00 9.17
N ASN A 28 -14.23 20.02 9.84
CA ASN A 28 -14.51 21.41 9.51
C ASN A 28 -13.40 22.09 8.72
N VAL A 29 -12.35 21.37 8.32
CA VAL A 29 -11.35 21.87 7.40
C VAL A 29 -11.70 21.34 6.02
N GLY A 30 -11.76 22.22 5.03
CA GLY A 30 -12.03 21.76 3.68
C GLY A 30 -12.89 22.70 2.88
N PHE A 31 -13.73 22.14 2.03
CA PHE A 31 -14.54 22.91 1.07
C PHE A 31 -15.27 24.06 1.77
N ASP A 32 -15.17 25.27 1.22
CA ASP A 32 -15.83 26.39 1.87
C ASP A 32 -16.25 27.42 0.82
N ASP A 33 -16.68 28.60 1.30
CA ASP A 33 -17.23 29.62 0.42
C ASP A 33 -16.20 30.11 -0.60
N THR A 34 -14.92 30.20 -0.22
CA THR A 34 -13.94 30.67 -1.19
C THR A 34 -13.81 29.71 -2.36
N ILE A 35 -13.74 28.40 -2.07
CA ILE A 35 -13.66 27.41 -3.14
C ILE A 35 -14.87 27.54 -4.05
N ASN A 36 -16.06 27.56 -3.44
CA ASN A 36 -17.28 27.64 -4.21
C ASN A 36 -17.30 28.89 -5.10
N GLN A 37 -16.88 30.03 -4.53
CA GLN A 37 -16.97 31.28 -5.26
C GLN A 37 -15.90 31.38 -6.35
N MET A 38 -14.69 30.88 -6.07
CA MET A 38 -13.69 30.98 -7.13
C MET A 38 -14.01 30.09 -8.31
N LYS A 39 -14.62 28.92 -8.05
CA LYS A 39 -15.03 28.04 -9.12
C LYS A 39 -16.04 28.72 -10.04
N MET A 40 -17.05 29.38 -9.47
CA MET A 40 -18.09 29.98 -10.29
C MET A 40 -17.61 31.24 -10.99
N PHE A 41 -16.68 31.97 -10.39
CA PHE A 41 -16.06 33.05 -11.15
C PHE A 41 -15.24 32.50 -12.30
N ASP A 42 -14.63 31.32 -12.10
CA ASP A 42 -13.91 30.64 -13.19
C ASP A 42 -14.86 30.20 -14.29
N TYR A 43 -15.91 29.46 -13.93
CA TYR A 43 -16.97 29.10 -14.87
C TYR A 43 -17.49 30.33 -15.60
N ALA A 44 -17.50 31.48 -14.93
CA ALA A 44 -18.01 32.71 -15.50
C ALA A 44 -16.96 33.45 -16.31
N GLY A 45 -15.74 32.93 -16.37
CA GLY A 45 -14.70 33.56 -17.16
C GLY A 45 -14.08 34.80 -16.57
N LYS A 46 -14.26 35.07 -15.28
CA LYS A 46 -13.63 36.24 -14.67
C LYS A 46 -12.16 35.98 -14.36
N GLU A 47 -11.37 37.05 -14.45
CA GLU A 47 -9.98 37.01 -14.02
C GLU A 47 -9.94 37.10 -12.51
N SER A 48 -9.21 36.18 -11.88
CA SER A 48 -9.18 36.21 -10.42
C SER A 48 -7.87 35.62 -9.91
N ARG A 49 -7.56 35.95 -8.67
CA ARG A 49 -6.35 35.46 -8.03
C ARG A 49 -6.63 35.25 -6.55
N LEU A 50 -5.98 34.24 -5.98
CA LEU A 50 -6.07 33.93 -4.56
C LEU A 50 -4.95 34.64 -3.80
N VAL A 51 -5.28 35.19 -2.64
CA VAL A 51 -4.32 35.93 -1.83
C VAL A 51 -4.29 35.24 -0.47
N VAL A 52 -3.23 34.47 -0.22
CA VAL A 52 -3.17 33.56 0.92
C VAL A 52 -2.28 34.19 1.98
N LEU A 53 -2.83 34.41 3.17
CA LEU A 53 -2.12 35.18 4.18
C LEU A 53 -1.34 34.30 5.15
N ASN A 54 -1.76 33.07 5.38
CA ASN A 54 -1.11 32.21 6.37
C ASN A 54 -0.11 31.29 5.69
N TYR A 55 0.71 30.66 6.53
CA TYR A 55 1.74 29.72 6.09
C TYR A 55 1.08 28.45 5.52
N MET A 56 1.34 28.13 4.25
CA MET A 56 0.68 26.99 3.59
C MET A 56 1.66 26.18 2.75
N PRO A 57 2.56 25.44 3.40
CA PRO A 57 3.55 24.65 2.63
C PRO A 57 2.92 23.58 1.74
N ASN A 58 1.67 23.20 2.00
CA ASN A 58 0.98 22.20 1.19
C ASN A 58 -0.06 22.83 0.27
N LEU A 59 0.14 24.10 -0.10
CA LEU A 59 -0.90 24.86 -0.78
C LEU A 59 -1.22 24.28 -2.16
N ARG A 60 -0.20 23.79 -2.88
CA ARG A 60 -0.46 23.38 -4.25
C ARG A 60 -1.29 22.10 -4.29
N TYR A 61 -1.02 21.14 -3.40
CA TYR A 61 -1.91 19.98 -3.30
C TYR A 61 -3.28 20.42 -2.83
N TYR A 62 -3.34 21.35 -1.88
CA TYR A 62 -4.63 21.81 -1.41
C TYR A 62 -5.47 22.34 -2.56
N LEU A 63 -4.88 23.22 -3.39
CA LEU A 63 -5.63 23.80 -4.51
C LEU A 63 -5.96 22.75 -5.55
N HIS A 64 -5.03 21.82 -5.78
CA HIS A 64 -5.27 20.76 -6.75
C HIS A 64 -6.51 19.96 -6.39
N ARG A 65 -6.77 19.80 -5.09
CA ARG A 65 -7.93 19.04 -4.63
C ARG A 65 -9.23 19.66 -5.09
N TYR A 66 -9.25 20.98 -5.30
CA TYR A 66 -10.47 21.68 -5.69
C TYR A 66 -10.44 22.16 -7.14
N ASP A 67 -9.56 21.58 -7.97
CA ASP A 67 -9.43 21.99 -9.38
C ASP A 67 -9.14 23.48 -9.49
N LEU A 68 -8.30 23.99 -8.57
CA LEU A 68 -7.92 25.39 -8.56
C LEU A 68 -6.42 25.61 -8.69
N LEU A 69 -5.63 24.55 -8.88
CA LEU A 69 -4.18 24.70 -8.96
C LEU A 69 -3.78 25.66 -10.07
N GLU A 70 -4.58 25.76 -11.11
CA GLU A 70 -4.29 26.64 -12.24
C GLU A 70 -4.83 28.03 -12.05
N SER A 71 -5.48 28.31 -10.92
CA SER A 71 -6.24 29.55 -10.81
C SER A 71 -5.39 30.77 -10.46
N GLY A 72 -4.13 30.59 -10.08
CA GLY A 72 -3.32 31.78 -9.81
C GLY A 72 -3.40 32.19 -8.34
N TYR A 73 -2.25 32.40 -7.72
CA TYR A 73 -2.27 32.73 -6.30
C TYR A 73 -1.03 33.52 -5.95
N TYR A 74 -1.18 34.30 -4.87
CA TYR A 74 -0.08 34.98 -4.20
C TYR A 74 -0.06 34.50 -2.75
N SER A 75 1.11 34.09 -2.28
CA SER A 75 1.27 33.59 -0.92
C SER A 75 2.23 34.52 -0.19
N VAL A 76 1.73 35.17 0.85
CA VAL A 76 2.57 36.03 1.68
C VAL A 76 3.85 35.30 2.10
N PHE A 77 3.71 34.07 2.57
CA PHE A 77 4.89 33.36 3.10
C PHE A 77 5.83 32.94 1.99
N ASP A 78 5.31 32.55 0.82
CA ASP A 78 6.15 32.32 -0.35
C ASP A 78 7.02 33.55 -0.65
N ASP A 79 6.40 34.73 -0.63
CA ASP A 79 7.11 35.99 -0.83
C ASP A 79 8.20 36.18 0.24
N ILE A 80 7.81 36.13 1.51
CA ILE A 80 8.78 36.22 2.60
C ILE A 80 9.94 35.27 2.37
N GLN A 81 9.63 33.99 2.13
CA GLN A 81 10.66 32.96 2.15
C GLN A 81 11.48 32.90 0.87
N GLU A 82 11.23 33.79 -0.11
CA GLU A 82 12.04 33.89 -1.34
C GLU A 82 12.02 32.59 -2.12
N ILE A 83 10.84 31.99 -2.20
CA ILE A 83 10.73 30.69 -2.85
C ILE A 83 10.81 30.83 -4.37
N GLY A 84 10.09 31.78 -4.96
CA GLY A 84 10.26 31.96 -6.39
C GLY A 84 9.74 30.76 -7.17
N ASN A 85 10.32 30.53 -8.33
CA ASN A 85 9.84 29.44 -9.17
C ASN A 85 10.75 28.23 -9.03
N VAL A 86 10.60 27.56 -7.88
CA VAL A 86 11.48 26.47 -7.49
C VAL A 86 11.19 25.23 -8.34
N ARG A 87 12.23 24.51 -8.71
CA ARG A 87 12.05 23.21 -9.35
C ARG A 87 11.40 22.23 -8.36
N GLN A 88 10.36 21.57 -8.78
CA GLN A 88 9.66 20.60 -7.98
C GLN A 88 10.51 19.37 -7.73
N GLN A 89 10.57 18.89 -6.52
CA GLN A 89 11.27 17.66 -6.23
C GLN A 89 10.33 16.72 -5.51
N MET A 90 10.55 15.41 -5.69
CA MET A 90 9.73 14.36 -5.07
C MET A 90 10.58 13.69 -4.00
N ILE A 91 10.40 14.11 -2.76
CA ILE A 91 11.28 13.65 -1.69
C ILE A 91 10.93 12.22 -1.28
N ASP A 92 11.92 11.33 -1.36
CA ASP A 92 11.84 9.98 -0.80
C ASP A 92 12.57 10.00 0.54
N PHE A 93 11.81 9.92 1.63
CA PHE A 93 12.43 10.04 2.95
C PHE A 93 13.49 8.97 3.19
N ARG A 94 13.43 7.84 2.47
CA ARG A 94 14.42 6.78 2.66
C ARG A 94 15.82 7.21 2.23
N GLN A 95 15.94 8.26 1.42
CA GLN A 95 17.22 8.71 0.92
C GLN A 95 17.78 9.93 1.65
N LEU A 96 17.21 10.30 2.80
CA LEU A 96 17.75 11.40 3.59
C LEU A 96 19.00 10.94 4.35
N ASN A 97 19.72 11.93 4.91
CA ASN A 97 20.96 11.66 5.61
C ASN A 97 20.67 11.23 7.05
N TRP A 98 20.02 10.06 7.17
CA TRP A 98 19.77 9.46 8.48
C TRP A 98 21.11 9.10 9.14
N PRO A 99 21.15 9.01 10.47
CA PRO A 99 22.31 8.37 11.11
C PRO A 99 22.51 6.98 10.52
N GLU A 100 23.78 6.59 10.37
CA GLU A 100 24.09 5.27 9.80
C GLU A 100 23.39 4.17 10.58
N GLY A 101 22.87 3.18 9.85
CA GLY A 101 22.31 2.00 10.46
C GLY A 101 20.90 2.12 10.99
N VAL A 102 20.15 3.19 10.68
CA VAL A 102 18.75 3.24 11.11
C VAL A 102 17.97 2.10 10.43
N ASP A 103 16.88 1.67 11.07
CA ASP A 103 15.93 0.73 10.48
C ASP A 103 14.54 1.38 10.40
N PHE A 104 13.73 0.91 9.48
CA PHE A 104 12.42 1.50 9.24
C PHE A 104 11.32 0.53 9.68
N THR A 105 10.42 0.99 10.53
CA THR A 105 9.25 0.22 10.91
C THR A 105 8.04 0.86 10.24
N TYR A 106 7.46 0.15 9.27
CA TYR A 106 6.26 0.60 8.56
C TYR A 106 5.02 0.19 9.35
N THR A 107 4.29 1.16 9.87
CA THR A 107 3.02 0.86 10.54
C THR A 107 1.91 1.11 9.52
N PRO A 108 0.66 0.81 9.84
CA PRO A 108 -0.42 1.16 8.90
C PRO A 108 -0.63 2.66 8.72
N PHE A 109 0.11 3.52 9.43
CA PHE A 109 -0.19 4.95 9.37
C PHE A 109 1.04 5.84 9.15
N ILE A 110 2.21 5.44 9.68
CA ILE A 110 3.44 6.22 9.61
C ILE A 110 4.62 5.26 9.47
N VAL A 111 5.82 5.83 9.35
CA VAL A 111 7.07 5.06 9.41
C VAL A 111 7.86 5.50 10.64
N LEU A 112 8.34 4.53 11.41
CA LEU A 112 9.26 4.78 12.50
C LEU A 112 10.70 4.57 12.04
N VAL A 113 11.54 5.60 12.28
CA VAL A 113 12.97 5.51 12.08
C VAL A 113 13.62 5.33 13.45
N LYS A 114 14.24 4.16 13.65
CA LYS A 114 14.88 3.79 14.91
C LYS A 114 16.32 3.39 14.65
N LYS A 115 17.12 3.43 15.72
CA LYS A 115 18.51 3.01 15.70
C LYS A 115 18.73 2.16 16.94
N SER A 116 18.88 0.85 16.74
CA SER A 116 18.97 -0.13 17.83
C SER A 116 17.96 0.13 18.94
N GLY A 117 16.69 0.26 18.55
CA GLY A 117 15.63 0.47 19.52
C GLY A 117 15.39 1.90 19.94
N ASP A 118 16.32 2.82 19.65
CA ASP A 118 16.12 4.23 19.95
C ASP A 118 15.33 4.91 18.84
N LEU A 119 14.22 5.56 19.21
CA LEU A 119 13.45 6.34 18.26
C LEU A 119 14.29 7.49 17.73
N ILE A 120 14.44 7.56 16.41
CA ILE A 120 15.04 8.72 15.77
C ILE A 120 13.98 9.66 15.19
N ALA A 121 12.95 9.13 14.54
CA ALA A 121 12.03 10.01 13.83
C ALA A 121 10.72 9.29 13.56
N LYS A 122 9.67 10.10 13.37
CA LYS A 122 8.38 9.64 12.87
C LYS A 122 8.11 10.37 11.56
N VAL A 123 7.80 9.61 10.52
CA VAL A 123 7.65 10.16 9.18
C VAL A 123 6.16 10.21 8.86
N GLN A 124 5.68 11.37 8.42
CA GLN A 124 4.27 11.58 8.18
C GLN A 124 4.02 11.90 6.71
N PHE A 125 2.91 11.37 6.19
CA PHE A 125 2.57 11.53 4.79
C PHE A 125 1.25 12.27 4.64
N GLY A 126 1.14 13.05 3.56
CA GLY A 126 -0.05 13.81 3.29
C GLY A 126 -1.17 12.97 2.71
N GLU A 127 -2.31 13.66 2.49
CA GLU A 127 -3.44 13.03 1.83
C GLU A 127 -3.04 12.49 0.46
N GLU A 128 -2.19 13.21 -0.26
CA GLU A 128 -1.74 12.78 -1.57
C GLU A 128 -0.49 11.91 -1.48
N GLY A 129 -0.07 11.56 -0.26
CA GLY A 129 1.06 10.67 -0.05
C GLY A 129 2.41 11.34 0.02
N ASN A 130 2.49 12.64 -0.24
CA ASN A 130 3.77 13.33 -0.21
C ASN A 130 4.28 13.46 1.24
N LEU A 131 5.59 13.36 1.40
CA LEU A 131 6.20 13.64 2.70
C LEU A 131 5.84 15.06 3.14
N THR A 132 5.18 15.18 4.29
CA THR A 132 4.81 16.48 4.84
C THR A 132 5.71 16.91 5.99
N HIS A 133 5.93 16.05 6.97
CA HIS A 133 6.84 16.46 8.03
C HIS A 133 7.49 15.24 8.67
N ILE A 134 8.65 15.49 9.28
CA ILE A 134 9.34 14.50 10.11
C ILE A 134 9.49 15.06 11.52
N ASP A 135 8.98 14.32 12.52
CA ASP A 135 9.27 14.60 13.92
C ASP A 135 10.60 13.93 14.26
N TYR A 136 11.58 14.72 14.65
CA TYR A 136 12.92 14.23 14.91
C TYR A 136 13.15 14.25 16.41
N PHE A 137 13.67 13.14 16.93
CA PHE A 137 13.68 12.89 18.37
C PHE A 137 15.11 12.82 18.86
N ALA A 138 15.28 13.16 20.14
CA ALA A 138 16.47 12.84 20.89
C ALA A 138 16.05 12.41 22.27
N ASN A 139 16.66 11.33 22.76
CA ASN A 139 16.34 10.76 24.07
C ASN A 139 14.83 10.59 24.25
N GLU A 140 14.17 10.03 23.24
CA GLU A 140 12.75 9.71 23.29
C GLU A 140 11.85 10.94 23.39
N GLN A 141 12.38 12.13 23.12
CA GLN A 141 11.60 13.36 23.25
C GLN A 141 11.76 14.13 21.96
N ILE A 142 10.65 14.67 21.44
CA ILE A 142 10.75 15.38 20.17
C ILE A 142 11.67 16.58 20.33
N ALA A 143 12.57 16.76 19.37
CA ALA A 143 13.53 17.86 19.41
C ALA A 143 13.25 18.89 18.34
N LYS A 144 12.89 18.44 17.13
CA LYS A 144 12.54 19.36 16.07
C LYS A 144 11.59 18.67 15.10
N LYS A 145 10.83 19.49 14.38
CA LYS A 145 9.91 19.02 13.35
C LYS A 145 10.33 19.65 12.04
N TYR A 146 10.65 18.82 11.05
CA TYR A 146 10.96 19.27 9.70
C TYR A 146 9.67 19.39 8.91
N LEU A 147 9.34 20.59 8.43
CA LEU A 147 8.14 20.83 7.62
C LEU A 147 8.55 20.94 6.16
N PHE A 148 8.02 20.07 5.32
CA PHE A 148 8.36 20.07 3.91
C PHE A 148 7.24 20.73 3.11
N ASP A 149 7.63 21.60 2.19
CA ASP A 149 6.75 22.15 1.18
C ASP A 149 6.40 21.06 0.18
N ASP A 150 5.20 21.14 -0.39
CA ASP A 150 4.84 20.13 -1.39
C ASP A 150 5.62 20.29 -2.69
N ARG A 151 6.36 21.37 -2.87
CA ARG A 151 7.30 21.45 -3.98
C ARG A 151 8.60 20.67 -3.71
N GLY A 152 8.70 20.04 -2.55
CA GLY A 152 9.82 19.16 -2.24
C GLY A 152 11.09 19.85 -1.79
N PHE A 153 10.99 20.95 -1.05
CA PHE A 153 12.12 21.53 -0.34
C PHE A 153 11.78 21.63 1.13
N LEU A 154 12.80 21.82 1.97
CA LEU A 154 12.57 22.05 3.41
C LEU A 154 12.09 23.48 3.62
N SER A 155 10.83 23.65 4.06
CA SER A 155 10.22 24.95 4.25
C SER A 155 10.52 25.55 5.62
N SER A 156 10.50 24.75 6.68
CA SER A 156 10.76 25.31 8.00
C SER A 156 11.13 24.18 8.98
N ILE A 157 11.72 24.57 10.12
CA ILE A 157 12.03 23.67 11.22
C ILE A 157 11.44 24.25 12.50
N LEU A 158 10.68 23.45 13.22
CA LEU A 158 10.10 23.85 14.49
C LEU A 158 10.94 23.20 15.59
N TYR A 159 11.61 24.02 16.40
CA TYR A 159 12.47 23.50 17.46
C TYR A 159 11.73 23.44 18.78
N TYR A 160 12.08 22.45 19.59
CA TYR A 160 11.46 22.24 20.89
C TYR A 160 12.52 22.29 21.97
N ASP A 161 12.10 22.65 23.18
CA ASP A 161 12.91 22.39 24.36
C ASP A 161 12.00 21.82 25.44
N ASN A 162 12.55 21.64 26.64
CA ASN A 162 11.70 21.38 27.80
C ASN A 162 10.90 22.63 28.08
N GLY A 163 9.58 22.51 28.04
CA GLY A 163 8.73 23.67 27.88
C GLY A 163 7.99 23.71 26.56
N GLY A 164 8.19 22.68 25.71
CA GLY A 164 7.45 22.51 24.46
C GLY A 164 8.02 23.24 23.26
N GLU A 165 7.12 23.79 22.44
CA GLU A 165 7.53 24.59 21.30
C GLU A 165 8.39 25.76 21.76
N ALA A 166 9.50 25.97 21.06
CA ALA A 166 10.41 27.07 21.34
C ALA A 166 10.35 28.12 20.23
N TYR A 167 10.70 27.78 19.00
CA TYR A 167 10.65 28.72 17.87
C TYR A 167 10.69 27.95 16.56
N GLN A 168 10.37 28.68 15.48
CA GLN A 168 10.28 28.11 14.14
C GLN A 168 11.16 28.92 13.19
N ASP A 169 12.07 28.24 12.51
CA ASP A 169 12.92 28.87 11.50
C ASP A 169 12.32 28.62 10.12
N TYR A 170 11.99 29.70 9.40
CA TYR A 170 11.46 29.59 8.05
C TYR A 170 12.58 29.78 7.06
N LEU A 171 12.66 28.89 6.07
CA LEU A 171 13.81 28.79 5.20
C LEU A 171 13.44 29.14 3.76
N ALA A 172 14.46 29.58 3.01
CA ALA A 172 14.42 29.60 1.56
C ALA A 172 14.84 28.24 1.01
N PRO A 173 14.56 27.95 -0.27
CA PRO A 173 14.96 26.63 -0.82
C PRO A 173 16.45 26.36 -0.78
N SER A 174 17.27 27.39 -0.66
CA SER A 174 18.70 27.22 -0.45
C SER A 174 19.03 26.68 0.94
N GLY A 175 18.06 26.70 1.86
CA GLY A 175 18.31 26.39 3.24
C GLY A 175 18.58 27.59 4.13
N GLU A 176 18.82 28.76 3.54
CA GLU A 176 19.06 29.98 4.33
C GLU A 176 17.83 30.36 5.14
N ARG A 177 18.05 30.72 6.39
CA ARG A 177 16.96 31.15 7.25
C ARG A 177 16.53 32.57 6.91
N ILE A 178 15.24 32.75 6.61
CA ILE A 178 14.73 34.09 6.37
C ILE A 178 14.26 34.74 7.66
N MET A 179 13.57 33.99 8.52
CA MET A 179 13.09 34.58 9.76
C MET A 179 12.87 33.46 10.78
N ARG A 180 12.93 33.86 12.05
CA ARG A 180 12.61 32.98 13.17
C ARG A 180 11.42 33.54 13.93
N GLU A 181 10.43 32.70 14.20
CA GLU A 181 9.22 33.04 14.93
C GLU A 181 9.23 32.27 16.24
N TYR A 182 9.24 33.00 17.35
CA TYR A 182 9.24 32.39 18.66
C TYR A 182 7.84 31.92 19.04
N LEU A 183 7.77 30.87 19.89
CA LEU A 183 6.56 30.12 20.16
C LEU A 183 6.32 29.89 21.64
N ARG A 184 6.93 30.67 22.51
CA ARG A 184 6.77 30.47 23.94
C ARG A 184 5.65 31.35 24.50
N GLU A 185 5.19 31.00 25.69
CA GLU A 185 4.26 31.88 26.38
C GLU A 185 4.90 33.25 26.59
N GLY A 186 4.18 34.30 26.21
CA GLY A 186 4.69 35.65 26.34
C GLY A 186 5.72 36.07 25.30
N ASP A 187 6.07 35.19 24.36
CA ASP A 187 7.07 35.56 23.34
C ASP A 187 6.72 34.84 22.03
N HIS A 188 6.00 35.57 21.17
CA HIS A 188 5.73 35.11 19.81
C HIS A 188 6.37 36.03 18.79
N HIS A 189 7.43 36.76 19.16
CA HIS A 189 7.97 37.77 18.27
C HIS A 189 8.79 37.13 17.16
N VAL A 190 9.03 37.90 16.10
CA VAL A 190 9.63 37.42 14.86
C VAL A 190 10.92 38.18 14.62
N GLU A 191 12.01 37.46 14.34
CA GLU A 191 13.31 38.05 14.00
C GLU A 191 13.63 37.78 12.53
N ILE A 192 13.82 38.84 11.78
CA ILE A 192 14.24 38.77 10.39
C ILE A 192 15.75 38.55 10.31
N ASN A 193 16.19 37.68 9.40
CA ASN A 193 17.60 37.58 9.04
C ASN A 193 18.14 38.96 8.64
N PRO A 194 19.14 39.48 9.36
CA PRO A 194 19.62 40.85 9.07
C PRO A 194 20.10 41.03 7.64
N LYS A 195 20.57 39.96 6.99
CA LYS A 195 20.97 40.05 5.59
C LYS A 195 19.79 40.23 4.65
N LYS A 196 18.57 40.09 5.14
CA LYS A 196 17.36 40.28 4.33
C LYS A 196 16.60 41.52 4.74
N ALA A 197 17.08 42.27 5.74
CA ALA A 197 16.37 43.44 6.27
C ALA A 197 15.99 44.43 5.19
N ILE A 198 16.75 44.48 4.10
CA ILE A 198 16.41 45.26 2.92
C ILE A 198 14.93 45.13 2.53
N HIS A 199 14.39 43.92 2.55
CA HIS A 199 13.03 43.68 2.06
C HIS A 199 11.96 43.96 3.09
N PHE A 200 12.30 44.43 4.28
CA PHE A 200 11.36 44.56 5.38
C PHE A 200 11.47 45.92 6.06
N LEU A 201 10.33 46.39 6.59
CA LEU A 201 10.31 47.64 7.33
C LEU A 201 10.91 47.52 8.73
N LYS A 202 11.00 46.30 9.27
CA LYS A 202 11.55 46.08 10.60
C LYS A 202 12.43 44.84 10.61
N LEU A 203 13.36 44.82 11.55
CA LEU A 203 14.18 43.65 11.84
C LEU A 203 13.52 42.72 12.84
N SER A 204 12.59 43.25 13.63
CA SER A 204 12.00 42.51 14.73
C SER A 204 10.54 42.93 14.82
N TYR A 205 9.63 41.96 14.71
CA TYR A 205 8.19 42.24 14.78
C TYR A 205 7.61 41.70 16.08
N SER A 206 6.55 42.34 16.58
CA SER A 206 6.00 41.90 17.86
C SER A 206 5.30 40.54 17.72
N ASP A 207 4.73 40.23 16.55
CA ASP A 207 4.19 38.90 16.29
C ASP A 207 4.12 38.70 14.78
N ILE A 208 3.74 37.48 14.37
CA ILE A 208 3.75 37.14 12.95
C ILE A 208 2.69 37.96 12.19
N GLU A 209 1.60 38.33 12.84
CA GLU A 209 0.57 39.08 12.13
C GLU A 209 1.07 40.45 11.69
N GLU A 210 1.89 41.10 12.50
CA GLU A 210 2.41 42.42 12.15
C GLU A 210 3.14 42.36 10.82
N LEU A 211 3.97 41.35 10.63
CA LEU A 211 4.63 41.18 9.34
C LEU A 211 3.63 40.85 8.23
N ILE A 212 2.60 40.06 8.52
CA ILE A 212 1.63 39.71 7.48
C ILE A 212 0.84 40.94 7.04
N ARG A 213 0.50 41.82 8.00
CA ARG A 213 -0.16 43.06 7.60
C ARG A 213 0.70 43.84 6.63
N GLU A 214 2.01 43.88 6.90
CA GLU A 214 2.93 44.65 6.06
C GLU A 214 2.98 44.07 4.65
N LYS A 215 3.13 42.74 4.54
CA LYS A 215 3.11 42.11 3.23
C LYS A 215 1.78 42.33 2.52
N TYR A 216 0.66 42.23 3.25
CA TYR A 216 -0.63 42.43 2.58
C TYR A 216 -0.77 43.87 2.05
N LEU A 217 -0.43 44.86 2.88
CA LEU A 217 -0.60 46.23 2.41
C LEU A 217 0.28 46.51 1.20
N THR A 218 1.47 45.90 1.15
CA THR A 218 2.27 46.00 -0.07
C THR A 218 1.55 45.37 -1.26
N TYR A 219 0.95 44.19 -1.08
CA TYR A 219 0.20 43.57 -2.16
C TYR A 219 -0.92 44.48 -2.62
N LEU A 220 -1.65 45.04 -1.66
CA LEU A 220 -2.76 45.94 -1.96
C LEU A 220 -2.28 47.11 -2.80
N HIS A 221 -1.18 47.74 -2.35
CA HIS A 221 -0.60 48.87 -3.07
C HIS A 221 -0.19 48.49 -4.49
N LYS A 222 0.53 47.37 -4.64
CA LYS A 222 1.13 47.08 -5.95
C LYS A 222 0.18 46.35 -6.89
N GLU A 223 -0.73 45.51 -6.38
CA GLU A 223 -1.36 44.51 -7.22
C GLU A 223 -2.86 44.70 -7.42
N VAL A 224 -3.51 45.53 -6.63
CA VAL A 224 -4.95 45.74 -6.73
C VAL A 224 -5.15 47.05 -7.50
N SER A 225 -5.86 46.97 -8.60
CA SER A 225 -6.15 48.21 -9.31
C SER A 225 -7.41 48.85 -8.72
N LYS A 226 -7.56 50.15 -8.97
CA LYS A 226 -8.72 50.89 -8.49
C LYS A 226 -10.02 50.30 -9.02
N SER A 227 -9.98 49.62 -10.16
CA SER A 227 -11.17 49.02 -10.74
C SER A 227 -11.32 47.54 -10.37
N ASP A 228 -10.48 47.03 -9.49
CA ASP A 228 -10.55 45.64 -9.06
C ASP A 228 -11.54 45.49 -7.91
N THR A 229 -11.85 44.24 -7.59
CA THR A 229 -12.72 43.88 -6.46
C THR A 229 -11.99 42.89 -5.57
N ILE A 230 -12.04 43.14 -4.28
CA ILE A 230 -11.50 42.21 -3.30
C ILE A 230 -12.68 41.47 -2.69
N ILE A 231 -12.64 40.14 -2.75
CA ILE A 231 -13.65 39.30 -2.12
C ILE A 231 -13.03 38.68 -0.89
N VAL A 232 -13.56 39.04 0.27
CA VAL A 232 -12.96 38.71 1.55
C VAL A 232 -13.81 37.65 2.25
N SER A 233 -13.18 36.54 2.59
CA SER A 233 -13.73 35.61 3.55
C SER A 233 -13.86 36.30 4.91
N PHE A 234 -15.09 36.46 5.40
CA PHE A 234 -15.28 37.22 6.65
C PHE A 234 -14.60 36.51 7.82
N ASN A 235 -13.67 37.20 8.47
CA ASN A 235 -12.97 36.62 9.61
C ASN A 235 -12.42 37.74 10.48
N GLN A 236 -12.70 37.69 11.78
CA GLN A 236 -12.15 38.71 12.67
C GLN A 236 -10.62 38.67 12.74
N VAL A 237 -9.98 37.55 12.41
CA VAL A 237 -8.51 37.55 12.47
C VAL A 237 -7.90 38.44 11.41
N HIS A 238 -8.63 38.80 10.34
CA HIS A 238 -8.04 39.67 9.32
C HIS A 238 -8.92 40.81 8.82
N ASN A 239 -10.18 40.89 9.22
CA ASN A 239 -11.07 41.95 8.72
C ASN A 239 -10.48 43.34 8.95
N ALA A 240 -9.82 43.54 10.10
CA ALA A 240 -9.44 44.89 10.49
C ALA A 240 -8.39 45.47 9.56
N PHE A 241 -7.40 44.68 9.16
CA PHE A 241 -6.41 45.25 8.25
C PHE A 241 -6.72 45.00 6.78
N ILE A 242 -7.72 44.19 6.44
CA ILE A 242 -8.13 44.03 5.05
C ILE A 242 -9.28 44.96 4.71
N VAL A 243 -10.31 44.99 5.55
CA VAL A 243 -11.49 45.80 5.28
C VAL A 243 -11.31 47.22 5.77
N GLY A 244 -10.65 47.41 6.92
CA GLY A 244 -10.42 48.77 7.41
C GLY A 244 -9.61 49.60 6.43
N ASN A 245 -8.69 48.97 5.71
CA ASN A 245 -7.78 49.67 4.81
C ASN A 245 -8.23 49.60 3.35
N THR A 246 -9.53 49.62 3.06
CA THR A 246 -10.04 49.15 1.77
C THR A 246 -10.36 50.28 0.78
N SER A 247 -9.77 51.46 0.93
CA SER A 247 -10.19 52.55 0.06
C SER A 247 -9.87 52.30 -1.41
N LYS A 248 -8.93 51.39 -1.72
CA LYS A 248 -8.42 51.30 -3.09
C LYS A 248 -9.48 50.81 -4.07
N GLY A 249 -10.26 49.78 -3.72
CA GLY A 249 -11.19 49.26 -4.70
C GLY A 249 -12.58 48.88 -4.22
N ASN A 250 -13.21 47.95 -4.92
CA ASN A 250 -14.49 47.39 -4.51
C ASN A 250 -14.29 46.22 -3.55
N LEU A 251 -15.31 46.00 -2.72
CA LEU A 251 -15.20 45.04 -1.64
C LEU A 251 -16.48 44.23 -1.56
N ILE A 252 -16.33 42.90 -1.50
CA ILE A 252 -17.41 41.98 -1.20
C ILE A 252 -17.02 41.15 0.03
N LEU A 253 -17.91 41.13 1.02
CA LEU A 253 -17.71 40.31 2.21
C LEU A 253 -18.47 39.01 2.07
N SER A 254 -17.81 37.89 2.35
CA SER A 254 -18.45 36.56 2.25
C SER A 254 -18.64 35.98 3.65
N VAL A 255 -19.88 35.71 4.00
CA VAL A 255 -20.25 35.17 5.30
C VAL A 255 -20.60 33.69 5.12
N PHE A 256 -19.94 32.82 5.88
CA PHE A 256 -20.08 31.38 5.73
C PHE A 256 -20.42 30.78 7.10
N SER A 257 -21.60 30.18 7.19
CA SER A 257 -22.15 29.80 8.50
C SER A 257 -21.24 28.83 9.27
N GLU A 258 -20.49 27.96 8.57
CA GLU A 258 -19.62 27.03 9.30
C GLU A 258 -18.48 27.77 10.02
N ARG A 259 -18.03 28.91 9.47
CA ARG A 259 -16.94 29.72 10.00
C ARG A 259 -17.43 30.89 10.83
N ASN A 260 -18.53 31.51 10.49
CA ASN A 260 -18.88 32.80 11.04
C ASN A 260 -19.98 32.68 12.09
N ASN A 261 -19.75 33.33 13.22
CA ASN A 261 -20.80 33.59 14.19
C ASN A 261 -21.64 34.80 13.74
N ALA A 262 -22.93 34.56 13.47
CA ALA A 262 -23.82 35.63 13.01
C ALA A 262 -23.77 36.84 13.94
N HIS A 263 -23.76 36.62 15.25
CA HIS A 263 -23.66 37.74 16.17
C HIS A 263 -22.40 38.57 15.89
N ASN A 264 -21.27 37.89 15.67
CA ASN A 264 -20.03 38.60 15.38
C ASN A 264 -20.14 39.36 14.06
N VAL A 265 -20.77 38.76 13.06
CA VAL A 265 -20.97 39.48 11.81
C VAL A 265 -21.82 40.74 12.06
N LEU A 266 -23.00 40.56 12.65
CA LEU A 266 -23.94 41.66 12.82
C LEU A 266 -23.44 42.73 13.76
N GLU A 267 -22.38 42.47 14.50
CA GLU A 267 -21.82 43.46 15.40
C GLU A 267 -20.74 44.31 14.74
N ASP A 268 -20.12 43.82 13.66
CA ASP A 268 -18.99 44.48 13.04
C ASP A 268 -19.48 45.50 12.00
N TYR A 269 -20.15 46.53 12.50
CA TYR A 269 -20.66 47.62 11.65
C TYR A 269 -19.59 48.16 10.73
N SER A 270 -18.36 48.29 11.23
CA SER A 270 -17.30 48.93 10.45
C SER A 270 -16.98 48.13 9.19
N SER A 271 -16.90 46.79 9.32
CA SER A 271 -16.67 45.95 8.15
C SER A 271 -17.86 45.99 7.20
N LEU A 272 -19.07 45.85 7.74
CA LEU A 272 -20.26 45.75 6.89
C LEU A 272 -20.51 47.03 6.13
N SER A 273 -20.26 48.18 6.76
CA SER A 273 -20.48 49.45 6.08
C SER A 273 -19.48 49.68 4.97
N ARG A 274 -18.37 48.96 4.96
CA ARG A 274 -17.39 49.10 3.88
C ARG A 274 -17.65 48.14 2.72
N ALA A 275 -18.59 47.21 2.85
CA ALA A 275 -18.84 46.27 1.77
C ALA A 275 -19.67 46.93 0.67
N ASP A 276 -19.27 46.71 -0.58
CA ASP A 276 -20.18 47.03 -1.69
C ASP A 276 -21.27 45.97 -1.84
N ALA A 277 -21.02 44.73 -1.42
CA ALA A 277 -22.04 43.69 -1.39
C ALA A 277 -21.62 42.61 -0.38
N ILE A 278 -22.61 41.86 0.10
CA ILE A 278 -22.39 40.78 1.03
C ILE A 278 -22.95 39.50 0.42
N ILE A 279 -22.17 38.43 0.50
CA ILE A 279 -22.60 37.08 0.11
C ILE A 279 -22.75 36.24 1.37
N CYS A 280 -23.79 35.42 1.42
CA CYS A 280 -23.73 34.33 2.40
C CYS A 280 -24.40 33.08 1.86
N ASP A 281 -24.09 31.97 2.52
CA ASP A 281 -24.61 30.67 2.17
C ASP A 281 -25.99 30.40 2.75
N ARG A 282 -26.49 31.22 3.66
CA ARG A 282 -27.74 30.86 4.34
C ARG A 282 -28.77 31.97 4.22
N LEU A 283 -30.03 31.55 4.03
CA LEU A 283 -31.12 32.51 3.87
C LEU A 283 -31.49 33.18 5.19
N ASP A 284 -31.48 32.43 6.30
CA ASP A 284 -31.78 33.05 7.59
C ASP A 284 -30.74 34.12 7.94
N ILE A 285 -29.45 33.78 7.81
CA ILE A 285 -28.41 34.78 8.04
C ILE A 285 -28.60 35.97 7.09
N ALA A 286 -28.90 35.68 5.82
CA ALA A 286 -29.09 36.75 4.86
C ALA A 286 -30.15 37.72 5.35
N ALA A 287 -31.24 37.17 5.90
CA ALA A 287 -32.36 37.97 6.38
C ALA A 287 -31.95 38.84 7.57
N GLN A 288 -31.24 38.26 8.54
CA GLN A 288 -30.72 39.08 9.63
C GLN A 288 -29.86 40.21 9.10
N LEU A 289 -28.97 39.92 8.15
CA LEU A 289 -28.12 40.96 7.59
C LEU A 289 -28.95 42.05 6.94
N LYS A 290 -29.84 41.67 6.01
CA LYS A 290 -30.71 42.63 5.35
C LYS A 290 -31.52 43.44 6.36
N GLU A 291 -31.89 42.82 7.49
CA GLU A 291 -32.59 43.53 8.54
C GLU A 291 -31.73 44.63 9.13
N LYS A 292 -30.45 44.35 9.37
CA LYS A 292 -29.65 45.27 10.16
C LYS A 292 -28.91 46.31 9.33
N ILE A 293 -28.56 46.03 8.08
CA ILE A 293 -27.85 47.04 7.31
C ILE A 293 -28.38 47.08 5.89
N ASP A 294 -28.33 48.27 5.32
CA ASP A 294 -28.75 48.53 3.96
C ASP A 294 -27.56 48.29 3.04
N LYS A 295 -27.38 47.02 2.70
CA LYS A 295 -26.36 46.58 1.76
C LYS A 295 -26.98 45.48 0.91
N PRO A 296 -26.58 45.37 -0.35
CA PRO A 296 -26.95 44.19 -1.13
C PRO A 296 -26.43 42.93 -0.44
N VAL A 297 -27.34 42.01 -0.13
CA VAL A 297 -27.03 40.72 0.46
C VAL A 297 -27.48 39.68 -0.55
N VAL A 298 -26.53 38.94 -1.14
CA VAL A 298 -26.85 37.96 -2.16
C VAL A 298 -26.63 36.56 -1.60
N HIS A 299 -27.65 35.71 -1.74
CA HIS A 299 -27.59 34.34 -1.25
C HIS A 299 -26.89 33.47 -2.28
N VAL A 300 -25.86 32.76 -1.85
CA VAL A 300 -25.09 31.88 -2.72
C VAL A 300 -25.05 30.51 -2.05
N SER A 301 -25.83 29.57 -2.57
CA SER A 301 -25.79 28.24 -1.97
C SER A 301 -24.47 27.55 -2.33
N PRO A 302 -23.88 26.82 -1.40
CA PRO A 302 -22.48 26.36 -1.56
C PRO A 302 -22.32 25.04 -2.30
N PHE A 303 -22.68 25.04 -3.59
CA PHE A 303 -22.49 23.86 -4.44
C PHE A 303 -21.02 23.47 -4.57
N ASP A 304 -20.76 22.16 -4.58
CA ASP A 304 -19.45 21.58 -4.85
C ASP A 304 -19.57 20.73 -6.11
N THR A 305 -19.11 21.27 -7.25
CA THR A 305 -19.38 20.62 -8.52
C THR A 305 -18.41 19.48 -8.84
N ARG A 306 -17.49 19.13 -7.94
CA ARG A 306 -16.76 17.88 -8.11
C ARG A 306 -17.66 16.65 -8.01
N LEU A 307 -18.87 16.79 -7.47
CA LEU A 307 -19.77 15.65 -7.35
C LEU A 307 -20.31 15.24 -8.71
N ALA A 308 -20.36 13.94 -8.97
CA ALA A 308 -21.04 13.43 -10.16
C ALA A 308 -22.56 13.44 -9.93
N LEU A 309 -23.29 13.68 -11.01
CA LEU A 309 -24.75 13.73 -10.96
C LEU A 309 -25.34 12.50 -11.63
N GLY A 310 -26.20 11.77 -10.91
CA GLY A 310 -27.10 10.80 -11.51
C GLY A 310 -26.49 9.49 -11.94
N LYS A 311 -25.23 9.22 -11.61
CA LYS A 311 -24.62 7.96 -12.06
C LYS A 311 -25.28 6.72 -11.45
N SER A 312 -26.08 6.86 -10.40
CA SER A 312 -26.75 5.69 -9.85
C SER A 312 -27.81 5.10 -10.79
N ASN A 313 -28.11 5.78 -11.90
CA ASN A 313 -29.00 5.22 -12.91
C ASN A 313 -28.39 4.00 -13.60
N GLN A 314 -27.08 3.80 -13.46
CA GLN A 314 -26.31 2.80 -14.20
C GLN A 314 -25.95 1.57 -13.37
N VAL A 315 -26.58 1.39 -12.20
CA VAL A 315 -26.32 0.22 -11.37
C VAL A 315 -27.63 -0.40 -10.95
N ARG A 316 -27.63 -1.73 -10.78
CA ARG A 316 -28.83 -2.38 -10.29
C ARG A 316 -28.99 -2.20 -8.77
N ASP A 317 -27.88 -2.16 -8.05
CA ASP A 317 -27.92 -1.91 -6.61
C ASP A 317 -28.59 -0.58 -6.32
N LEU A 318 -29.32 -0.51 -5.21
CA LEU A 318 -29.94 0.74 -4.74
C LEU A 318 -29.25 1.06 -3.42
N GLU A 319 -28.13 1.77 -3.49
CA GLU A 319 -27.24 1.90 -2.35
C GLU A 319 -27.64 3.09 -1.49
N ILE A 320 -27.89 2.83 -0.21
CA ILE A 320 -28.22 3.84 0.77
C ILE A 320 -26.97 4.21 1.54
N TYR A 321 -26.69 5.50 1.63
CA TYR A 321 -25.54 6.07 2.34
C TYR A 321 -26.05 6.63 3.67
N PHE A 322 -25.79 5.92 4.77
CA PHE A 322 -26.47 6.15 6.05
C PHE A 322 -25.49 6.67 7.10
N VAL A 323 -25.61 7.96 7.42
CA VAL A 323 -24.72 8.58 8.40
C VAL A 323 -25.15 8.18 9.79
N VAL A 324 -24.23 7.61 10.58
CA VAL A 324 -24.58 7.13 11.93
C VAL A 324 -24.09 8.06 13.04
N ASP A 325 -23.25 9.06 12.74
CA ASP A 325 -22.77 10.00 13.75
C ASP A 325 -23.91 10.74 14.45
N ARG A 326 -23.69 11.02 15.72
CA ARG A 326 -24.60 11.73 16.62
C ARG A 326 -25.88 10.97 16.90
N LEU A 327 -26.03 9.75 16.39
CA LEU A 327 -27.19 8.94 16.72
C LEU A 327 -26.94 8.16 17.99
N SER A 328 -27.93 8.17 18.89
CA SER A 328 -27.86 7.35 20.09
C SER A 328 -28.07 5.88 19.74
N HIS A 329 -27.64 5.01 20.66
CA HIS A 329 -27.79 3.57 20.44
C HIS A 329 -29.24 3.19 20.16
N LYS A 330 -30.19 3.76 20.92
CA LYS A 330 -31.60 3.43 20.68
C LYS A 330 -32.06 3.94 19.32
N GLU A 331 -31.51 5.05 18.84
CA GLU A 331 -31.84 5.50 17.50
C GLU A 331 -31.25 4.59 16.44
N LEU A 332 -30.08 4.01 16.70
CA LEU A 332 -29.56 3.01 15.77
C LEU A 332 -30.45 1.78 15.76
N GLN A 333 -30.88 1.36 16.95
CA GLN A 333 -31.80 0.23 17.05
C GLN A 333 -33.05 0.49 16.23
N LYS A 334 -33.75 1.59 16.51
CA LYS A 334 -34.97 1.88 15.76
C LYS A 334 -34.70 1.93 14.26
N SER A 335 -33.51 2.40 13.87
CA SER A 335 -33.18 2.50 12.45
C SER A 335 -32.98 1.13 11.82
N LEU A 336 -32.21 0.26 12.49
CA LEU A 336 -32.00 -1.10 11.97
C LEU A 336 -33.32 -1.82 11.74
N THR A 337 -34.28 -1.62 12.65
CA THR A 337 -35.56 -2.32 12.52
C THR A 337 -36.24 -1.95 11.22
N SER A 338 -36.29 -0.66 10.89
CA SER A 338 -36.97 -0.27 9.67
C SER A 338 -36.16 -0.65 8.45
N LEU A 339 -34.83 -0.61 8.54
CA LEU A 339 -34.00 -0.97 7.40
C LEU A 339 -34.19 -2.44 7.04
N TYR A 340 -34.25 -3.30 8.06
CA TYR A 340 -34.58 -4.71 7.86
C TYR A 340 -35.89 -4.87 7.09
N LYS A 341 -36.93 -4.15 7.50
CA LYS A 341 -38.24 -4.31 6.87
C LYS A 341 -38.22 -3.94 5.39
N VAL A 342 -37.63 -2.78 5.04
CA VAL A 342 -37.63 -2.38 3.64
C VAL A 342 -36.70 -3.28 2.83
N MET A 343 -35.70 -3.88 3.47
CA MET A 343 -34.71 -4.66 2.74
C MET A 343 -35.22 -6.06 2.42
N LEU A 344 -36.00 -6.66 3.31
CA LEU A 344 -36.66 -7.92 2.97
C LEU A 344 -37.63 -7.72 1.81
N LYS A 345 -38.27 -6.57 1.76
CA LYS A 345 -39.17 -6.23 0.67
C LYS A 345 -38.45 -5.83 -0.62
N ASN A 346 -37.11 -5.72 -0.61
CA ASN A 346 -36.39 -5.23 -1.79
C ASN A 346 -34.93 -5.68 -1.70
N ASN A 347 -34.61 -6.75 -2.45
CA ASN A 347 -33.28 -7.38 -2.43
C ASN A 347 -32.20 -6.53 -3.07
N ASP A 348 -32.55 -5.45 -3.77
CA ASP A 348 -31.57 -4.59 -4.41
C ASP A 348 -31.05 -3.49 -3.49
N ILE A 349 -31.73 -3.23 -2.38
CA ILE A 349 -31.28 -2.21 -1.43
C ILE A 349 -30.06 -2.72 -0.68
N LYS A 350 -29.03 -1.89 -0.60
CA LYS A 350 -27.86 -2.11 0.23
C LYS A 350 -27.63 -0.88 1.08
N VAL A 351 -27.08 -1.06 2.28
CA VAL A 351 -26.86 0.05 3.20
C VAL A 351 -25.37 0.16 3.51
N THR A 352 -24.81 1.34 3.24
CA THR A 352 -23.47 1.68 3.72
C THR A 352 -23.60 2.61 4.91
N PHE A 353 -23.21 2.10 6.09
CA PHE A 353 -23.12 2.94 7.29
C PHE A 353 -21.86 3.78 7.24
N VAL A 354 -22.02 5.07 7.51
CA VAL A 354 -20.96 6.06 7.32
C VAL A 354 -20.69 6.74 8.65
N SER A 355 -19.44 6.69 9.10
CA SER A 355 -19.00 7.40 10.29
C SER A 355 -17.90 8.36 9.89
N TYR A 356 -18.12 9.64 10.18
CA TYR A 356 -17.11 10.66 9.97
C TYR A 356 -16.24 10.91 11.20
N GLU A 357 -16.47 10.18 12.29
CA GLU A 357 -15.71 10.39 13.52
C GLU A 357 -14.26 9.96 13.34
N ARG A 358 -13.32 10.88 13.52
CA ARG A 358 -11.91 10.55 13.32
C ARG A 358 -11.30 9.83 14.51
N GLU A 359 -11.84 10.01 15.71
CA GLU A 359 -11.30 9.35 16.89
C GLU A 359 -11.45 7.84 16.75
N PHE A 360 -10.34 7.13 16.94
CA PHE A 360 -10.32 5.71 16.61
C PHE A 360 -11.25 4.93 17.52
N GLU A 361 -11.12 5.10 18.84
CA GLU A 361 -11.86 4.22 19.75
C GLU A 361 -13.36 4.52 19.74
N SER A 362 -13.74 5.79 19.59
CA SER A 362 -15.16 6.12 19.43
C SER A 362 -15.75 5.41 18.22
N ARG A 363 -15.08 5.51 17.06
CA ARG A 363 -15.54 4.82 15.86
C ARG A 363 -15.64 3.32 16.08
N GLN A 364 -14.64 2.73 16.73
CA GLN A 364 -14.65 1.29 16.97
C GLN A 364 -15.88 0.88 17.78
N LEU A 365 -16.21 1.67 18.81
CA LEU A 365 -17.38 1.37 19.64
C LEU A 365 -18.66 1.43 18.82
N THR A 366 -18.81 2.47 17.99
CA THR A 366 -19.97 2.58 17.11
C THR A 366 -20.07 1.37 16.18
N TYR A 367 -18.94 0.94 15.60
CA TYR A 367 -18.92 -0.24 14.74
C TYR A 367 -19.23 -1.50 15.55
N ASP A 368 -18.61 -1.63 16.73
CA ASP A 368 -18.88 -2.78 17.60
C ASP A 368 -20.36 -2.85 17.96
N TYR A 369 -20.96 -1.72 18.29
CA TYR A 369 -22.38 -1.75 18.61
C TYR A 369 -23.21 -2.13 17.39
N LEU A 370 -22.91 -1.56 16.22
CA LEU A 370 -23.67 -1.89 15.02
C LEU A 370 -23.56 -3.38 14.70
N LYS A 371 -22.37 -3.95 14.85
CA LYS A 371 -22.22 -5.38 14.60
C LYS A 371 -23.09 -6.20 15.53
N GLU A 372 -23.11 -5.86 16.82
CA GLU A 372 -23.91 -6.65 17.77
C GLU A 372 -25.40 -6.47 17.52
N ALA A 373 -25.84 -5.24 17.23
CA ALA A 373 -27.26 -5.00 17.05
C ALA A 373 -27.79 -5.60 15.77
N THR A 374 -26.92 -5.89 14.79
CA THR A 374 -27.36 -6.60 13.59
C THR A 374 -27.38 -8.12 13.80
N LYS A 375 -26.46 -8.64 14.63
CA LYS A 375 -26.41 -10.08 14.90
C LYS A 375 -27.77 -10.63 15.28
N VAL A 376 -28.56 -9.84 16.02
CA VAL A 376 -29.83 -10.31 16.56
C VAL A 376 -30.87 -10.56 15.46
N PHE A 377 -30.70 -9.99 14.27
CA PHE A 377 -31.68 -10.31 13.24
C PHE A 377 -31.48 -11.68 12.63
N ASP A 378 -30.36 -12.35 12.94
CA ASP A 378 -30.18 -13.77 12.62
C ASP A 378 -30.15 -14.03 11.11
N GLN A 379 -29.74 -13.04 10.30
CA GLN A 379 -29.84 -13.12 8.86
C GLN A 379 -28.58 -12.61 8.18
N LYS A 380 -28.03 -13.41 7.27
CA LYS A 380 -26.70 -13.14 6.74
C LYS A 380 -26.68 -11.93 5.81
N PHE A 381 -27.78 -11.67 5.09
CA PHE A 381 -27.82 -10.47 4.25
C PHE A 381 -27.82 -9.20 5.10
N PHE A 382 -28.13 -9.31 6.39
CA PHE A 382 -28.22 -8.18 7.31
C PHE A 382 -27.17 -8.31 8.40
N SER A 383 -25.90 -8.38 8.01
CA SER A 383 -24.82 -8.57 8.97
C SER A 383 -23.62 -7.72 8.56
N LEU A 384 -22.65 -7.61 9.47
CA LEU A 384 -21.44 -6.81 9.24
C LEU A 384 -20.21 -7.67 9.47
N SER A 385 -19.48 -7.96 8.38
CA SER A 385 -18.34 -8.91 8.36
C SER A 385 -17.51 -9.00 9.64
N GLU A 402 -24.06 -16.89 0.50
CA GLU A 402 -24.96 -15.74 0.55
C GLU A 402 -24.25 -14.51 1.12
N LYS A 403 -24.26 -13.40 0.39
CA LYS A 403 -23.43 -12.26 0.77
C LYS A 403 -24.23 -11.13 1.40
N THR A 404 -23.56 -10.38 2.27
CA THR A 404 -24.22 -9.36 3.08
C THR A 404 -24.51 -8.10 2.27
N ARG A 405 -25.54 -7.37 2.68
CA ARG A 405 -25.90 -6.11 2.08
C ARG A 405 -25.66 -4.93 3.03
N LEU A 406 -24.93 -5.14 4.11
CA LEU A 406 -24.54 -4.08 5.03
C LEU A 406 -23.03 -3.90 5.01
N SER A 407 -22.59 -2.64 5.03
CA SER A 407 -21.18 -2.36 5.25
C SER A 407 -21.04 -1.13 6.13
N PHE A 408 -19.81 -0.93 6.60
CA PHE A 408 -19.46 0.19 7.46
C PHE A 408 -18.21 0.82 6.89
N THR A 409 -18.23 2.12 6.67
CA THR A 409 -17.06 2.80 6.13
C THR A 409 -16.84 4.13 6.86
N HIS A 410 -15.58 4.58 6.82
CA HIS A 410 -15.15 5.83 7.43
C HIS A 410 -14.37 6.63 6.41
N PRO A 411 -15.03 7.47 5.62
CA PRO A 411 -14.30 8.28 4.63
C PRO A 411 -13.30 9.21 5.31
N LEU A 412 -12.11 9.32 4.71
CA LEU A 412 -10.98 10.07 5.28
C LEU A 412 -10.88 11.50 4.77
N SER A 413 -11.59 11.84 3.69
CA SER A 413 -11.39 13.08 2.96
C SER A 413 -12.66 13.34 2.16
N GLU A 414 -12.79 14.55 1.63
CA GLU A 414 -13.88 14.82 0.71
C GLU A 414 -13.80 13.92 -0.51
N THR A 415 -12.59 13.60 -0.97
CA THR A 415 -12.45 12.74 -2.14
C THR A 415 -13.04 11.35 -1.91
N ASP A 416 -12.84 10.79 -0.71
CA ASP A 416 -13.52 9.54 -0.36
C ASP A 416 -15.03 9.68 -0.50
N ILE A 417 -15.59 10.71 0.15
CA ILE A 417 -17.03 10.92 0.13
C ILE A 417 -17.52 11.02 -1.29
N ILE A 418 -16.81 11.81 -2.09
CA ILE A 418 -17.17 12.01 -3.49
C ILE A 418 -17.16 10.68 -4.22
N ASN A 419 -16.13 9.86 -3.99
CA ASN A 419 -16.09 8.56 -4.65
C ASN A 419 -17.18 7.66 -4.12
N ARG A 420 -17.43 7.68 -2.80
CA ARG A 420 -18.41 6.77 -2.24
C ARG A 420 -19.82 7.12 -2.70
N LEU A 421 -20.09 8.38 -3.04
CA LEU A 421 -21.41 8.82 -3.44
C LEU A 421 -21.67 8.68 -4.94
N GLU A 422 -20.66 8.24 -5.70
CA GLU A 422 -20.78 8.23 -7.15
C GLU A 422 -22.04 7.50 -7.61
N TYR A 423 -22.26 6.31 -7.09
CA TYR A 423 -23.38 5.47 -7.51
C TYR A 423 -24.46 5.36 -6.46
N VAL A 424 -24.49 6.24 -5.47
CA VAL A 424 -25.43 6.11 -4.36
C VAL A 424 -26.80 6.59 -4.80
N ARG A 425 -27.82 5.87 -4.33
CA ARG A 425 -29.19 6.22 -4.66
C ARG A 425 -29.81 7.17 -3.63
N LEU A 426 -29.50 6.97 -2.35
CA LEU A 426 -30.22 7.66 -1.29
C LEU A 426 -29.26 8.00 -0.16
N ILE A 427 -29.35 9.24 0.34
CA ILE A 427 -28.61 9.70 1.50
C ILE A 427 -29.54 9.74 2.70
N ILE A 428 -29.13 9.13 3.80
CA ILE A 428 -29.90 9.21 5.06
C ILE A 428 -29.02 9.80 6.16
N ASP A 429 -29.43 10.92 6.70
CA ASP A 429 -28.79 11.52 7.86
C ASP A 429 -29.93 12.05 8.73
N ILE A 430 -30.26 11.31 9.79
CA ILE A 430 -31.48 11.56 10.54
C ILE A 430 -31.19 12.14 11.92
N SER A 431 -29.93 12.46 12.24
CA SER A 431 -29.63 13.10 13.50
C SER A 431 -30.18 14.52 13.51
N LYS A 432 -30.16 15.15 14.69
CA LYS A 432 -30.63 16.54 14.76
C LYS A 432 -29.62 17.54 14.19
N ILE A 433 -28.36 17.15 14.01
CA ILE A 433 -27.36 18.03 13.40
C ILE A 433 -26.73 17.29 12.22
N PRO A 434 -27.37 17.27 11.06
CA PRO A 434 -26.81 16.50 9.94
C PRO A 434 -25.51 17.10 9.46
N ASP A 435 -24.64 16.22 8.97
CA ASP A 435 -23.34 16.64 8.47
C ASP A 435 -23.48 17.64 7.32
N LEU A 436 -22.76 18.75 7.42
CA LEU A 436 -22.89 19.83 6.45
C LEU A 436 -22.38 19.41 5.08
N TYR A 437 -21.17 18.84 5.03
CA TYR A 437 -20.60 18.51 3.73
C TYR A 437 -21.47 17.49 3.01
N THR A 438 -22.04 16.52 3.76
CA THR A 438 -22.95 15.55 3.16
C THR A 438 -24.16 16.23 2.54
N GLN A 439 -24.72 17.24 3.22
CA GLN A 439 -25.83 18.00 2.64
C GLN A 439 -25.41 18.68 1.35
N ILE A 440 -24.24 19.33 1.34
CA ILE A 440 -23.73 19.98 0.14
C ILE A 440 -23.56 18.97 -0.98
N ALA A 441 -23.00 17.80 -0.66
CA ALA A 441 -22.82 16.76 -1.66
C ALA A 441 -24.18 16.32 -2.21
N GLY A 442 -25.21 16.30 -1.37
CA GLY A 442 -26.56 15.96 -1.79
C GLY A 442 -27.12 16.89 -2.84
N ILE A 443 -27.18 18.20 -2.56
CA ILE A 443 -27.65 19.15 -3.56
C ILE A 443 -26.72 19.24 -4.75
N SER A 444 -25.46 18.80 -4.62
CA SER A 444 -24.52 18.88 -5.73
C SER A 444 -24.60 17.67 -6.64
N SER A 445 -25.14 16.56 -6.14
CA SER A 445 -25.22 15.30 -6.86
C SER A 445 -26.63 14.95 -7.28
N GLY A 446 -27.64 15.66 -6.79
CA GLY A 446 -29.00 15.28 -7.01
C GLY A 446 -29.48 14.12 -6.17
N ILE A 447 -28.58 13.45 -5.44
CA ILE A 447 -29.01 12.35 -4.58
C ILE A 447 -29.99 12.88 -3.54
N PRO A 448 -31.17 12.27 -3.39
CA PRO A 448 -32.15 12.78 -2.42
C PRO A 448 -31.75 12.43 -0.99
N GLN A 449 -32.13 13.31 -0.05
CA GLN A 449 -31.72 13.18 1.34
C GLN A 449 -32.91 13.00 2.28
N ILE A 450 -32.78 12.07 3.23
CA ILE A 450 -33.79 11.90 4.27
C ILE A 450 -33.26 12.48 5.57
N ASN A 451 -33.96 13.47 6.11
CA ASN A 451 -33.64 14.12 7.36
C ASN A 451 -34.84 14.02 8.31
N THR A 452 -34.60 14.27 9.60
CA THR A 452 -35.69 14.44 10.55
C THR A 452 -35.97 15.90 10.87
N ILE A 453 -35.25 16.84 10.24
CA ILE A 453 -35.40 18.26 10.52
C ILE A 453 -35.45 19.02 9.21
N LEU A 454 -36.02 20.22 9.26
CA LEU A 454 -35.97 21.11 8.13
C LEU A 454 -34.59 21.73 8.03
N THR A 455 -34.10 21.84 6.81
CA THR A 455 -32.82 22.44 6.49
C THR A 455 -33.02 23.30 5.27
N GLU A 456 -32.09 24.21 5.03
CA GLU A 456 -32.19 24.96 3.79
C GLU A 456 -31.82 24.11 2.57
N PHE A 457 -31.31 22.90 2.78
CA PHE A 457 -30.80 22.09 1.68
C PHE A 457 -31.86 21.23 1.01
N VAL A 458 -32.94 20.92 1.71
CA VAL A 458 -33.91 19.94 1.24
C VAL A 458 -35.28 20.59 1.20
N GLU A 459 -35.95 20.48 0.06
CA GLU A 459 -37.38 20.75 -0.03
C GLU A 459 -38.10 19.41 0.01
N HIS A 460 -38.98 19.24 1.01
CA HIS A 460 -39.72 17.99 1.19
C HIS A 460 -40.37 17.54 -0.11
N ARG A 461 -40.23 16.25 -0.42
CA ARG A 461 -40.83 15.59 -1.57
C ARG A 461 -40.40 16.21 -2.90
N LYS A 462 -39.34 17.00 -2.92
CA LYS A 462 -38.78 17.52 -4.16
C LYS A 462 -37.38 16.98 -4.40
N ASN A 463 -36.50 17.07 -3.40
CA ASN A 463 -35.16 16.50 -3.47
C ASN A 463 -34.83 15.80 -2.17
N GLY A 464 -35.83 15.42 -1.40
CA GLY A 464 -35.61 14.78 -0.12
C GLY A 464 -36.93 14.51 0.57
N TYR A 465 -36.82 13.98 1.78
CA TYR A 465 -37.99 13.57 2.53
C TYR A 465 -37.70 13.75 4.01
N ILE A 466 -38.55 14.50 4.69
CA ILE A 466 -38.41 14.77 6.12
C ILE A 466 -39.35 13.83 6.87
N ILE A 467 -38.78 12.94 7.68
CA ILE A 467 -39.56 12.00 8.47
C ILE A 467 -39.77 12.58 9.87
N GLU A 468 -40.98 12.38 10.40
CA GLU A 468 -41.30 12.80 11.76
C GLU A 468 -40.83 11.78 12.78
N GLU A 469 -40.77 10.51 12.40
CA GLU A 469 -40.30 9.45 13.28
C GLU A 469 -39.46 8.49 12.46
N ILE A 470 -38.61 7.74 13.14
CA ILE A 470 -37.68 6.88 12.42
C ILE A 470 -38.40 5.78 11.64
N GLN A 471 -39.49 5.25 12.21
CA GLN A 471 -40.23 4.20 11.49
C GLN A 471 -40.80 4.71 10.16
N GLU A 472 -40.89 6.03 10.00
CA GLU A 472 -41.29 6.57 8.70
C GLU A 472 -40.24 6.32 7.61
N LEU A 473 -39.01 5.90 7.97
CA LEU A 473 -38.08 5.37 6.98
C LEU A 473 -38.72 4.29 6.13
N GLU A 474 -39.63 3.50 6.73
CA GLU A 474 -40.33 2.43 6.01
C GLU A 474 -41.22 2.98 4.91
N LYS A 475 -41.57 4.26 4.97
CA LYS A 475 -42.26 4.94 3.88
C LYS A 475 -41.31 5.73 3.00
N ALA A 476 -40.34 6.43 3.63
CA ALA A 476 -39.47 7.34 2.90
C ALA A 476 -38.49 6.58 1.98
N ILE A 477 -38.00 5.43 2.42
CA ILE A 477 -37.00 4.72 1.62
C ILE A 477 -37.65 4.18 0.35
N PRO A 478 -38.83 3.52 0.40
CA PRO A 478 -39.48 3.11 -0.86
C PRO A 478 -39.85 4.29 -1.75
N TYR A 479 -40.25 5.41 -1.15
CA TYR A 479 -40.63 6.59 -1.91
C TYR A 479 -39.56 7.01 -2.93
N TYR A 480 -38.29 6.86 -2.59
CA TYR A 480 -37.23 7.24 -3.51
C TYR A 480 -36.55 6.05 -4.16
N CYS A 481 -36.60 4.88 -3.54
CA CYS A 481 -35.88 3.73 -4.07
C CYS A 481 -36.68 2.94 -5.09
N GLU A 482 -38.00 2.84 -4.90
CA GLU A 482 -38.81 2.00 -5.74
C GLU A 482 -39.72 2.77 -6.69
N GLN A 483 -40.15 3.99 -6.33
CA GLN A 483 -40.88 4.85 -7.25
C GLN A 483 -39.85 5.72 -7.98
N LEU A 484 -39.56 5.37 -9.24
CA LEU A 484 -38.54 6.06 -10.01
C LEU A 484 -38.88 7.50 -10.28
N THR A 485 -40.18 7.83 -10.36
CA THR A 485 -40.57 9.19 -10.70
C THR A 485 -40.12 10.19 -9.64
N ASN A 486 -40.09 9.78 -8.37
CA ASN A 486 -39.68 10.68 -7.31
C ASN A 486 -38.19 10.96 -7.36
N TRP A 487 -37.40 9.93 -7.64
CA TRP A 487 -35.96 10.09 -7.73
C TRP A 487 -35.58 11.03 -8.87
N ASN A 488 -36.20 10.87 -10.04
CA ASN A 488 -35.85 11.75 -11.14
C ASN A 488 -36.31 13.17 -10.89
N ARG A 489 -37.39 13.36 -10.13
CA ARG A 489 -37.76 14.71 -9.75
C ARG A 489 -36.64 15.39 -8.99
N SER A 490 -35.89 14.61 -8.20
CA SER A 490 -34.83 15.14 -7.37
C SER A 490 -33.60 15.50 -8.21
N LEU A 491 -33.21 14.60 -9.10
CA LEU A 491 -32.11 14.89 -10.02
C LEU A 491 -32.40 16.14 -10.84
N ILE A 492 -33.62 16.24 -11.37
CA ILE A 492 -33.99 17.38 -12.19
C ILE A 492 -33.99 18.66 -11.37
N TYR A 493 -34.44 18.55 -10.12
CA TYR A 493 -34.44 19.71 -9.24
C TYR A 493 -33.02 20.19 -9.00
N SER A 494 -32.09 19.27 -8.78
CA SER A 494 -30.72 19.67 -8.54
C SER A 494 -30.10 20.29 -9.79
N ILE A 495 -30.34 19.69 -10.95
CA ILE A 495 -29.69 20.12 -12.19
C ILE A 495 -29.97 21.59 -12.48
N ASP A 496 -31.21 22.03 -12.20
CA ASP A 496 -31.56 23.42 -12.49
C ASP A 496 -30.97 24.36 -11.46
N LYS A 497 -31.10 24.05 -10.18
CA LYS A 497 -30.41 24.82 -9.15
C LYS A 497 -28.91 24.89 -9.42
N ILE A 498 -28.33 23.78 -9.85
CA ILE A 498 -26.91 23.75 -10.21
C ILE A 498 -26.57 24.85 -11.20
N ASN A 499 -27.45 25.08 -12.19
CA ASN A 499 -27.08 25.90 -13.34
C ASN A 499 -27.12 27.40 -13.05
N ASP A 500 -27.86 27.85 -12.03
CA ASP A 500 -27.72 29.23 -11.63
C ASP A 500 -26.29 29.54 -11.23
N TYR A 501 -25.52 28.50 -10.93
CA TYR A 501 -24.14 28.52 -10.46
C TYR A 501 -23.13 28.25 -11.57
N THR A 502 -23.41 27.31 -12.49
CA THR A 502 -22.51 27.10 -13.62
C THR A 502 -22.73 28.11 -14.74
N GLY A 503 -23.94 28.65 -14.86
CA GLY A 503 -24.32 29.46 -15.99
C GLY A 503 -23.90 30.90 -15.93
N GLY A 504 -23.38 31.36 -14.80
CA GLY A 504 -22.85 32.70 -14.68
C GLY A 504 -23.82 33.75 -14.20
N GLN A 505 -25.11 33.41 -14.09
CA GLN A 505 -26.10 34.42 -13.73
C GLN A 505 -25.94 34.87 -12.29
N LEU A 506 -25.60 33.95 -11.39
CA LEU A 506 -25.35 34.32 -10.00
C LEU A 506 -24.18 35.29 -9.92
N VAL A 507 -23.07 34.99 -10.62
CA VAL A 507 -21.89 35.86 -10.60
C VAL A 507 -22.25 37.25 -11.08
N GLU A 508 -23.02 37.33 -12.18
CA GLU A 508 -23.42 38.62 -12.72
C GLU A 508 -24.34 39.36 -11.76
N ARG A 509 -25.23 38.64 -11.07
CA ARG A 509 -26.08 39.27 -10.06
C ARG A 509 -25.23 39.86 -8.93
N ILE A 510 -24.27 39.09 -8.43
CA ILE A 510 -23.35 39.59 -7.41
C ILE A 510 -22.64 40.83 -7.92
N ILE A 511 -22.11 40.75 -9.13
CA ILE A 511 -21.24 41.80 -9.66
C ILE A 511 -22.01 43.10 -9.87
N ASN A 512 -23.22 43.02 -10.42
CA ASN A 512 -23.98 44.21 -10.76
C ASN A 512 -24.85 44.70 -9.61
N SER A 513 -24.82 44.03 -8.46
CA SER A 513 -25.53 44.57 -7.30
C SER A 513 -24.89 45.86 -6.80
N TYR A 514 -23.70 46.18 -7.27
CA TYR A 514 -23.06 47.44 -6.98
C TYR A 514 -22.48 47.95 -8.31
N SER B 2 -20.42 -11.83 26.26
CA SER B 2 -19.33 -12.69 26.74
C SER B 2 -19.58 -14.17 26.50
N LYS B 3 -18.86 -14.73 25.52
CA LYS B 3 -19.23 -16.03 24.98
C LYS B 3 -18.15 -17.07 25.25
N ILE B 4 -18.58 -18.33 25.16
CA ILE B 4 -17.71 -19.49 25.14
C ILE B 4 -17.03 -19.58 23.77
N LYS B 5 -15.70 -19.58 23.75
CA LYS B 5 -14.97 -19.70 22.48
C LYS B 5 -14.99 -21.13 21.96
N LEU B 6 -14.87 -22.12 22.84
CA LEU B 6 -14.81 -23.50 22.39
C LEU B 6 -15.04 -24.40 23.60
N THR B 7 -15.40 -25.66 23.30
CA THR B 7 -15.70 -26.64 24.33
C THR B 7 -14.83 -27.88 24.13
N ILE B 8 -14.41 -28.46 25.25
CA ILE B 8 -13.50 -29.60 25.31
C ILE B 8 -14.16 -30.64 26.20
N LEU B 9 -14.01 -31.92 25.86
CA LEU B 9 -14.49 -33.00 26.72
C LEU B 9 -13.29 -33.82 27.20
N GLN B 10 -13.13 -33.88 28.51
CA GLN B 10 -12.09 -34.70 29.12
C GLN B 10 -12.75 -35.89 29.80
N VAL B 11 -12.28 -37.09 29.44
CA VAL B 11 -12.73 -38.35 30.06
C VAL B 11 -11.54 -38.93 30.80
N GLY B 12 -11.60 -38.87 32.13
CA GLY B 12 -10.51 -39.39 32.94
C GLY B 12 -10.91 -39.45 34.39
N GLU B 13 -9.91 -39.73 35.22
CA GLU B 13 -10.12 -39.85 36.66
C GLU B 13 -10.01 -38.52 37.38
N GLU B 14 -9.17 -37.60 36.89
CA GLU B 14 -8.86 -36.38 37.62
C GLU B 14 -9.08 -35.19 36.69
N ASN B 15 -10.01 -34.32 37.06
CA ASN B 15 -10.44 -33.24 36.17
C ASN B 15 -9.40 -32.12 36.13
N TRP B 16 -8.81 -31.88 34.94
CA TRP B 16 -7.81 -30.81 34.81
C TRP B 16 -8.38 -29.44 35.20
N ALA B 17 -9.69 -29.25 35.08
CA ALA B 17 -10.26 -27.95 35.42
C ALA B 17 -10.10 -27.61 36.90
N THR B 18 -9.94 -28.61 37.78
CA THR B 18 -9.76 -28.34 39.21
C THR B 18 -8.31 -28.01 39.55
N LYS B 19 -7.39 -28.17 38.62
CA LYS B 19 -5.97 -28.10 38.96
C LYS B 19 -5.15 -27.25 38.00
N GLU B 20 -5.67 -26.92 36.82
CA GLU B 20 -4.93 -26.16 35.82
C GLU B 20 -5.60 -24.83 35.60
N ASN B 21 -4.94 -23.99 34.81
CA ASN B 21 -5.44 -22.66 34.46
C ASN B 21 -6.14 -22.78 33.11
N ILE B 22 -7.46 -22.75 33.15
CA ILE B 22 -8.29 -22.82 31.96
C ILE B 22 -8.78 -21.41 31.65
N PRO B 23 -8.69 -20.94 30.41
CA PRO B 23 -9.32 -19.65 30.07
C PRO B 23 -10.79 -19.65 30.43
N ASN B 24 -11.29 -18.47 30.82
CA ASN B 24 -12.67 -18.35 31.28
C ASN B 24 -13.68 -18.54 30.14
N ASN B 25 -13.28 -18.32 28.90
CA ASN B 25 -14.17 -18.59 27.77
C ASN B 25 -13.86 -19.95 27.09
N MET B 26 -13.23 -20.87 27.80
CA MET B 26 -13.06 -22.23 27.32
C MET B 26 -13.85 -23.15 28.25
N GLU B 27 -14.89 -23.78 27.72
CA GLU B 27 -15.73 -24.68 28.49
C GLU B 27 -15.06 -26.05 28.57
N TRP B 28 -14.80 -26.51 29.78
CA TRP B 28 -14.09 -27.75 29.99
C TRP B 28 -15.05 -28.78 30.58
N LEU B 29 -15.63 -29.62 29.71
CA LEU B 29 -16.48 -30.72 30.14
C LEU B 29 -15.63 -31.87 30.70
N PHE B 30 -16.11 -32.48 31.79
CA PHE B 30 -15.40 -33.57 32.42
C PHE B 30 -16.36 -34.69 32.81
N ILE B 31 -16.01 -35.92 32.44
CA ILE B 31 -16.73 -37.10 32.92
C ILE B 31 -15.72 -38.17 33.35
N LYS B 32 -16.09 -38.92 34.38
CA LYS B 32 -15.34 -40.10 34.76
C LYS B 32 -15.53 -41.17 33.69
N PRO B 33 -14.58 -42.09 33.57
CA PRO B 33 -14.69 -43.11 32.52
C PRO B 33 -15.94 -43.96 32.63
N ASP B 34 -16.47 -44.16 33.84
CA ASP B 34 -17.73 -44.87 34.03
C ASP B 34 -18.96 -44.04 33.69
N GLN B 35 -18.80 -42.79 33.25
CA GLN B 35 -19.93 -41.92 32.96
C GLN B 35 -20.19 -41.78 31.48
N ILE B 36 -19.47 -42.53 30.65
CA ILE B 36 -19.57 -42.35 29.20
C ILE B 36 -20.99 -42.57 28.71
N SER B 37 -21.67 -43.58 29.28
CA SER B 37 -23.00 -43.94 28.81
C SER B 37 -24.00 -42.81 29.06
N ASP B 38 -23.97 -42.23 30.26
CA ASP B 38 -24.77 -41.03 30.52
C ASP B 38 -24.48 -39.95 29.48
N PHE B 39 -23.20 -39.74 29.14
CA PHE B 39 -22.90 -38.72 28.14
C PHE B 39 -23.57 -39.04 26.80
N VAL B 40 -23.49 -40.29 26.34
CA VAL B 40 -24.11 -40.65 25.06
C VAL B 40 -25.59 -40.26 25.03
N THR B 41 -26.31 -40.57 26.11
CA THR B 41 -27.72 -40.19 26.19
C THR B 41 -27.90 -38.68 26.20
N THR B 42 -27.23 -37.98 27.11
CA THR B 42 -27.35 -36.52 27.20
C THR B 42 -26.96 -35.84 25.89
N GLU B 43 -25.86 -36.25 25.28
CA GLU B 43 -25.44 -35.59 24.05
C GLU B 43 -26.41 -35.87 22.92
N ASN B 44 -26.86 -37.11 22.78
CA ASN B 44 -27.83 -37.42 21.73
C ASN B 44 -29.16 -36.73 21.99
N ASN B 45 -29.61 -36.64 23.24
CA ASN B 45 -30.78 -35.83 23.53
C ASN B 45 -30.54 -34.40 23.03
N TYR B 46 -29.41 -33.80 23.42
CA TYR B 46 -29.10 -32.44 22.99
C TYR B 46 -29.09 -32.33 21.47
N LEU B 47 -28.48 -33.30 20.78
CA LEU B 47 -28.45 -33.23 19.31
C LEU B 47 -29.84 -33.35 18.72
N THR B 48 -30.66 -34.28 19.24
CA THR B 48 -32.03 -34.44 18.77
C THR B 48 -32.81 -33.13 18.96
N SER B 49 -32.83 -32.64 20.20
CA SER B 49 -33.49 -31.38 20.49
C SER B 49 -33.04 -30.29 19.52
N SER B 50 -31.73 -30.12 19.35
CA SER B 50 -31.20 -29.07 18.47
C SER B 50 -31.80 -29.15 17.07
N LYS B 51 -31.83 -30.35 16.48
CA LYS B 51 -32.29 -30.46 15.10
C LYS B 51 -33.78 -30.16 14.98
N LEU B 52 -34.56 -30.41 16.03
CA LEU B 52 -35.98 -30.07 15.96
C LEU B 52 -36.23 -28.57 16.13
N LEU B 53 -35.27 -27.83 16.70
CA LEU B 53 -35.39 -26.39 16.84
C LEU B 53 -34.65 -25.64 15.75
N GLN B 54 -34.15 -26.34 14.73
CA GLN B 54 -33.29 -25.76 13.70
C GLN B 54 -32.24 -24.83 14.30
N LYS B 55 -31.71 -25.20 15.46
CA LYS B 55 -30.53 -24.59 16.03
C LYS B 55 -29.32 -25.46 15.72
N LEU B 56 -28.17 -24.81 15.53
CA LEU B 56 -27.10 -25.77 15.40
C LEU B 56 -26.52 -26.11 16.78
N PRO B 57 -26.13 -27.34 17.01
CA PRO B 57 -25.59 -27.71 18.32
C PRO B 57 -24.20 -27.14 18.50
N ARG B 58 -23.89 -26.75 19.74
CA ARG B 58 -22.53 -26.33 20.05
C ARG B 58 -21.56 -27.47 19.76
N LYS B 59 -20.38 -27.13 19.24
CA LYS B 59 -19.34 -28.09 18.86
C LYS B 59 -18.50 -28.45 20.08
N ILE B 60 -18.13 -29.72 20.19
CA ILE B 60 -17.09 -30.14 21.12
C ILE B 60 -15.84 -30.35 20.28
N SER B 61 -14.81 -29.54 20.53
CA SER B 61 -13.69 -29.44 19.60
C SER B 61 -12.58 -30.46 19.86
N ALA B 62 -12.57 -31.09 21.03
CA ALA B 62 -11.57 -32.11 21.28
C ALA B 62 -12.08 -33.09 22.33
N LEU B 63 -11.61 -34.32 22.22
CA LEU B 63 -11.80 -35.36 23.23
C LEU B 63 -10.45 -35.61 23.87
N LEU B 64 -10.36 -35.36 25.17
CA LEU B 64 -9.10 -35.49 25.88
C LEU B 64 -9.15 -36.75 26.74
N LEU B 65 -8.31 -37.71 26.42
CA LEU B 65 -8.28 -38.99 27.11
C LEU B 65 -7.06 -39.02 28.02
N THR B 66 -7.27 -39.03 29.32
CA THR B 66 -6.14 -38.91 30.23
C THR B 66 -5.72 -40.24 30.87
N GLU B 67 -6.41 -41.36 30.59
CA GLU B 67 -6.08 -42.64 31.19
C GLU B 67 -5.45 -43.57 30.15
N GLN B 68 -4.73 -44.59 30.65
CA GLN B 68 -4.08 -45.52 29.73
C GLN B 68 -5.10 -46.41 29.03
N THR B 69 -6.07 -46.91 29.78
CA THR B 69 -6.98 -47.93 29.27
C THR B 69 -8.42 -47.57 29.64
N TYR B 70 -9.33 -47.71 28.68
CA TYR B 70 -10.75 -47.54 28.96
C TYR B 70 -11.48 -48.85 28.74
N GLY B 71 -12.64 -48.98 29.37
CA GLY B 71 -13.53 -50.06 29.09
C GLY B 71 -14.14 -49.96 27.71
N PRO B 72 -14.97 -50.94 27.36
CA PRO B 72 -15.53 -50.98 26.00
C PRO B 72 -16.39 -49.78 25.65
N GLU B 73 -16.94 -49.06 26.64
CA GLU B 73 -17.82 -47.93 26.32
C GLU B 73 -17.13 -46.80 25.55
N LEU B 74 -15.81 -46.67 25.65
CA LEU B 74 -15.09 -45.63 24.89
C LEU B 74 -15.50 -45.63 23.43
N SER B 75 -15.74 -46.82 22.86
CA SER B 75 -16.12 -46.90 21.45
C SER B 75 -17.39 -46.10 21.14
N SER B 76 -18.30 -45.98 22.11
CA SER B 76 -19.51 -45.24 21.84
C SER B 76 -19.27 -43.73 21.67
N LEU B 77 -18.07 -43.22 21.97
CA LEU B 77 -17.80 -41.82 21.70
C LEU B 77 -17.41 -41.57 20.24
N SER B 78 -17.31 -42.63 19.45
CA SER B 78 -16.82 -42.50 18.08
C SER B 78 -17.73 -41.63 17.22
N SER B 79 -19.05 -41.67 17.45
CA SER B 79 -19.95 -40.89 16.62
C SER B 79 -19.77 -39.38 16.82
N PHE B 80 -19.18 -38.96 17.94
CA PHE B 80 -19.16 -37.55 18.31
C PHE B 80 -17.88 -36.82 17.92
N PHE B 81 -16.84 -37.49 17.43
CA PHE B 81 -15.54 -36.85 17.22
C PHE B 81 -14.92 -37.29 15.92
N GLU B 82 -14.24 -36.36 15.26
CA GLU B 82 -13.57 -36.57 13.98
C GLU B 82 -12.13 -36.97 14.23
N VAL B 83 -11.48 -37.44 13.16
CA VAL B 83 -10.06 -37.73 13.26
C VAL B 83 -9.27 -36.48 13.72
N TYR B 84 -8.14 -36.74 14.39
CA TYR B 84 -7.24 -35.71 14.93
C TYR B 84 -7.86 -34.85 16.03
N GLU B 85 -9.12 -35.12 16.39
CA GLU B 85 -9.75 -34.42 17.50
C GLU B 85 -9.57 -35.14 18.82
N VAL B 86 -8.87 -36.27 18.82
CA VAL B 86 -8.73 -37.08 20.02
C VAL B 86 -7.30 -36.97 20.52
N PHE B 87 -7.14 -36.88 21.83
CA PHE B 87 -5.83 -36.66 22.43
C PHE B 87 -5.56 -37.66 23.53
N TYR B 88 -4.32 -38.14 23.59
CA TYR B 88 -3.98 -39.29 24.41
C TYR B 88 -2.51 -39.18 24.78
N PRO B 89 -2.11 -39.57 25.98
CA PRO B 89 -0.73 -39.30 26.42
C PRO B 89 0.28 -40.01 25.54
N LYS B 90 1.34 -39.29 25.18
CA LYS B 90 2.43 -39.87 24.41
C LYS B 90 3.10 -41.00 25.19
N ASP B 91 3.15 -40.89 26.52
CA ASP B 91 3.89 -41.80 27.39
C ASP B 91 3.09 -43.04 27.77
N LYS B 92 1.91 -43.25 27.22
CA LYS B 92 1.09 -44.39 27.54
C LYS B 92 1.04 -45.36 26.37
N HIS B 93 1.03 -46.66 26.68
CA HIS B 93 0.92 -47.70 25.66
C HIS B 93 -0.52 -48.21 25.63
N ALA B 94 -1.18 -48.01 24.50
CA ALA B 94 -2.59 -48.38 24.35
C ALA B 94 -2.73 -49.79 23.78
N THR B 95 -3.71 -50.52 24.29
CA THR B 95 -4.03 -51.84 23.77
C THR B 95 -5.55 -51.99 23.66
N GLY B 96 -5.99 -53.16 23.20
CA GLY B 96 -7.40 -53.50 23.14
C GLY B 96 -8.21 -52.52 22.31
N ILE B 97 -9.45 -52.32 22.73
CA ILE B 97 -10.34 -51.42 22.00
C ILE B 97 -9.94 -49.96 22.17
N THR B 98 -9.25 -49.65 23.27
CA THR B 98 -8.68 -48.31 23.42
C THR B 98 -7.79 -47.99 22.23
N GLU B 99 -6.83 -48.86 21.94
CA GLU B 99 -5.95 -48.60 20.80
C GLU B 99 -6.73 -48.56 19.50
N GLU B 100 -7.75 -49.40 19.36
CA GLU B 100 -8.55 -49.36 18.13
C GLU B 100 -9.20 -47.99 17.97
N PHE B 101 -9.74 -47.48 19.07
CA PHE B 101 -10.33 -46.15 19.05
C PHE B 101 -9.31 -45.10 18.64
N LEU B 102 -8.16 -45.05 19.32
CA LEU B 102 -7.12 -44.06 18.98
C LEU B 102 -6.76 -44.14 17.50
N ARG B 103 -6.64 -45.36 16.98
CA ARG B 103 -6.22 -45.52 15.60
C ARG B 103 -7.28 -45.04 14.64
N SER B 104 -8.54 -45.39 14.90
CA SER B 104 -9.58 -44.95 13.99
C SER B 104 -9.75 -43.44 14.00
N LYS B 105 -9.33 -42.77 15.08
CA LYS B 105 -9.47 -41.34 15.19
C LYS B 105 -8.15 -40.59 15.00
N MET B 106 -7.11 -41.30 14.52
CA MET B 106 -5.77 -40.75 14.40
C MET B 106 -5.39 -39.90 15.62
N ALA B 107 -5.62 -40.46 16.81
CA ALA B 107 -5.45 -39.68 18.03
C ALA B 107 -4.07 -39.02 18.05
N GLN B 108 -4.05 -37.74 18.40
CA GLN B 108 -2.81 -37.01 18.60
C GLN B 108 -2.25 -37.31 19.98
N ARG B 109 -0.94 -37.44 20.06
CA ARG B 109 -0.27 -37.75 21.31
C ARG B 109 0.29 -36.47 21.89
N TYR B 110 0.03 -36.23 23.18
CA TYR B 110 0.45 -35.01 23.84
C TYR B 110 1.37 -35.39 24.99
N ASP B 111 2.09 -34.38 25.49
CA ASP B 111 3.08 -34.55 26.55
C ASP B 111 2.37 -34.40 27.89
N SER B 112 2.15 -35.52 28.57
CA SER B 112 1.43 -35.46 29.83
C SER B 112 2.22 -34.74 30.90
N SER B 113 3.47 -34.40 30.64
CA SER B 113 4.21 -33.58 31.60
C SER B 113 3.80 -32.12 31.53
N SER B 114 3.21 -31.64 30.42
CA SER B 114 2.80 -30.25 30.32
C SER B 114 1.32 -30.12 29.98
N PRO B 115 0.44 -30.22 30.97
CA PRO B 115 -0.99 -29.91 30.73
C PRO B 115 -1.21 -28.50 30.22
N ASP B 116 -0.39 -27.53 30.67
CA ASP B 116 -0.49 -26.15 30.20
C ASP B 116 -0.31 -26.04 28.70
N GLN B 117 0.72 -26.71 28.17
CA GLN B 117 0.94 -26.67 26.72
C GLN B 117 -0.31 -27.11 25.99
N LEU B 118 -0.91 -28.23 26.42
CA LEU B 118 -2.06 -28.77 25.69
C LEU B 118 -3.26 -27.86 25.81
N ILE B 119 -3.49 -27.28 27.00
CA ILE B 119 -4.57 -26.33 27.16
C ILE B 119 -4.38 -25.15 26.20
N ARG B 120 -3.16 -24.61 26.12
CA ARG B 120 -2.90 -23.49 25.22
C ARG B 120 -3.12 -23.88 23.76
N GLN B 121 -2.68 -25.09 23.39
CA GLN B 121 -2.88 -25.58 22.02
C GLN B 121 -4.36 -25.74 21.69
N PHE B 122 -5.14 -26.31 22.62
CA PHE B 122 -6.59 -26.32 22.46
C PHE B 122 -7.10 -24.89 22.22
N TYR B 123 -6.73 -23.97 23.12
CA TYR B 123 -7.26 -22.61 23.09
C TYR B 123 -7.02 -21.93 21.75
N LYS B 124 -5.87 -22.16 21.13
CA LYS B 124 -5.54 -21.38 19.94
C LYS B 124 -5.34 -22.22 18.70
N GLY B 125 -5.58 -23.54 18.78
CA GLY B 125 -5.26 -24.42 17.67
C GLY B 125 -6.40 -25.24 17.10
N LEU B 126 -7.63 -25.03 17.60
CA LEU B 126 -8.76 -25.87 17.24
C LEU B 126 -9.78 -25.13 16.37
N PHE B 127 -9.38 -24.01 15.77
CA PHE B 127 -10.29 -23.26 14.93
C PHE B 127 -10.64 -24.04 13.67
N ILE B 128 -11.78 -23.72 13.10
CA ILE B 128 -12.20 -24.29 11.82
C ILE B 128 -11.66 -23.42 10.69
N GLY B 129 -11.32 -24.04 9.57
CA GLY B 129 -10.79 -23.31 8.44
C GLY B 129 -9.28 -23.42 8.34
N GLN B 130 -8.76 -22.91 7.23
CA GLN B 130 -7.33 -22.85 6.98
C GLN B 130 -7.05 -21.53 6.28
N TYR B 131 -5.84 -20.99 6.47
CA TYR B 131 -5.43 -19.84 5.67
C TYR B 131 -3.91 -19.68 5.67
N GLY B 132 -3.40 -19.23 4.54
CA GLY B 132 -2.04 -18.76 4.44
C GLY B 132 -1.91 -17.89 3.22
N GLU B 133 -0.85 -17.07 3.21
CA GLU B 133 -0.52 -16.29 2.02
C GLU B 133 0.94 -15.86 2.13
N LYS B 134 1.45 -15.34 1.03
CA LYS B 134 2.87 -15.01 0.89
C LYS B 134 3.06 -13.50 0.78
N LEU B 135 4.07 -12.99 1.46
CA LEU B 135 4.64 -11.68 1.18
C LEU B 135 5.78 -11.91 0.21
N GLN B 136 5.58 -11.51 -1.04
CA GLN B 136 6.55 -11.73 -2.12
C GLN B 136 7.68 -10.70 -2.05
N VAL B 137 8.82 -11.05 -2.65
CA VAL B 137 10.02 -10.22 -2.55
C VAL B 137 9.81 -8.87 -3.18
N SER B 138 8.76 -8.69 -3.98
CA SER B 138 8.50 -7.37 -4.53
C SER B 138 8.11 -6.38 -3.43
N GLN B 139 7.47 -6.87 -2.36
CA GLN B 139 7.20 -6.08 -1.16
C GLN B 139 8.43 -5.54 -0.47
N ILE B 140 9.60 -6.10 -0.76
CA ILE B 140 10.80 -5.80 0.01
C ILE B 140 11.32 -4.42 -0.37
N GLN B 141 11.68 -3.64 0.64
CA GLN B 141 12.34 -2.35 0.43
C GLN B 141 13.74 -2.45 1.03
N ILE B 142 14.74 -2.59 0.16
CA ILE B 142 16.13 -2.66 0.61
C ILE B 142 16.57 -1.28 1.07
N ARG B 143 17.47 -1.23 2.05
CA ARG B 143 17.97 0.07 2.45
C ARG B 143 18.65 0.73 1.26
N ASN B 144 18.36 2.02 1.06
CA ASN B 144 18.67 2.68 -0.20
C ASN B 144 20.16 2.88 -0.44
N ASP B 145 20.98 2.81 0.60
CA ASP B 145 22.42 2.99 0.45
C ASP B 145 23.17 1.66 0.41
N PHE B 146 22.47 0.55 0.12
CA PHE B 146 23.14 -0.73 0.03
C PHE B 146 24.14 -0.74 -1.12
N GLU B 147 25.37 -1.16 -0.82
CA GLU B 147 26.51 -1.07 -1.73
C GLU B 147 26.65 -2.29 -2.64
N GLY B 148 26.09 -3.43 -2.26
CA GLY B 148 26.34 -4.65 -2.99
C GLY B 148 25.52 -4.79 -4.25
N VAL B 149 25.43 -6.02 -4.73
CA VAL B 149 24.68 -6.36 -5.93
C VAL B 149 23.31 -6.87 -5.54
N VAL B 150 22.32 -6.50 -6.35
CA VAL B 150 20.91 -6.82 -6.15
C VAL B 150 20.42 -7.45 -7.45
N ASN B 151 19.96 -8.70 -7.38
CA ASN B 151 19.37 -9.43 -8.50
C ASN B 151 18.02 -9.98 -8.11
N TYR B 152 17.02 -9.81 -8.96
CA TYR B 152 15.77 -10.52 -8.85
C TYR B 152 15.80 -11.68 -9.84
N GLN B 153 15.70 -12.90 -9.33
CA GLN B 153 15.60 -14.11 -10.15
C GLN B 153 14.11 -14.35 -10.37
N GLY B 154 13.57 -13.66 -11.36
CA GLY B 154 12.16 -13.74 -11.56
C GLY B 154 11.37 -13.11 -10.42
N ASN B 155 10.13 -13.56 -10.32
CA ASN B 155 9.19 -12.89 -9.45
C ASN B 155 9.28 -13.31 -8.00
N ASN B 156 10.05 -14.33 -7.66
CA ASN B 156 9.93 -14.89 -6.33
C ASN B 156 11.23 -14.99 -5.54
N TYR B 157 12.37 -14.57 -6.11
CA TYR B 157 13.64 -14.64 -5.39
C TYR B 157 14.44 -13.35 -5.55
N LEU B 158 14.97 -12.89 -4.43
CA LEU B 158 15.83 -11.73 -4.37
C LEU B 158 17.19 -12.16 -3.84
N GLU B 159 18.24 -11.71 -4.52
CA GLU B 159 19.61 -12.13 -4.26
C GLU B 159 20.42 -10.88 -3.91
N LEU B 160 21.02 -10.89 -2.73
CA LEU B 160 21.87 -9.81 -2.27
C LEU B 160 23.26 -10.35 -2.00
N GLU B 161 24.28 -9.64 -2.50
CA GLU B 161 25.65 -10.07 -2.31
C GLU B 161 26.54 -8.88 -1.96
N GLY B 162 27.36 -9.03 -0.92
CA GLY B 162 28.36 -8.02 -0.58
C GLY B 162 28.73 -8.10 0.90
N GLN B 163 29.05 -6.93 1.44
CA GLN B 163 29.37 -6.78 2.85
C GLN B 163 28.21 -6.14 3.58
N PHE B 164 27.75 -6.79 4.66
CA PHE B 164 26.55 -6.38 5.36
C PHE B 164 26.82 -5.72 6.71
N GLY B 165 28.06 -5.76 7.19
CA GLY B 165 28.42 -5.03 8.40
C GLY B 165 29.18 -5.93 9.36
N GLU B 166 29.92 -5.30 10.28
CA GLU B 166 30.63 -6.06 11.30
C GLU B 166 29.71 -6.55 12.42
N ASN B 167 28.65 -5.79 12.72
CA ASN B 167 27.56 -6.21 13.59
C ASN B 167 26.27 -6.25 12.78
N TYR B 168 25.23 -6.82 13.37
CA TYR B 168 23.95 -6.86 12.69
C TYR B 168 23.57 -5.46 12.24
N SER B 169 23.24 -5.33 10.96
CA SER B 169 22.98 -4.03 10.35
C SER B 169 21.72 -4.11 9.51
N PHE B 170 20.87 -3.10 9.66
CA PHE B 170 19.62 -3.06 8.90
C PHE B 170 19.89 -3.25 7.43
N LEU B 171 19.21 -4.21 6.82
CA LEU B 171 19.37 -4.46 5.40
C LEU B 171 18.12 -4.14 4.59
N LEU B 172 16.93 -4.53 5.08
CA LEU B 172 15.69 -4.37 4.32
C LEU B 172 14.50 -4.50 5.25
N ASN B 173 13.37 -3.97 4.81
CA ASN B 173 12.11 -4.21 5.50
C ASN B 173 11.06 -4.66 4.51
N PHE B 174 9.99 -5.23 5.04
CA PHE B 174 8.78 -5.46 4.26
C PHE B 174 7.90 -4.24 4.38
N ALA B 175 7.37 -3.77 3.24
CA ALA B 175 6.56 -2.55 3.24
C ALA B 175 5.21 -2.73 3.94
N TYR B 176 4.62 -3.92 3.87
CA TYR B 176 3.25 -4.09 4.37
C TYR B 176 3.22 -4.81 5.70
N ASN B 177 2.07 -4.71 6.37
CA ASN B 177 1.90 -5.34 7.67
C ASN B 177 1.13 -6.65 7.53
N ILE B 178 1.39 -7.55 8.46
CA ILE B 178 0.81 -8.89 8.48
C ILE B 178 -0.22 -8.92 9.60
N PRO B 179 -1.49 -9.19 9.30
CA PRO B 179 -2.50 -9.32 10.36
C PRO B 179 -2.07 -10.34 11.41
N PHE B 180 -2.17 -9.94 12.67
CA PHE B 180 -1.78 -10.78 13.78
C PHE B 180 -3.01 -11.01 14.64
N SER B 181 -3.38 -12.27 14.82
CA SER B 181 -4.57 -12.61 15.56
C SER B 181 -4.23 -12.93 17.01
N SER B 182 -5.15 -12.59 17.90
CA SER B 182 -5.04 -13.01 19.28
C SER B 182 -5.69 -14.36 19.53
N ASP B 183 -6.36 -14.95 18.54
CA ASP B 183 -7.17 -16.15 18.76
C ASP B 183 -6.51 -17.44 18.30
N PHE B 184 -5.47 -17.39 17.47
CA PHE B 184 -4.73 -18.58 17.07
C PHE B 184 -3.24 -18.24 16.98
N TYR B 185 -2.43 -19.26 16.70
CA TYR B 185 -1.01 -19.03 16.46
C TYR B 185 -0.82 -18.34 15.12
N ASN B 186 0.19 -17.47 15.07
CA ASN B 186 0.54 -16.76 13.85
C ASN B 186 1.85 -17.34 13.35
N GLU B 187 1.77 -18.07 12.24
CA GLU B 187 2.91 -18.75 11.68
C GLU B 187 3.60 -17.87 10.67
N LEU B 188 4.92 -17.86 10.70
CA LEU B 188 5.74 -17.24 9.70
C LEU B 188 6.76 -18.27 9.21
N PHE B 189 7.08 -18.25 7.92
CA PHE B 189 8.22 -19.02 7.42
C PHE B 189 8.85 -18.31 6.24
N LEU B 190 10.15 -18.04 6.32
CA LEU B 190 10.88 -17.31 5.30
C LEU B 190 11.74 -18.29 4.51
N GLU B 191 11.40 -18.50 3.24
CA GLU B 191 12.29 -19.20 2.33
C GLU B 191 13.54 -18.38 2.11
N HIS B 192 14.70 -18.96 2.39
CA HIS B 192 15.93 -18.27 2.05
C HIS B 192 17.05 -19.27 2.01
N ILE B 193 18.19 -18.80 1.52
CA ILE B 193 19.43 -19.55 1.45
C ILE B 193 20.59 -18.58 1.67
N ILE B 194 21.57 -19.03 2.46
CA ILE B 194 22.78 -18.27 2.76
C ILE B 194 23.96 -18.95 2.09
N GLU B 195 24.89 -18.16 1.55
CA GLU B 195 26.21 -18.64 1.18
C GLU B 195 27.24 -17.66 1.71
N GLY B 196 28.28 -18.19 2.38
CA GLY B 196 29.33 -17.37 2.98
C GLY B 196 29.16 -17.25 4.48
N ASP B 197 29.95 -16.34 5.05
CA ASP B 197 29.89 -16.05 6.48
C ASP B 197 28.91 -14.88 6.72
N ILE B 198 27.63 -15.18 6.54
CA ILE B 198 26.56 -14.22 6.74
C ILE B 198 25.67 -14.71 7.87
N ASP B 199 25.28 -13.81 8.74
CA ASP B 199 24.22 -14.08 9.68
C ASP B 199 23.09 -13.09 9.39
N ILE B 200 21.86 -13.55 9.41
CA ILE B 200 20.72 -12.67 9.25
C ILE B 200 19.82 -12.80 10.48
N ARG B 201 19.20 -11.68 10.84
CA ARG B 201 18.26 -11.58 11.94
C ARG B 201 16.96 -10.91 11.48
N LEU B 202 15.85 -11.53 11.81
CA LEU B 202 14.53 -10.98 11.54
C LEU B 202 13.98 -10.35 12.81
N VAL B 203 13.59 -9.08 12.73
CA VAL B 203 12.93 -8.39 13.82
C VAL B 203 11.46 -8.20 13.46
N ILE B 204 10.58 -8.60 14.36
CA ILE B 204 9.15 -8.65 14.12
C ILE B 204 8.50 -7.86 15.24
N SER B 205 7.79 -6.78 14.87
CA SER B 205 7.19 -5.83 15.81
C SER B 205 5.67 -5.88 15.71
N LEU B 206 5.00 -6.08 16.85
CA LEU B 206 3.54 -6.14 16.89
C LEU B 206 2.96 -4.76 17.18
N ILE B 207 2.34 -4.15 16.17
CA ILE B 207 1.67 -2.85 16.31
C ILE B 207 0.24 -3.11 16.76
N VAL B 208 -0.15 -2.53 17.91
CA VAL B 208 -1.46 -2.81 18.49
C VAL B 208 -2.56 -2.36 17.55
N ASP B 209 -3.61 -3.17 17.45
CA ASP B 209 -4.72 -2.86 16.58
C ASP B 209 -5.26 -1.45 16.82
N GLY B 210 -5.48 -0.73 15.73
CA GLY B 210 -6.03 0.61 15.81
C GLY B 210 -5.11 1.68 16.34
N SER B 211 -3.83 1.38 16.57
CA SER B 211 -2.88 2.37 17.04
C SER B 211 -2.04 2.88 15.87
N VAL B 212 -1.52 4.09 16.03
CA VAL B 212 -0.61 4.64 15.02
C VAL B 212 0.73 3.91 15.05
N ASP B 213 1.25 3.61 16.24
CA ASP B 213 2.61 3.08 16.35
C ASP B 213 2.89 2.50 17.73
N ASP B 214 1.91 1.86 18.34
CA ASP B 214 2.09 1.27 19.67
C ASP B 214 2.66 -0.14 19.45
N ILE B 215 3.97 -0.29 19.63
CA ILE B 215 4.64 -1.60 19.54
C ILE B 215 4.41 -2.31 20.88
N ALA B 216 3.45 -3.24 20.93
CA ALA B 216 3.23 -3.95 22.19
C ALA B 216 4.24 -5.06 22.43
N LYS B 217 4.89 -5.56 21.40
CA LYS B 217 5.70 -6.76 21.54
C LYS B 217 6.61 -6.86 20.33
N GLU B 218 7.86 -7.26 20.58
CA GLU B 218 8.83 -7.52 19.53
C GLU B 218 9.48 -8.87 19.77
N TRP B 219 9.69 -9.63 18.70
CA TRP B 219 10.52 -10.83 18.69
C TRP B 219 11.67 -10.67 17.72
N TYR B 220 12.69 -11.53 17.88
CA TYR B 220 13.78 -11.60 16.92
C TYR B 220 14.11 -13.06 16.65
N PHE B 221 14.60 -13.33 15.45
CA PHE B 221 15.02 -14.68 15.09
C PHE B 221 16.20 -14.57 14.14
N GLU B 222 17.22 -15.38 14.38
CA GLU B 222 18.41 -15.33 13.55
C GLU B 222 18.84 -16.74 13.20
N LYS B 223 19.81 -16.82 12.28
CA LYS B 223 20.42 -18.05 11.74
C LYS B 223 19.50 -19.26 11.70
N GLU B 224 19.70 -20.22 12.62
CA GLU B 224 19.03 -21.50 12.50
C GLU B 224 17.53 -21.38 12.73
N ASP B 225 17.11 -20.44 13.57
CA ASP B 225 15.68 -20.21 13.77
C ASP B 225 14.97 -19.84 12.48
N LEU B 226 15.64 -19.07 11.60
CA LEU B 226 14.99 -18.66 10.36
C LEU B 226 14.83 -19.80 9.38
N ASN B 227 15.52 -20.93 9.60
CA ASN B 227 15.32 -22.16 8.85
C ASN B 227 14.09 -22.93 9.28
N GLN B 228 13.48 -22.55 10.40
CA GLN B 228 12.37 -23.26 10.99
C GLN B 228 11.13 -22.41 10.93
N LEU B 229 9.98 -23.09 11.02
CA LEU B 229 8.73 -22.41 11.25
C LEU B 229 8.82 -21.50 12.49
N ILE B 230 8.22 -20.33 12.39
CA ILE B 230 8.10 -19.42 13.52
C ILE B 230 6.64 -19.37 13.93
N SER B 231 6.37 -19.55 15.21
CA SER B 231 5.01 -19.66 15.70
C SER B 231 4.82 -18.67 16.82
N LEU B 232 4.06 -17.61 16.56
CA LEU B 232 3.89 -16.48 17.46
C LEU B 232 2.48 -16.44 18.00
N GLU B 233 2.36 -16.09 19.27
CA GLU B 233 1.07 -16.12 19.90
C GLU B 233 1.06 -15.05 20.97
N SER B 234 0.03 -14.22 20.98
CA SER B 234 -0.13 -13.24 22.04
C SER B 234 -1.60 -12.90 22.14
N ASP B 235 -2.02 -12.43 23.31
CA ASP B 235 -3.42 -12.06 23.43
C ASP B 235 -3.70 -10.64 22.96
N ILE B 236 -2.69 -9.94 22.45
CA ILE B 236 -2.88 -8.64 21.84
C ILE B 236 -3.11 -8.80 20.35
N SER B 237 -4.12 -8.14 19.83
CA SER B 237 -4.42 -8.15 18.41
C SER B 237 -3.81 -6.93 17.72
N GLY B 238 -3.29 -7.13 16.51
CA GLY B 238 -2.73 -6.02 15.74
C GLY B 238 -2.18 -6.43 14.39
N SER B 239 -1.03 -5.86 14.00
CA SER B 239 -0.37 -6.31 12.78
C SER B 239 1.13 -6.23 12.98
N LEU B 240 1.84 -6.95 12.12
CA LEU B 240 3.29 -7.10 12.24
C LEU B 240 4.01 -6.22 11.23
N ALA B 241 5.10 -5.59 11.69
CA ALA B 241 6.11 -5.01 10.81
C ALA B 241 7.36 -5.89 10.87
N VAL B 242 7.95 -6.16 9.71
CA VAL B 242 9.05 -7.12 9.60
C VAL B 242 10.26 -6.41 9.04
N LYS B 243 11.40 -6.51 9.74
CA LYS B 243 12.69 -5.97 9.34
C LYS B 243 13.73 -7.09 9.34
N LEU B 244 14.67 -7.03 8.42
CA LEU B 244 15.77 -7.99 8.37
C LEU B 244 17.09 -7.26 8.56
N PHE B 245 17.94 -7.79 9.45
CA PHE B 245 19.30 -7.32 9.68
C PHE B 245 20.27 -8.40 9.23
N ALA B 246 21.49 -7.98 8.89
CA ALA B 246 22.52 -8.89 8.42
C ALA B 246 23.89 -8.38 8.88
N LYS B 247 24.84 -9.30 8.86
CA LYS B 247 26.23 -8.98 9.12
C LYS B 247 27.11 -10.01 8.41
N GLY B 248 28.34 -9.61 8.12
CA GLY B 248 29.27 -10.48 7.43
C GLY B 248 29.30 -10.24 5.94
N LYS B 249 29.75 -11.26 5.21
CA LYS B 249 29.98 -11.14 3.78
C LYS B 249 29.53 -12.42 3.10
N GLY B 250 28.89 -12.27 1.95
CA GLY B 250 28.46 -13.39 1.16
C GLY B 250 27.17 -13.06 0.43
N ILE B 251 26.28 -14.05 0.35
CA ILE B 251 25.09 -13.98 -0.47
C ILE B 251 23.89 -14.40 0.35
N VAL B 252 22.83 -13.60 0.29
CA VAL B 252 21.51 -13.97 0.79
C VAL B 252 20.60 -14.08 -0.41
N LYS B 253 19.85 -15.18 -0.49
CA LYS B 253 18.77 -15.35 -1.45
C LYS B 253 17.48 -15.46 -0.67
N LEU B 254 16.56 -14.53 -0.87
CA LEU B 254 15.27 -14.53 -0.19
C LEU B 254 14.18 -14.97 -1.14
N GLY B 255 13.31 -15.85 -0.67
CA GLY B 255 12.12 -16.20 -1.41
C GLY B 255 10.90 -15.66 -0.69
N PRO B 256 9.73 -16.22 -0.97
CA PRO B 256 8.51 -15.74 -0.32
C PRO B 256 8.62 -15.85 1.19
N LEU B 257 7.98 -14.90 1.88
CA LEU B 257 7.72 -15.00 3.30
C LEU B 257 6.28 -15.46 3.47
N HIS B 258 6.10 -16.67 4.01
CA HIS B 258 4.78 -17.26 4.23
C HIS B 258 4.25 -16.84 5.59
N ARG B 259 2.96 -16.55 5.66
CA ARG B 259 2.28 -16.38 6.93
C ARG B 259 1.00 -17.19 6.94
N ARG B 260 0.74 -17.89 8.05
CA ARG B 260 -0.33 -18.89 8.11
C ARG B 260 -1.07 -18.81 9.44
N ASN B 261 -2.37 -19.13 9.40
CA ASN B 261 -3.08 -19.44 10.64
C ASN B 261 -2.53 -20.75 11.18
N GLY B 262 -1.94 -20.71 12.37
CA GLY B 262 -1.21 -21.84 12.92
C GLY B 262 -1.92 -22.50 14.10
N ARG B 263 -1.57 -23.74 14.37
CA ARG B 263 -2.22 -24.51 15.42
C ARG B 263 -1.24 -24.91 16.53
N GLY B 264 -0.02 -24.39 16.50
CA GLY B 264 0.91 -24.64 17.58
C GLY B 264 1.33 -26.07 17.74
N GLY B 265 1.18 -26.90 16.71
CA GLY B 265 1.48 -28.32 16.81
C GLY B 265 0.32 -29.25 16.51
N LEU B 266 -0.92 -28.77 16.47
CA LEU B 266 -2.09 -29.61 16.23
C LEU B 266 -2.40 -29.83 14.75
N GLY B 267 -1.63 -29.23 13.84
CA GLY B 267 -1.78 -29.48 12.42
C GLY B 267 -1.43 -28.31 11.52
N THR B 268 -0.82 -28.61 10.38
CA THR B 268 -0.54 -27.60 9.38
C THR B 268 -1.78 -27.35 8.53
N PHE B 269 -2.21 -26.07 8.48
CA PHE B 269 -3.43 -25.65 7.80
C PHE B 269 -4.65 -26.25 8.49
N LEU B 270 -4.90 -27.53 8.29
CA LEU B 270 -5.99 -28.22 8.97
C LEU B 270 -5.47 -28.94 10.21
N LEU B 271 -6.41 -29.27 11.10
CA LEU B 271 -6.13 -30.16 12.21
C LEU B 271 -5.63 -31.51 11.68
N GLY B 272 -4.43 -31.91 12.10
CA GLY B 272 -3.82 -33.11 11.58
C GLY B 272 -2.94 -32.92 10.35
N GLY B 273 -2.94 -31.73 9.73
CA GLY B 273 -2.14 -31.52 8.55
C GLY B 273 -0.65 -31.67 8.81
N GLU B 274 0.08 -32.04 7.77
CA GLU B 274 1.51 -32.33 7.89
C GLU B 274 2.31 -31.46 6.93
N ARG B 275 3.47 -31.00 7.39
CA ARG B 275 4.39 -30.18 6.62
C ARG B 275 5.60 -31.01 6.25
N HIS B 276 6.02 -30.93 4.99
CA HIS B 276 7.25 -31.56 4.54
C HIS B 276 8.10 -30.50 3.84
N ILE B 277 9.42 -30.65 3.87
CA ILE B 277 10.32 -29.62 3.38
C ILE B 277 11.63 -30.24 2.92
N ASP B 278 12.27 -29.60 1.96
CA ASP B 278 13.55 -30.05 1.43
C ASP B 278 14.66 -29.08 1.85
N ALA B 279 15.89 -29.36 1.38
CA ALA B 279 17.06 -28.63 1.87
C ALA B 279 16.95 -27.13 1.66
N ILE B 280 16.27 -26.67 0.59
CA ILE B 280 16.27 -25.25 0.29
C ILE B 280 15.00 -24.55 0.79
N GLY B 281 14.19 -25.22 1.60
CA GLY B 281 13.00 -24.58 2.14
C GLY B 281 11.78 -24.65 1.24
N HIS B 282 11.78 -25.56 0.27
CA HIS B 282 10.59 -25.81 -0.53
C HIS B 282 9.68 -26.77 0.21
N GLU B 283 8.41 -26.38 0.37
CA GLU B 283 7.46 -27.15 1.14
C GLU B 283 6.40 -27.78 0.24
N PHE B 284 5.84 -28.88 0.75
CA PHE B 284 4.49 -29.32 0.41
C PHE B 284 3.82 -29.76 1.70
N MET B 285 2.50 -29.80 1.68
CA MET B 285 1.75 -30.25 2.83
C MET B 285 0.84 -31.40 2.45
N THR B 286 0.51 -32.23 3.43
CA THR B 286 -0.38 -33.34 3.20
C THR B 286 -1.42 -33.39 4.30
N TYR B 287 -2.62 -33.81 3.93
CA TYR B 287 -3.66 -34.11 4.90
C TYR B 287 -4.17 -35.51 4.64
N PHE B 288 -4.38 -36.29 5.71
CA PHE B 288 -4.76 -37.69 5.54
C PHE B 288 -5.88 -38.07 6.50
N ASP B 289 -6.94 -38.66 5.97
CA ASP B 289 -8.08 -39.16 6.76
C ASP B 289 -8.31 -40.62 6.35
N PRO B 290 -8.05 -41.59 7.25
CA PRO B 290 -8.24 -43.01 6.86
C PRO B 290 -9.69 -43.42 6.76
N VAL B 291 -10.62 -42.67 7.34
CA VAL B 291 -12.07 -42.93 7.24
C VAL B 291 -12.38 -44.37 7.68
N ASP B 292 -12.91 -45.21 6.79
CA ASP B 292 -13.32 -46.56 7.19
C ASP B 292 -12.23 -47.60 6.98
N PHE B 293 -11.03 -47.17 6.58
CA PHE B 293 -9.86 -48.04 6.45
C PHE B 293 -10.07 -49.13 5.40
N LYS B 294 -10.98 -48.91 4.51
CA LYS B 294 -11.23 -49.82 3.44
C LYS B 294 -10.84 -49.17 2.13
N PRO B 295 -10.41 -49.96 1.17
CA PRO B 295 -9.97 -49.48 -0.14
C PRO B 295 -11.03 -48.80 -0.93
N PRO B 296 -10.62 -47.89 -1.77
CA PRO B 296 -9.22 -47.56 -1.97
C PRO B 296 -8.81 -46.27 -1.30
N LEU B 297 -7.53 -45.94 -1.34
CA LEU B 297 -7.06 -44.66 -0.82
C LEU B 297 -7.08 -43.68 -2.00
N THR B 298 -7.75 -42.57 -1.83
CA THR B 298 -7.91 -41.60 -2.91
C THR B 298 -7.11 -40.32 -2.63
N VAL B 299 -6.20 -39.97 -3.53
CA VAL B 299 -5.30 -38.84 -3.36
C VAL B 299 -5.71 -37.72 -4.32
N TYR B 300 -5.91 -36.52 -3.79
CA TYR B 300 -6.22 -35.34 -4.59
C TYR B 300 -5.09 -34.33 -4.46
N PHE B 301 -4.43 -34.03 -5.57
CA PHE B 301 -3.45 -32.94 -5.61
C PHE B 301 -4.18 -31.61 -5.84
N SER B 302 -3.88 -30.62 -5.00
CA SER B 302 -4.54 -29.33 -5.12
C SER B 302 -4.12 -28.63 -6.40
N GLY B 303 -5.06 -27.89 -6.99
CA GLY B 303 -4.75 -27.03 -8.12
C GLY B 303 -3.95 -25.79 -7.69
N PHE B 304 -3.71 -24.94 -8.68
CA PHE B 304 -3.01 -23.67 -8.46
C PHE B 304 -3.89 -22.73 -7.64
N ARG B 305 -3.30 -22.07 -6.63
CA ARG B 305 -4.05 -21.14 -5.78
C ARG B 305 -3.07 -20.25 -5.01
N SER B 306 -3.26 -18.92 -5.12
CA SER B 306 -2.43 -17.98 -4.37
C SER B 306 -2.62 -18.11 -2.87
N ALA B 307 -3.89 -18.20 -2.43
CA ALA B 307 -4.16 -18.43 -1.03
C ALA B 307 -3.75 -19.85 -0.67
N GLU B 308 -3.01 -20.01 0.42
CA GLU B 308 -2.44 -21.31 0.72
C GLU B 308 -3.49 -22.24 1.34
N GLY B 309 -3.16 -23.53 1.36
CA GLY B 309 -4.01 -24.55 1.98
C GLY B 309 -4.41 -25.64 1.01
N PHE B 310 -5.17 -26.60 1.53
CA PHE B 310 -5.62 -27.74 0.74
C PHE B 310 -6.89 -27.44 -0.03
N GLU B 311 -6.92 -27.84 -1.30
CA GLU B 311 -8.13 -27.87 -2.10
C GLU B 311 -8.84 -29.22 -1.96
N GLY B 312 -10.17 -29.18 -2.05
CA GLY B 312 -10.94 -30.40 -2.23
C GLY B 312 -11.19 -31.22 -1.00
N PHE B 313 -11.15 -30.61 0.19
CA PHE B 313 -11.47 -31.34 1.42
C PHE B 313 -12.88 -31.91 1.38
N TRP B 314 -13.88 -31.06 1.14
CA TRP B 314 -15.24 -31.53 1.24
C TRP B 314 -15.57 -32.51 0.12
N MET B 315 -15.03 -32.30 -1.08
CA MET B 315 -15.29 -33.23 -2.17
C MET B 315 -14.76 -34.61 -1.85
N MET B 316 -13.55 -34.70 -1.29
CA MET B 316 -12.97 -35.99 -0.98
C MET B 316 -13.59 -36.60 0.28
N LYS B 317 -14.08 -35.78 1.19
CA LYS B 317 -14.79 -36.31 2.35
C LYS B 317 -16.10 -36.98 1.94
N SER B 318 -16.73 -36.48 0.87
CA SER B 318 -18.03 -37.00 0.47
C SER B 318 -17.94 -38.39 -0.15
N MET B 319 -16.77 -38.79 -0.62
CA MET B 319 -16.58 -40.12 -1.19
C MET B 319 -16.54 -41.22 -0.15
N LYS B 320 -16.57 -40.88 1.14
CA LYS B 320 -16.59 -41.86 2.23
C LYS B 320 -15.50 -42.91 2.07
N THR B 321 -14.42 -42.54 1.39
CA THR B 321 -13.25 -43.37 1.20
C THR B 321 -12.05 -42.75 1.93
N PRO B 322 -11.04 -43.55 2.28
CA PRO B 322 -9.82 -42.95 2.84
C PRO B 322 -9.18 -42.04 1.81
N PHE B 323 -8.67 -40.88 2.26
CA PHE B 323 -8.21 -39.89 1.31
C PHE B 323 -7.04 -39.06 1.84
N MET B 324 -6.27 -38.56 0.88
CA MET B 324 -5.10 -37.74 1.14
C MET B 324 -5.21 -36.50 0.27
N LEU B 325 -4.86 -35.35 0.83
CA LEU B 325 -4.75 -34.10 0.09
C LEU B 325 -3.30 -33.65 0.08
N ILE B 326 -2.88 -33.07 -1.05
CA ILE B 326 -1.52 -32.57 -1.25
C ILE B 326 -1.63 -31.18 -1.88
N CYS B 327 -0.95 -30.21 -1.30
CA CYS B 327 -0.90 -28.87 -1.87
C CYS B 327 0.54 -28.36 -1.88
N ASP B 328 0.79 -27.40 -2.76
CA ASP B 328 2.14 -26.90 -3.03
C ASP B 328 2.10 -25.38 -2.87
N PRO B 329 2.64 -24.84 -1.78
CA PRO B 329 2.49 -23.40 -1.51
C PRO B 329 3.58 -22.51 -2.10
N ARG B 330 4.45 -23.03 -2.97
CA ARG B 330 5.61 -22.27 -3.42
C ARG B 330 5.20 -21.24 -4.49
N LEU B 331 6.10 -20.27 -4.70
CA LEU B 331 6.01 -19.29 -5.79
C LEU B 331 4.73 -18.46 -5.62
N GLN B 332 3.97 -18.22 -6.70
CA GLN B 332 2.71 -17.48 -6.58
C GLN B 332 1.59 -18.38 -6.04
N GLY B 333 1.31 -19.48 -6.71
CA GLY B 333 0.20 -20.32 -6.30
C GLY B 333 0.47 -21.81 -6.46
N GLY B 334 1.74 -22.18 -6.43
CA GLY B 334 2.13 -23.57 -6.59
C GLY B 334 3.16 -23.68 -7.70
N ALA B 335 3.97 -24.73 -7.65
CA ALA B 335 4.98 -24.98 -8.67
C ALA B 335 4.91 -26.42 -9.17
N PHE B 336 3.71 -26.99 -9.23
CA PHE B 336 3.45 -28.23 -9.96
C PHE B 336 4.18 -29.44 -9.34
N TYR B 337 4.39 -29.42 -8.03
CA TYR B 337 4.88 -30.56 -7.25
C TYR B 337 6.23 -31.08 -7.73
N ILE B 338 6.99 -30.27 -8.46
CA ILE B 338 8.32 -30.69 -8.88
C ILE B 338 9.36 -29.78 -8.25
N GLY B 339 10.59 -30.28 -8.21
CA GLY B 339 11.67 -29.56 -7.57
C GLY B 339 12.84 -30.49 -7.36
N SER B 340 13.51 -30.38 -6.21
CA SER B 340 14.65 -31.23 -5.94
C SER B 340 14.23 -32.69 -5.91
N LYS B 341 15.22 -33.57 -6.05
CA LYS B 341 14.96 -35.00 -5.93
C LYS B 341 14.49 -35.32 -4.53
N GLU B 342 15.05 -34.64 -3.53
CA GLU B 342 14.55 -34.76 -2.17
C GLU B 342 13.09 -34.37 -2.11
N TYR B 343 12.74 -33.24 -2.72
CA TYR B 343 11.36 -32.77 -2.69
C TYR B 343 10.42 -33.80 -3.31
N GLU B 344 10.75 -34.25 -4.53
CA GLU B 344 9.84 -35.14 -5.25
C GLU B 344 9.79 -36.53 -4.63
N GLN B 345 10.93 -37.06 -4.20
CA GLN B 345 10.90 -38.35 -3.53
C GLN B 345 10.13 -38.27 -2.21
N LYS B 346 10.10 -37.09 -1.58
CA LYS B 346 9.31 -36.99 -0.36
C LYS B 346 7.83 -37.06 -0.64
N ILE B 347 7.39 -36.54 -1.80
CA ILE B 347 5.98 -36.68 -2.17
C ILE B 347 5.64 -38.15 -2.36
N VAL B 348 6.51 -38.90 -3.04
CA VAL B 348 6.24 -40.32 -3.29
C VAL B 348 6.23 -41.08 -1.98
N ASP B 349 7.24 -40.84 -1.12
CA ASP B 349 7.27 -41.49 0.17
C ASP B 349 6.03 -41.17 0.99
N ALA B 350 5.55 -39.92 0.93
CA ALA B 350 4.43 -39.53 1.78
C ALA B 350 3.17 -40.31 1.41
N ILE B 351 2.94 -40.52 0.11
CA ILE B 351 1.81 -41.34 -0.30
C ILE B 351 2.06 -42.82 0.03
N GLN B 352 3.25 -43.34 -0.27
CA GLN B 352 3.55 -44.73 0.07
C GLN B 352 3.42 -44.97 1.57
N GLU B 353 3.76 -43.97 2.39
CA GLU B 353 3.64 -44.14 3.82
C GLU B 353 2.20 -44.34 4.25
N LYS B 354 1.25 -43.64 3.60
CA LYS B 354 -0.13 -43.79 4.00
C LYS B 354 -0.75 -45.07 3.44
N LEU B 355 -0.30 -45.52 2.26
CA LEU B 355 -0.65 -46.85 1.80
C LEU B 355 -0.20 -47.90 2.81
N ALA B 356 1.07 -47.83 3.22
CA ALA B 356 1.60 -48.75 4.22
C ALA B 356 0.76 -48.72 5.49
N PHE B 357 0.50 -47.52 6.03
CA PHE B 357 -0.33 -47.40 7.22
C PHE B 357 -1.66 -48.14 7.06
N LEU B 358 -2.29 -48.01 5.89
CA LEU B 358 -3.54 -48.71 5.62
C LEU B 358 -3.35 -50.17 5.26
N ASN B 359 -2.10 -50.62 5.10
CA ASN B 359 -1.75 -51.91 4.49
C ASN B 359 -2.51 -52.12 3.18
N PHE B 360 -2.56 -51.08 2.37
CA PHE B 360 -3.03 -51.19 1.01
C PHE B 360 -1.85 -51.36 0.07
N SER B 361 -2.13 -51.91 -1.10
CA SER B 361 -1.13 -52.03 -2.14
C SER B 361 -1.34 -50.94 -3.19
N SER B 362 -0.38 -50.86 -4.12
CA SER B 362 -0.46 -49.91 -5.22
C SER B 362 -1.79 -50.00 -5.95
N ASP B 363 -2.28 -51.22 -6.16
CA ASP B 363 -3.54 -51.37 -6.88
C ASP B 363 -4.75 -50.99 -6.04
N GLN B 364 -4.54 -50.49 -4.83
CA GLN B 364 -5.62 -49.92 -4.04
C GLN B 364 -5.43 -48.41 -3.85
N LEU B 365 -4.75 -47.76 -4.80
CA LEU B 365 -4.41 -46.34 -4.75
C LEU B 365 -4.93 -45.62 -5.98
N ILE B 366 -5.53 -44.44 -5.78
CA ILE B 366 -6.05 -43.60 -6.87
C ILE B 366 -5.48 -42.19 -6.74
N LEU B 367 -4.80 -41.71 -7.78
CA LEU B 367 -4.27 -40.36 -7.84
C LEU B 367 -5.15 -39.50 -8.75
N SER B 368 -5.39 -38.25 -8.35
CA SER B 368 -6.35 -37.41 -9.05
C SER B 368 -5.98 -35.93 -8.91
N GLY B 369 -6.55 -35.13 -9.80
CA GLY B 369 -6.39 -33.68 -9.72
C GLY B 369 -6.93 -33.00 -10.97
N LEU B 370 -6.97 -31.68 -10.89
CA LEU B 370 -7.38 -30.82 -12.00
C LEU B 370 -6.30 -29.78 -12.26
N SER B 371 -6.11 -29.45 -13.54
CA SER B 371 -5.05 -28.56 -14.02
C SER B 371 -3.70 -28.86 -13.38
N MET B 372 -3.25 -28.03 -12.44
CA MET B 372 -1.92 -28.24 -11.84
C MET B 372 -1.85 -29.55 -11.08
N GLY B 373 -2.97 -29.97 -10.49
CA GLY B 373 -3.01 -31.27 -9.84
C GLY B 373 -2.73 -32.42 -10.79
N THR B 374 -3.12 -32.27 -12.07
CA THR B 374 -2.90 -33.34 -13.03
C THR B 374 -1.43 -33.61 -13.23
N TYR B 375 -0.60 -32.58 -13.09
CA TYR B 375 0.85 -32.76 -13.24
C TYR B 375 1.41 -33.56 -12.08
N GLY B 376 1.05 -33.19 -10.85
CA GLY B 376 1.53 -33.94 -9.70
C GLY B 376 1.01 -35.38 -9.70
N ALA B 377 -0.27 -35.57 -10.06
CA ALA B 377 -0.86 -36.90 -10.01
C ALA B 377 -0.20 -37.83 -11.02
N THR B 378 0.05 -37.35 -12.24
CA THR B 378 0.66 -38.19 -13.26
C THR B 378 2.17 -38.33 -13.09
N TYR B 379 2.86 -37.22 -12.81
CA TYR B 379 4.32 -37.28 -12.68
C TYR B 379 4.74 -38.20 -11.54
N HIS B 380 4.06 -38.12 -10.41
CA HIS B 380 4.42 -38.98 -9.28
C HIS B 380 3.77 -40.36 -9.40
N GLY B 381 2.64 -40.45 -10.12
CA GLY B 381 2.03 -41.74 -10.41
C GLY B 381 3.01 -42.71 -11.04
N ALA B 382 3.86 -42.20 -11.94
CA ALA B 382 4.93 -43.01 -12.53
C ALA B 382 5.75 -43.77 -11.50
N LYS B 383 5.89 -43.24 -10.29
CA LYS B 383 6.65 -43.93 -9.26
C LYS B 383 5.77 -44.77 -8.35
N LEU B 384 4.46 -44.71 -8.53
CA LEU B 384 3.55 -45.34 -7.59
C LEU B 384 2.72 -46.47 -8.19
N ASN B 385 2.66 -46.59 -9.52
CA ASN B 385 1.89 -47.60 -10.24
C ASN B 385 0.47 -47.72 -9.64
N PRO B 386 -0.29 -46.63 -9.62
CA PRO B 386 -1.60 -46.69 -8.97
C PRO B 386 -2.62 -47.47 -9.78
N HIS B 387 -3.72 -47.81 -9.11
CA HIS B 387 -4.83 -48.43 -9.79
C HIS B 387 -5.44 -47.51 -10.85
N ALA B 388 -5.60 -46.23 -10.52
CA ALA B 388 -6.28 -45.31 -11.40
C ALA B 388 -5.75 -43.90 -11.20
N ILE B 389 -5.80 -43.12 -12.28
CA ILE B 389 -5.44 -41.72 -12.30
C ILE B 389 -6.60 -40.99 -12.96
N ILE B 390 -7.36 -40.23 -12.17
CA ILE B 390 -8.49 -39.45 -12.67
C ILE B 390 -8.03 -38.01 -12.78
N ILE B 391 -7.95 -37.49 -14.00
CA ILE B 391 -7.43 -36.15 -14.21
C ILE B 391 -8.31 -35.40 -15.21
N GLY B 392 -8.38 -34.08 -15.02
CA GLY B 392 -9.11 -33.20 -15.91
C GLY B 392 -8.36 -31.92 -16.23
N LYS B 393 -8.33 -31.54 -17.51
CA LYS B 393 -7.61 -30.42 -18.09
C LYS B 393 -6.12 -30.59 -17.84
N PRO B 394 -5.52 -31.63 -18.40
CA PRO B 394 -4.14 -31.97 -18.03
C PRO B 394 -3.16 -30.92 -18.50
N ILE B 395 -2.12 -30.72 -17.68
CA ILE B 395 -0.96 -29.91 -18.05
C ILE B 395 0.27 -30.77 -17.82
N PHE B 396 0.97 -31.12 -18.91
CA PHE B 396 2.17 -31.94 -18.83
C PHE B 396 3.40 -31.27 -19.43
N ASN B 397 3.22 -30.30 -20.31
CA ASN B 397 4.33 -29.68 -21.04
C ASN B 397 4.51 -28.28 -20.48
N LEU B 398 5.25 -28.18 -19.38
CA LEU B 398 5.38 -26.89 -18.69
C LEU B 398 6.23 -25.92 -19.51
N GLY B 399 7.34 -26.40 -20.08
CA GLY B 399 8.12 -25.58 -21.00
C GLY B 399 7.30 -25.04 -22.16
N THR B 400 6.33 -25.81 -22.63
CA THR B 400 5.39 -25.32 -23.64
C THR B 400 4.46 -24.25 -23.06
N VAL B 401 3.94 -24.47 -21.85
CA VAL B 401 3.14 -23.45 -21.20
C VAL B 401 3.93 -22.16 -21.07
N ALA B 402 5.22 -22.30 -20.74
CA ALA B 402 6.11 -21.14 -20.64
C ALA B 402 6.17 -20.38 -21.95
N GLN B 403 6.51 -21.08 -23.05
CA GLN B 403 6.61 -20.42 -24.35
C GLN B 403 5.31 -19.73 -24.76
N ARG B 404 4.16 -20.26 -24.33
CA ARG B 404 2.90 -19.57 -24.60
C ARG B 404 2.90 -18.13 -24.11
N GLU B 405 3.87 -17.73 -23.27
CA GLU B 405 3.92 -16.36 -22.80
C GLU B 405 4.56 -15.41 -23.81
N ARG B 406 5.32 -15.92 -24.78
CA ARG B 406 5.80 -15.04 -25.84
C ARG B 406 4.66 -14.54 -26.72
N LEU B 407 3.47 -15.10 -26.61
CA LEU B 407 2.34 -14.75 -27.46
C LEU B 407 1.54 -13.61 -26.86
N GLU B 408 0.85 -12.88 -27.74
CA GLU B 408 0.00 -11.76 -27.34
C GLU B 408 -1.45 -12.21 -27.18
N ARG B 409 -1.66 -13.26 -26.41
CA ARG B 409 -3.02 -13.64 -26.08
C ARG B 409 -3.48 -12.89 -24.82
N PRO B 410 -4.78 -12.70 -24.64
CA PRO B 410 -5.25 -11.69 -23.66
C PRO B 410 -5.28 -12.15 -22.21
N ASP B 411 -4.78 -13.34 -21.87
CA ASP B 411 -4.85 -13.81 -20.49
C ASP B 411 -3.87 -14.99 -20.34
N GLY B 412 -2.63 -14.68 -19.96
CA GLY B 412 -1.60 -15.68 -19.85
C GLY B 412 -1.57 -16.34 -18.48
N PHE B 413 -0.60 -17.24 -18.32
CA PHE B 413 -0.30 -17.87 -17.04
C PHE B 413 1.17 -17.56 -16.72
N ALA B 414 1.44 -16.29 -16.38
CA ALA B 414 2.81 -15.77 -16.43
C ALA B 414 3.74 -16.46 -15.43
N THR B 415 3.21 -16.90 -14.27
CA THR B 415 4.01 -17.60 -13.27
C THR B 415 4.73 -18.84 -13.81
N SER B 416 4.33 -19.33 -14.99
CA SER B 416 5.03 -20.49 -15.55
C SER B 416 6.49 -20.16 -15.84
N LEU B 417 6.79 -18.89 -16.11
CA LEU B 417 8.18 -18.49 -16.32
C LEU B 417 8.99 -18.70 -15.04
N ASP B 418 8.41 -18.35 -13.89
CA ASP B 418 9.09 -18.61 -12.63
C ASP B 418 9.21 -20.10 -12.36
N ILE B 419 8.22 -20.89 -12.78
CA ILE B 419 8.31 -22.34 -12.62
C ILE B 419 9.44 -22.90 -13.47
N GLN B 420 9.62 -22.38 -14.69
CA GLN B 420 10.77 -22.83 -15.49
C GLN B 420 12.08 -22.39 -14.88
N LEU B 421 12.12 -21.15 -14.37
CA LEU B 421 13.30 -20.72 -13.63
C LEU B 421 13.59 -21.65 -12.47
N LEU B 422 12.57 -21.96 -11.67
CA LEU B 422 12.79 -22.86 -10.55
C LEU B 422 13.49 -24.14 -11.01
N ASN B 423 13.09 -24.69 -12.15
CA ASN B 423 13.52 -26.03 -12.54
C ASN B 423 14.67 -26.03 -13.54
N GLN B 424 14.76 -25.02 -14.40
CA GLN B 424 15.82 -24.95 -15.39
C GLN B 424 16.85 -23.87 -15.14
N GLY B 425 16.47 -22.78 -14.46
CA GLY B 425 17.39 -21.71 -14.19
C GLY B 425 17.50 -20.67 -15.28
N ASP B 426 16.80 -20.83 -16.40
CA ASP B 426 16.76 -19.79 -17.42
C ASP B 426 15.57 -20.05 -18.34
N LEU B 427 15.32 -19.10 -19.24
CA LEU B 427 14.14 -19.14 -20.08
C LEU B 427 14.45 -19.43 -21.54
N THR B 428 15.60 -20.02 -21.83
CA THR B 428 15.89 -20.32 -23.22
C THR B 428 14.89 -21.36 -23.75
N SER B 429 14.63 -21.30 -25.06
CA SER B 429 13.80 -22.32 -25.69
C SER B 429 14.37 -23.72 -25.48
N SER B 430 15.69 -23.84 -25.43
CA SER B 430 16.30 -25.12 -25.09
C SER B 430 15.87 -25.58 -23.70
N SER B 431 15.93 -24.69 -22.71
CA SER B 431 15.44 -25.04 -21.36
C SER B 431 13.96 -25.40 -21.40
N SER B 432 13.18 -24.74 -22.24
CA SER B 432 11.76 -25.02 -22.29
C SER B 432 11.49 -26.47 -22.71
N GLU B 433 12.20 -26.96 -23.72
CA GLU B 433 12.04 -28.35 -24.13
C GLU B 433 12.58 -29.29 -23.06
N LYS B 434 13.63 -28.89 -22.37
CA LYS B 434 14.16 -29.68 -21.27
C LYS B 434 13.12 -29.85 -20.17
N LEU B 435 12.38 -28.79 -19.86
CA LEU B 435 11.32 -28.88 -18.86
C LEU B 435 10.19 -29.78 -19.35
N ASN B 436 9.83 -29.68 -20.63
CA ASN B 436 8.89 -30.64 -21.20
C ASN B 436 9.39 -32.06 -21.01
N ASN B 437 10.67 -32.29 -21.32
CA ASN B 437 11.20 -33.64 -21.27
C ASN B 437 11.31 -34.14 -19.84
N TYR B 438 11.50 -33.23 -18.88
CA TYR B 438 11.52 -33.58 -17.47
C TYR B 438 10.29 -34.38 -17.07
N PHE B 439 9.12 -33.97 -17.56
CA PHE B 439 7.90 -34.72 -17.27
C PHE B 439 7.94 -36.13 -17.86
N TRP B 440 8.26 -36.24 -19.16
CA TRP B 440 8.13 -37.54 -19.84
C TRP B 440 9.20 -38.54 -19.40
N LYS B 441 10.34 -38.06 -18.90
CA LYS B 441 11.35 -39.00 -18.41
C LYS B 441 10.84 -39.76 -17.21
N SER B 442 10.06 -39.10 -16.35
CA SER B 442 9.40 -39.82 -15.26
C SER B 442 8.42 -40.84 -15.80
N ILE B 443 7.66 -40.45 -16.83
CA ILE B 443 6.69 -41.34 -17.46
C ILE B 443 7.40 -42.55 -18.07
N GLU B 444 8.29 -42.30 -19.03
CA GLU B 444 9.14 -43.34 -19.60
C GLU B 444 9.69 -44.27 -18.54
N GLU B 445 10.45 -43.73 -17.59
CA GLU B 445 11.10 -44.58 -16.60
C GLU B 445 10.14 -45.15 -15.57
N GLY B 446 8.86 -44.83 -15.66
CA GLY B 446 7.90 -45.21 -14.65
C GLY B 446 7.25 -46.55 -14.90
N ASP B 447 6.12 -46.77 -14.22
CA ASP B 447 5.40 -48.03 -14.31
C ASP B 447 3.92 -47.77 -14.07
N PHE B 448 3.12 -47.87 -15.12
CA PHE B 448 1.67 -47.74 -15.05
C PHE B 448 0.97 -49.07 -15.34
N SER B 449 1.57 -50.18 -14.90
CA SER B 449 1.00 -51.49 -15.20
C SER B 449 -0.38 -51.66 -14.56
N ASN B 450 -0.55 -51.19 -13.33
CA ASN B 450 -1.83 -51.29 -12.63
C ASN B 450 -2.84 -50.26 -13.11
N THR B 451 -2.47 -49.32 -13.98
CA THR B 451 -3.15 -48.03 -14.08
C THR B 451 -4.13 -47.94 -15.24
N THR B 452 -5.31 -47.37 -14.95
CA THR B 452 -6.25 -46.87 -15.94
C THR B 452 -6.36 -45.36 -15.81
N PHE B 453 -6.49 -44.64 -16.93
CA PHE B 453 -6.58 -43.18 -16.93
C PHE B 453 -8.00 -42.74 -17.29
N ALA B 454 -8.62 -41.97 -16.39
CA ALA B 454 -9.84 -41.25 -16.70
C ALA B 454 -9.44 -39.81 -16.96
N LEU B 455 -9.65 -39.35 -18.18
CA LEU B 455 -9.07 -38.10 -18.63
C LEU B 455 -10.14 -37.24 -19.28
N ALA B 456 -10.34 -36.04 -18.75
CA ALA B 456 -11.13 -35.01 -19.42
C ALA B 456 -10.18 -33.92 -19.90
N TYR B 457 -10.41 -33.41 -21.11
CA TYR B 457 -9.52 -32.43 -21.69
C TYR B 457 -10.33 -31.45 -22.52
N MET B 458 -9.77 -30.26 -22.70
CA MET B 458 -10.33 -29.26 -23.60
C MET B 458 -9.72 -29.46 -24.97
N LYS B 459 -10.57 -29.49 -26.00
CA LYS B 459 -10.07 -29.68 -27.36
C LYS B 459 -9.37 -28.43 -27.89
N ASN B 460 -9.79 -27.26 -27.44
CA ASN B 460 -9.20 -25.99 -27.89
C ASN B 460 -8.37 -25.36 -26.78
N ASP B 461 -7.50 -26.15 -26.16
CA ASP B 461 -6.76 -25.70 -24.98
C ASP B 461 -5.68 -24.72 -25.38
N ASP B 462 -5.73 -23.52 -24.78
CA ASP B 462 -4.78 -22.46 -25.03
C ASP B 462 -3.44 -22.66 -24.33
N TYR B 463 -3.29 -23.71 -23.52
CA TYR B 463 -2.13 -23.85 -22.65
C TYR B 463 -1.33 -25.11 -22.93
N ASP B 464 -1.95 -26.29 -22.92
CA ASP B 464 -1.25 -27.52 -23.25
C ASP B 464 -2.15 -28.34 -24.19
N ALA B 465 -2.37 -27.81 -25.40
CA ALA B 465 -3.22 -28.49 -26.37
C ALA B 465 -2.80 -29.94 -26.56
N THR B 466 -1.49 -30.21 -26.59
CA THR B 466 -0.88 -31.49 -26.92
C THR B 466 -0.99 -32.54 -25.80
N ALA B 467 -1.60 -32.22 -24.66
CA ALA B 467 -1.46 -33.04 -23.46
C ALA B 467 -2.05 -34.44 -23.66
N PHE B 468 -3.34 -34.51 -23.99
CA PHE B 468 -3.98 -35.82 -24.15
C PHE B 468 -3.28 -36.65 -25.22
N SER B 469 -3.09 -36.07 -26.42
CA SER B 469 -2.48 -36.81 -27.52
C SER B 469 -1.12 -37.37 -27.11
N ASP B 470 -0.25 -36.53 -26.55
CA ASP B 470 1.07 -36.99 -26.12
C ASP B 470 0.99 -38.20 -25.22
N LEU B 471 -0.04 -38.26 -24.39
CA LEU B 471 -0.14 -39.34 -23.43
C LEU B 471 -0.44 -40.68 -24.10
N LEU B 472 -1.35 -40.67 -25.09
CA LEU B 472 -1.63 -41.89 -25.83
C LEU B 472 -0.40 -42.41 -26.54
N GLN B 473 0.38 -41.51 -27.15
CA GLN B 473 1.56 -41.92 -27.89
C GLN B 473 2.51 -42.77 -27.04
N TYR B 474 2.50 -42.56 -25.72
CA TYR B 474 3.39 -43.31 -24.84
C TYR B 474 2.86 -44.68 -24.49
N PHE B 475 1.64 -45.01 -24.89
CA PHE B 475 1.14 -46.37 -24.84
C PHE B 475 0.94 -46.90 -26.26
N ARG B 476 -0.08 -46.40 -26.97
CA ARG B 476 -0.34 -46.81 -28.36
C ARG B 476 -0.70 -48.30 -28.45
N GLY B 477 0.11 -49.15 -27.80
CA GLY B 477 -0.28 -50.52 -27.59
C GLY B 477 -1.54 -50.64 -26.77
N LYS B 478 -1.44 -50.37 -25.46
CA LYS B 478 -2.59 -50.43 -24.57
C LYS B 478 -3.61 -49.36 -24.91
N LYS B 479 -4.53 -49.66 -25.83
CA LYS B 479 -5.55 -48.69 -26.22
C LYS B 479 -6.46 -48.39 -25.05
N HIS B 480 -7.03 -49.44 -24.45
CA HIS B 480 -8.01 -49.31 -23.37
C HIS B 480 -7.52 -48.50 -22.18
N LYS B 481 -6.20 -48.36 -22.01
CA LYS B 481 -5.67 -47.85 -20.75
C LYS B 481 -6.02 -46.38 -20.51
N ILE B 482 -6.23 -45.59 -21.57
CA ILE B 482 -6.56 -44.18 -21.43
C ILE B 482 -7.95 -43.94 -21.98
N LEU B 483 -8.86 -43.54 -21.11
CA LEU B 483 -10.22 -43.18 -21.50
C LEU B 483 -10.32 -41.67 -21.55
N GLY B 484 -10.27 -41.11 -22.76
CA GLY B 484 -10.50 -39.70 -22.92
C GLY B 484 -11.98 -39.35 -22.91
N ARG B 485 -12.25 -38.07 -22.71
CA ARG B 485 -13.59 -37.51 -22.91
C ARG B 485 -13.37 -36.01 -23.14
N GLY B 486 -13.22 -35.63 -24.42
CA GLY B 486 -12.94 -34.26 -24.74
C GLY B 486 -14.18 -33.38 -24.66
N TRP B 487 -13.95 -32.13 -24.28
CA TRP B 487 -14.98 -31.09 -24.31
C TRP B 487 -14.46 -29.95 -25.16
N ASP B 488 -15.38 -29.15 -25.67
CA ASP B 488 -15.03 -28.07 -26.58
C ASP B 488 -15.03 -26.73 -25.83
N GLY B 489 -14.12 -25.86 -26.23
CA GLY B 489 -13.86 -24.62 -25.54
C GLY B 489 -12.41 -24.51 -25.10
N ARG B 490 -12.06 -23.31 -24.66
CA ARG B 490 -10.72 -23.05 -24.15
C ARG B 490 -10.58 -23.60 -22.73
N HIS B 491 -9.37 -23.50 -22.17
CA HIS B 491 -9.06 -24.15 -20.90
C HIS B 491 -10.01 -23.76 -19.77
N GLY B 492 -10.70 -22.63 -19.88
CA GLY B 492 -11.51 -22.14 -18.78
C GLY B 492 -13.00 -22.39 -18.84
N ASP B 493 -13.50 -22.94 -19.95
CA ASP B 493 -14.93 -23.16 -20.11
C ASP B 493 -15.35 -24.56 -19.66
N CYS B 494 -16.67 -24.77 -19.66
CA CYS B 494 -17.26 -26.03 -19.24
C CYS B 494 -16.74 -26.46 -17.86
N SER B 495 -16.38 -25.47 -17.03
CA SER B 495 -15.81 -25.78 -15.73
C SER B 495 -16.88 -26.17 -14.72
N ALA B 496 -18.12 -25.69 -14.88
CA ALA B 496 -19.20 -26.27 -14.08
C ALA B 496 -19.27 -27.79 -14.32
N GLU B 497 -18.97 -28.22 -15.54
CA GLU B 497 -19.14 -29.62 -15.90
C GLU B 497 -17.87 -30.44 -15.76
N VAL B 498 -16.69 -29.82 -15.70
CA VAL B 498 -15.51 -30.58 -15.33
C VAL B 498 -15.72 -31.21 -13.96
N GLY B 499 -16.32 -30.46 -13.04
CA GLY B 499 -16.55 -30.96 -11.69
C GLY B 499 -17.45 -32.18 -11.67
N ALA B 500 -18.62 -32.08 -12.31
CA ALA B 500 -19.56 -33.19 -12.36
C ALA B 500 -18.92 -34.43 -12.96
N TRP B 501 -18.12 -34.26 -14.02
CA TRP B 501 -17.44 -35.39 -14.61
C TRP B 501 -16.45 -36.01 -13.63
N PHE B 502 -15.63 -35.18 -12.99
CA PHE B 502 -14.63 -35.67 -12.05
C PHE B 502 -15.26 -36.44 -10.91
N THR B 503 -16.30 -35.88 -10.30
CA THR B 503 -16.94 -36.58 -9.20
C THR B 503 -17.71 -37.81 -9.69
N SER B 504 -18.28 -37.75 -10.90
CA SER B 504 -18.97 -38.90 -11.46
C SER B 504 -17.98 -40.02 -11.78
N GLN B 505 -16.86 -39.67 -12.41
CA GLN B 505 -15.83 -40.67 -12.67
C GLN B 505 -15.35 -41.33 -11.39
N TYR B 506 -15.31 -40.58 -10.29
CA TYR B 506 -14.94 -41.16 -9.01
C TYR B 506 -16.01 -42.14 -8.50
N ARG B 507 -17.28 -41.69 -8.47
CA ARG B 507 -18.32 -42.49 -7.85
C ARG B 507 -18.57 -43.78 -8.63
N ARG B 508 -18.58 -43.70 -9.96
CA ARG B 508 -18.75 -44.89 -10.78
C ARG B 508 -17.58 -45.84 -10.67
N MET B 509 -16.40 -45.34 -10.32
CA MET B 509 -15.27 -46.25 -10.18
C MET B 509 -15.19 -46.87 -8.80
N LEU B 510 -15.54 -46.12 -7.75
CA LEU B 510 -15.64 -46.72 -6.42
C LEU B 510 -16.64 -47.88 -6.44
N SER B 511 -17.69 -47.79 -7.26
CA SER B 511 -18.66 -48.87 -7.35
C SER B 511 -18.09 -50.06 -8.13
N ASN B 512 -17.56 -49.80 -9.32
CA ASN B 512 -17.13 -50.87 -10.21
C ASN B 512 -15.99 -51.69 -9.62
N ASP B 513 -15.01 -51.03 -8.99
CA ASP B 513 -13.75 -51.69 -8.67
C ASP B 513 -13.53 -51.93 -7.19
N PHE B 514 -14.37 -51.39 -6.31
CA PHE B 514 -14.15 -51.55 -4.87
C PHE B 514 -15.44 -51.82 -4.11
N GLY B 515 -16.56 -51.97 -4.80
CA GLY B 515 -17.79 -52.38 -4.17
C GLY B 515 -18.52 -51.27 -3.47
N ARG B 516 -18.12 -50.03 -3.68
CA ARG B 516 -18.67 -48.92 -2.92
C ARG B 516 -19.95 -48.46 -3.61
N LYS B 517 -21.08 -48.76 -2.99
CA LYS B 517 -22.38 -48.48 -3.56
C LYS B 517 -22.69 -46.99 -3.46
N GLU B 518 -23.12 -46.39 -4.55
CA GLU B 518 -23.59 -45.01 -4.52
C GLU B 518 -25.07 -44.95 -4.16
N SER C 2 8.65 25.35 -11.20
CA SER C 2 9.00 24.78 -12.50
C SER C 2 9.13 23.26 -12.41
N THR C 3 9.10 22.59 -13.55
CA THR C 3 9.07 21.12 -13.60
C THR C 3 10.22 20.57 -14.41
N ILE C 4 11.19 19.95 -13.72
CA ILE C 4 12.23 19.12 -14.34
C ILE C 4 12.47 17.94 -13.41
N SER C 5 11.93 16.78 -13.73
CA SER C 5 12.04 15.62 -12.85
C SER C 5 12.76 14.49 -13.57
N TYR C 6 13.73 13.90 -12.89
CA TYR C 6 14.36 12.68 -13.37
C TYR C 6 13.77 11.54 -12.56
N ILE C 7 13.33 10.50 -13.27
CA ILE C 7 12.43 9.50 -12.74
C ILE C 7 13.06 8.13 -12.96
N TYR C 8 13.21 7.37 -11.88
CA TYR C 8 14.03 6.17 -11.86
C TYR C 8 13.20 4.94 -11.52
N TRP C 9 13.63 3.79 -12.03
CA TRP C 9 12.95 2.52 -11.78
C TRP C 9 13.36 2.00 -10.40
N ASP C 10 12.39 1.89 -9.51
CA ASP C 10 12.58 1.32 -8.18
C ASP C 10 12.13 -0.15 -8.14
N ASP C 11 12.77 -0.94 -7.28
CA ASP C 11 12.48 -2.37 -7.28
C ASP C 11 11.28 -2.77 -6.43
N PHE C 12 10.68 -1.81 -5.71
CA PHE C 12 9.54 -2.10 -4.85
C PHE C 12 8.19 -2.01 -5.59
N SER C 13 7.31 -2.98 -5.32
CA SER C 13 5.91 -3.01 -5.74
C SER C 13 5.16 -4.00 -4.85
N ARG C 14 3.88 -3.70 -4.56
CA ARG C 14 3.07 -4.69 -3.86
C ARG C 14 2.96 -5.97 -4.67
N PHE C 15 2.66 -5.83 -5.96
CA PHE C 15 2.57 -6.95 -6.89
C PHE C 15 3.53 -6.70 -8.05
N SER C 16 4.43 -7.63 -8.28
CA SER C 16 5.37 -7.56 -9.40
C SER C 16 4.85 -8.42 -10.56
N TYR C 17 5.18 -7.99 -11.78
CA TYR C 17 4.85 -8.76 -12.98
C TYR C 17 6.12 -9.16 -13.72
N ASN C 18 7.21 -9.25 -12.97
CA ASN C 18 8.53 -9.68 -13.38
C ASN C 18 8.60 -11.22 -13.38
N PHE C 19 7.63 -11.88 -14.01
CA PHE C 19 7.67 -13.34 -14.08
C PHE C 19 8.80 -13.77 -15.01
N GLY C 20 9.69 -14.61 -14.49
CA GLY C 20 10.79 -15.15 -15.26
C GLY C 20 11.96 -14.21 -15.52
N THR C 21 11.76 -12.91 -15.44
CA THR C 21 12.80 -11.96 -15.82
C THR C 21 13.92 -11.89 -14.79
N LYS C 22 15.15 -11.79 -15.27
CA LYS C 22 16.30 -11.49 -14.42
C LYS C 22 16.52 -9.97 -14.46
N LEU C 23 16.28 -9.32 -13.33
CA LEU C 23 16.50 -7.88 -13.18
C LEU C 23 17.69 -7.64 -12.28
N GLN C 24 18.57 -6.77 -12.71
CA GLN C 24 19.70 -6.37 -11.89
C GLN C 24 19.67 -4.86 -11.73
N PHE C 25 19.76 -4.41 -10.48
CA PHE C 25 19.74 -2.98 -10.15
C PHE C 25 21.18 -2.52 -9.97
N LEU C 26 21.75 -2.00 -11.05
CA LEU C 26 23.11 -1.51 -11.11
C LEU C 26 23.08 0.00 -10.91
N GLY C 27 23.40 0.45 -9.69
CA GLY C 27 23.40 1.85 -9.38
C GLY C 27 22.00 2.42 -9.40
N LYS C 28 21.75 3.38 -10.28
CA LYS C 28 20.40 3.87 -10.48
C LYS C 28 19.71 3.20 -11.66
N SER C 29 20.43 2.42 -12.46
CA SER C 29 19.89 1.83 -13.67
C SER C 29 19.46 0.38 -13.42
N VAL C 30 18.70 -0.15 -14.38
CA VAL C 30 18.14 -1.50 -14.29
C VAL C 30 18.48 -2.27 -15.55
N CYS C 31 19.11 -3.43 -15.38
CA CYS C 31 19.40 -4.35 -16.49
C CYS C 31 18.36 -5.47 -16.52
N PHE C 32 17.72 -5.63 -17.68
CA PHE C 32 16.64 -6.59 -17.88
C PHE C 32 17.13 -7.70 -18.80
N GLU C 33 16.82 -8.95 -18.42
CA GLU C 33 17.16 -10.09 -19.25
C GLU C 33 16.02 -11.09 -19.16
N ASN C 34 15.28 -11.26 -20.26
CA ASN C 34 14.24 -12.28 -20.36
C ASN C 34 14.26 -12.81 -21.78
N PRO C 35 14.98 -13.91 -22.01
CA PRO C 35 15.15 -14.40 -23.38
C PRO C 35 13.86 -14.88 -24.00
N LEU C 36 12.90 -15.30 -23.17
CA LEU C 36 11.59 -15.65 -23.67
C LEU C 36 10.87 -14.43 -24.25
N ALA C 37 11.23 -13.22 -23.77
CA ALA C 37 10.73 -11.95 -24.29
C ALA C 37 9.21 -11.87 -24.23
N PRO C 38 8.61 -11.82 -23.04
CA PRO C 38 7.14 -11.79 -22.94
C PRO C 38 6.53 -10.62 -23.70
N SER C 39 5.26 -10.79 -24.05
CA SER C 39 4.71 -10.03 -25.17
C SER C 39 4.27 -8.63 -24.78
N SER C 40 3.62 -8.49 -23.63
CA SER C 40 3.26 -7.16 -23.14
C SER C 40 3.20 -7.24 -21.62
N THR C 41 4.25 -6.72 -20.99
CA THR C 41 4.35 -6.70 -19.54
C THR C 41 4.45 -5.25 -19.08
N ASN C 42 3.66 -4.91 -18.07
CA ASN C 42 3.82 -3.64 -17.38
C ASN C 42 4.99 -3.85 -16.42
N LEU C 43 6.17 -3.34 -16.78
CA LEU C 43 7.37 -3.61 -15.99
C LEU C 43 7.45 -2.75 -14.76
N TYR C 44 6.88 -1.54 -14.81
CA TYR C 44 6.99 -0.61 -13.71
C TYR C 44 6.03 0.54 -13.94
N THR C 45 5.43 1.04 -12.87
CA THR C 45 4.52 2.18 -12.95
C THR C 45 4.87 3.21 -11.87
N TRP C 46 5.05 4.45 -12.30
CA TRP C 46 5.20 5.62 -11.45
C TRP C 46 3.84 6.32 -11.30
N SER C 47 3.67 7.02 -10.17
CA SER C 47 2.37 7.62 -9.90
C SER C 47 2.49 9.03 -9.33
N SER C 48 1.53 9.88 -9.68
CA SER C 48 1.46 11.26 -9.23
C SER C 48 0.74 11.42 -7.89
N GLN C 49 0.17 10.35 -7.34
CA GLN C 49 -0.58 10.41 -6.09
C GLN C 49 -0.63 9.04 -5.46
N THR C 50 -0.49 8.98 -4.14
CA THR C 50 -0.56 7.73 -3.38
C THR C 50 -1.26 7.98 -2.04
N ASN C 51 -1.74 6.90 -1.44
CA ASN C 51 -2.07 6.86 -0.02
C ASN C 51 -1.00 6.03 0.66
N TYR C 52 -0.42 6.54 1.74
CA TYR C 52 0.68 5.81 2.37
C TYR C 52 0.27 4.37 2.72
N GLN C 53 -0.92 4.21 3.31
CA GLN C 53 -1.29 2.90 3.82
C GLN C 53 -1.37 1.84 2.71
N SER C 54 -1.92 2.20 1.55
CA SER C 54 -2.06 1.18 0.52
C SER C 54 -0.85 1.08 -0.41
N LYS C 55 -0.05 2.14 -0.56
CA LYS C 55 1.10 2.09 -1.47
C LYS C 55 2.45 2.04 -0.78
N ARG C 56 2.56 2.58 0.45
CA ARG C 56 3.79 2.57 1.25
C ARG C 56 4.92 3.38 0.61
N ILE C 57 4.60 4.32 -0.28
CA ILE C 57 5.55 5.26 -0.83
C ILE C 57 4.82 6.56 -1.12
N SER C 58 5.59 7.64 -1.19
CA SER C 58 5.12 8.92 -1.71
C SER C 58 4.97 8.84 -3.22
N PRO C 59 4.15 9.70 -3.82
CA PRO C 59 4.15 9.78 -5.29
C PRO C 59 5.54 10.09 -5.76
N ASN C 60 5.90 9.57 -6.93
CA ASN C 60 7.21 9.83 -7.49
C ASN C 60 7.10 10.60 -8.81
N LEU C 61 5.91 11.11 -9.13
CA LEU C 61 5.69 12.00 -10.26
C LEU C 61 5.23 13.35 -9.74
N PRO C 62 5.66 14.45 -10.36
CA PRO C 62 5.28 15.77 -9.88
C PRO C 62 3.87 16.16 -10.31
N LEU C 63 3.33 17.10 -9.55
CA LEU C 63 2.06 17.73 -9.86
C LEU C 63 2.19 18.57 -11.13
N LEU C 64 1.26 18.38 -12.06
CA LEU C 64 1.29 19.09 -13.34
C LEU C 64 0.11 20.05 -13.44
N ARG C 65 0.21 20.98 -14.38
CA ARG C 65 -0.83 22.00 -14.56
C ARG C 65 -1.65 21.72 -15.82
N LYS C 66 -2.99 21.72 -15.66
CA LYS C 66 -3.87 21.45 -16.79
C LYS C 66 -3.66 22.47 -17.89
N GLY C 67 -3.41 21.99 -19.10
CA GLY C 67 -3.18 22.87 -20.22
C GLY C 67 -1.73 23.25 -20.48
N THR C 68 -0.80 22.88 -19.61
CA THR C 68 0.61 23.14 -19.84
C THR C 68 1.20 22.01 -20.69
N ARG C 69 2.21 22.36 -21.49
CA ARG C 69 2.92 21.38 -22.31
C ARG C 69 4.08 20.79 -21.53
N TYR C 70 4.27 19.48 -21.67
CA TYR C 70 5.42 18.83 -21.06
C TYR C 70 6.11 17.91 -22.06
N SER C 71 7.39 17.71 -21.81
CA SER C 71 8.23 16.77 -22.56
C SER C 71 8.56 15.56 -21.69
N LEU C 72 8.38 14.37 -22.24
CA LEU C 72 8.77 13.13 -21.58
C LEU C 72 9.79 12.43 -22.46
N SER C 73 10.94 12.09 -21.88
CA SER C 73 12.05 11.48 -22.59
C SER C 73 12.41 10.16 -21.94
N LEU C 74 12.79 9.19 -22.76
CA LEU C 74 13.25 7.89 -22.29
C LEU C 74 14.75 7.80 -22.50
N ASN C 75 15.48 7.51 -21.45
CA ASN C 75 16.90 7.22 -21.52
C ASN C 75 17.08 5.75 -21.18
N ALA C 76 17.31 4.93 -22.22
CA ALA C 76 17.50 3.49 -22.12
C ALA C 76 18.43 3.02 -23.24
N GLU C 77 18.94 1.80 -23.11
CA GLU C 77 19.82 1.19 -24.10
C GLU C 77 19.22 -0.15 -24.52
N LEU C 78 18.99 -0.33 -25.82
CA LEU C 78 18.36 -1.57 -26.28
C LEU C 78 18.65 -1.79 -27.76
N ASP C 79 18.32 -3.00 -28.23
CA ASP C 79 18.45 -3.35 -29.65
C ASP C 79 17.26 -2.86 -30.47
N LEU C 80 16.12 -3.53 -30.33
CA LEU C 80 14.94 -3.17 -31.11
C LEU C 80 14.21 -2.08 -30.36
N VAL C 81 14.35 -0.84 -30.85
CA VAL C 81 13.89 0.33 -30.12
C VAL C 81 12.38 0.29 -29.90
N SER C 82 11.62 -0.18 -30.91
CA SER C 82 10.16 -0.17 -30.81
C SER C 82 9.62 -0.99 -29.64
N SER C 83 10.41 -1.93 -29.11
CA SER C 83 9.92 -2.94 -28.19
C SER C 83 9.98 -2.54 -26.70
N LEU C 84 10.49 -1.35 -26.37
CA LEU C 84 10.36 -0.81 -25.01
C LEU C 84 9.74 0.57 -25.09
N PHE C 85 8.48 0.69 -24.67
CA PHE C 85 7.80 1.97 -24.79
C PHE C 85 7.21 2.41 -23.44
N VAL C 86 6.67 3.63 -23.45
CA VAL C 86 6.24 4.31 -22.25
C VAL C 86 4.81 4.82 -22.46
N ARG C 87 3.93 4.51 -21.53
CA ARG C 87 2.55 4.95 -21.54
C ARG C 87 2.30 5.88 -20.37
N ILE C 88 1.92 7.12 -20.67
CA ILE C 88 1.41 8.04 -19.67
C ILE C 88 -0.12 8.03 -19.76
N GLU C 89 -0.77 7.80 -18.63
CA GLU C 89 -2.23 7.69 -18.59
C GLU C 89 -2.78 8.65 -17.55
N PHE C 90 -3.90 9.29 -17.88
CA PHE C 90 -4.54 10.29 -17.04
C PHE C 90 -5.84 9.74 -16.44
N TYR C 91 -6.12 10.14 -15.20
CA TYR C 91 -7.25 9.60 -14.44
C TYR C 91 -7.99 10.75 -13.80
N ASN C 92 -9.31 10.70 -13.85
CA ASN C 92 -10.09 11.71 -13.17
C ASN C 92 -10.14 11.37 -11.69
N ARG C 93 -10.92 12.15 -10.95
CA ARG C 93 -10.98 12.01 -9.50
C ARG C 93 -11.78 10.78 -9.08
N PHE C 94 -12.45 10.09 -10.00
CA PHE C 94 -13.06 8.81 -9.71
C PHE C 94 -12.20 7.65 -10.17
N ASN C 95 -10.98 7.93 -10.58
CA ASN C 95 -10.05 6.93 -11.06
C ASN C 95 -10.48 6.28 -12.38
N GLU C 96 -11.25 7.00 -13.21
CA GLU C 96 -11.49 6.58 -14.58
C GLU C 96 -10.39 7.12 -15.49
N SER C 97 -9.88 6.27 -16.37
CA SER C 97 -8.94 6.75 -17.37
C SER C 97 -9.64 7.80 -18.23
N VAL C 98 -8.99 8.95 -18.43
CA VAL C 98 -9.54 9.98 -19.30
C VAL C 98 -8.60 10.31 -20.45
N GLY C 99 -7.53 9.54 -20.62
CA GLY C 99 -6.69 9.65 -21.80
C GLY C 99 -5.37 8.95 -21.59
N PHE C 100 -4.64 8.78 -22.69
CA PHE C 100 -3.26 8.35 -22.59
C PHE C 100 -2.50 8.75 -23.84
N GLU C 101 -1.17 8.65 -23.76
CA GLU C 101 -0.25 8.89 -24.86
C GLU C 101 0.94 7.94 -24.72
N LEU C 102 1.62 7.68 -25.84
CA LEU C 102 2.70 6.70 -25.90
C LEU C 102 4.00 7.34 -26.38
N LEU C 103 5.08 6.96 -25.72
CA LEU C 103 6.43 7.34 -26.11
C LEU C 103 7.12 6.06 -26.60
N LYS C 104 7.49 6.05 -27.87
CA LYS C 104 8.12 4.91 -28.49
C LYS C 104 9.58 5.14 -28.84
N LYS C 105 9.96 6.32 -29.33
CA LYS C 105 11.34 6.51 -29.72
C LYS C 105 12.11 7.19 -28.59
N ASP C 106 12.17 8.52 -28.59
CA ASP C 106 13.04 9.25 -27.66
C ASP C 106 12.26 10.14 -26.71
N SER C 107 11.36 10.97 -27.24
CA SER C 107 10.66 11.96 -26.46
C SER C 107 9.29 12.20 -27.09
N ILE C 108 8.39 12.74 -26.29
CA ILE C 108 7.11 13.24 -26.76
C ILE C 108 6.81 14.53 -26.01
N ILE C 109 5.93 15.32 -26.57
CA ILE C 109 5.39 16.49 -25.92
C ILE C 109 3.89 16.32 -25.85
N PHE C 110 3.32 16.49 -24.67
CA PHE C 110 1.89 16.34 -24.48
C PHE C 110 1.40 17.51 -23.66
N ILE C 111 0.09 17.76 -23.74
CA ILE C 111 -0.57 18.71 -22.84
C ILE C 111 -1.21 17.93 -21.71
N TYR C 112 -0.92 18.33 -20.48
CA TYR C 112 -1.61 17.73 -19.34
C TYR C 112 -3.09 18.09 -19.44
N PRO C 113 -3.98 17.13 -19.63
CA PRO C 113 -5.35 17.44 -20.07
C PRO C 113 -6.24 17.94 -18.94
N LYS C 114 -7.34 18.61 -19.35
CA LYS C 114 -8.25 19.28 -18.41
C LYS C 114 -8.95 18.32 -17.48
N GLU C 115 -9.21 17.08 -17.92
CA GLU C 115 -9.92 16.09 -17.11
C GLU C 115 -8.99 15.30 -16.20
N ALA C 116 -7.68 15.51 -16.30
CA ALA C 116 -6.74 14.76 -15.48
C ALA C 116 -6.79 15.25 -14.05
N TYR C 117 -7.06 14.34 -13.12
CA TYR C 117 -6.84 14.56 -11.69
C TYR C 117 -5.48 14.03 -11.25
N THR C 118 -5.17 12.78 -11.59
CA THR C 118 -3.84 12.20 -11.38
C THR C 118 -3.34 11.59 -12.68
N TYR C 119 -2.10 11.10 -12.66
CA TYR C 119 -1.58 10.40 -13.83
C TYR C 119 -0.53 9.37 -13.38
N THR C 120 -0.30 8.40 -14.25
CA THR C 120 0.73 7.40 -14.04
C THR C 120 1.59 7.32 -15.29
N ILE C 121 2.80 6.81 -15.13
CA ILE C 121 3.66 6.51 -16.27
C ILE C 121 4.14 5.08 -16.11
N SER C 122 4.02 4.29 -17.18
CA SER C 122 4.35 2.87 -17.15
C SER C 122 5.37 2.54 -18.21
N LEU C 123 6.41 1.81 -17.80
CA LEU C 123 7.33 1.17 -18.72
C LEU C 123 6.70 -0.12 -19.20
N ILE C 124 6.61 -0.30 -20.52
CA ILE C 124 5.95 -1.49 -21.07
C ILE C 124 6.91 -2.21 -22.00
N ASN C 125 7.09 -3.51 -21.75
CA ASN C 125 7.93 -4.38 -22.57
C ASN C 125 7.08 -4.99 -23.67
N ALA C 126 7.51 -4.81 -24.92
CA ALA C 126 6.81 -5.36 -26.07
C ALA C 126 7.66 -6.40 -26.81
N GLY C 127 7.98 -7.51 -26.14
CA GLY C 127 8.77 -8.58 -26.72
C GLY C 127 10.28 -8.43 -26.64
N CYS C 128 10.80 -7.48 -25.87
CA CYS C 128 12.24 -7.26 -25.81
C CYS C 128 12.92 -8.23 -24.88
N SER C 129 14.09 -8.73 -25.31
CA SER C 129 14.82 -9.74 -24.55
C SER C 129 15.86 -9.15 -23.60
N ASP C 130 16.44 -8.00 -23.95
CA ASP C 130 17.49 -7.39 -23.15
C ASP C 130 17.42 -5.88 -23.31
N PHE C 131 17.47 -5.16 -22.20
CA PHE C 131 17.66 -3.73 -22.22
C PHE C 131 18.21 -3.26 -20.88
N THR C 132 18.80 -2.05 -20.90
CA THR C 132 19.21 -1.34 -19.70
C THR C 132 18.42 -0.04 -19.62
N PHE C 133 17.60 0.10 -18.59
CA PHE C 133 16.83 1.31 -18.36
C PHE C 133 17.59 2.23 -17.40
N HIS C 134 17.67 3.51 -17.77
CA HIS C 134 18.35 4.50 -16.93
C HIS C 134 17.35 5.38 -16.21
N TYR C 135 16.49 6.10 -16.95
CA TYR C 135 15.56 7.02 -16.34
C TYR C 135 14.60 7.56 -17.37
N LEU C 136 13.56 8.22 -16.88
CA LEU C 136 12.73 9.08 -17.69
C LEU C 136 12.96 10.51 -17.23
N LYS C 137 12.80 11.46 -18.15
CA LYS C 137 12.88 12.88 -17.84
C LYS C 137 11.58 13.56 -18.25
N LEU C 138 10.95 14.23 -17.28
CA LEU C 138 9.71 14.94 -17.48
C LEU C 138 9.93 16.41 -17.15
N GLU C 139 9.68 17.30 -18.11
CA GLU C 139 9.92 18.72 -17.92
C GLU C 139 8.89 19.52 -18.70
N GLU C 140 8.59 20.72 -18.20
CA GLU C 140 7.72 21.59 -18.96
C GLU C 140 8.51 22.22 -20.10
N VAL C 141 7.78 22.55 -21.16
CA VAL C 141 8.36 23.07 -22.39
C VAL C 141 8.34 24.58 -22.32
N THR C 142 9.53 25.18 -22.40
CA THR C 142 9.68 26.64 -22.36
C THR C 142 10.91 27.06 -23.18
N ASN C 150 27.09 21.67 -25.54
CA ASN C 150 27.20 20.75 -24.42
C ASN C 150 28.38 21.12 -23.50
N LEU C 151 28.65 20.28 -22.50
CA LEU C 151 29.61 20.53 -21.43
C LEU C 151 30.40 19.25 -21.15
N SER C 152 31.73 19.34 -21.20
CA SER C 152 32.58 18.14 -21.13
C SER C 152 33.69 18.26 -20.08
N THR C 153 34.65 17.32 -20.10
CA THR C 153 35.77 17.32 -19.17
C THR C 153 36.88 18.30 -19.56
N GLU C 154 36.88 18.76 -20.81
CA GLU C 154 37.94 19.62 -21.30
C GLU C 154 37.86 21.00 -20.66
N PHE C 155 39.03 21.53 -20.29
CA PHE C 155 39.19 22.90 -19.85
C PHE C 155 40.49 23.43 -20.41
N THR C 156 40.60 24.76 -20.50
CA THR C 156 41.78 25.39 -21.08
C THR C 156 42.51 26.27 -20.08
N ILE C 157 43.84 26.23 -20.14
CA ILE C 157 44.72 27.09 -19.36
C ILE C 157 45.50 27.95 -20.33
N GLU C 158 45.54 29.25 -20.07
CA GLU C 158 46.39 30.12 -20.87
C GLU C 158 47.69 30.40 -20.10
N GLU C 159 48.74 30.72 -20.85
CA GLU C 159 50.02 30.99 -20.21
C GLU C 159 49.93 32.24 -19.36
N HIS C 160 50.80 32.30 -18.34
CA HIS C 160 50.83 33.37 -17.34
C HIS C 160 49.60 33.37 -16.46
N GLN C 161 48.81 32.29 -16.47
CA GLN C 161 47.68 32.14 -15.58
C GLN C 161 48.15 31.60 -14.23
N ASP C 162 47.76 32.29 -13.15
CA ASP C 162 48.17 31.87 -11.82
C ASP C 162 47.15 30.94 -11.14
N VAL C 163 45.86 31.13 -11.40
CA VAL C 163 44.82 30.34 -10.77
C VAL C 163 43.96 29.70 -11.85
N LEU C 164 43.64 28.43 -11.66
CA LEU C 164 42.57 27.78 -12.40
C LEU C 164 41.46 27.44 -11.41
N ASN C 165 40.27 27.97 -11.66
CA ASN C 165 39.09 27.68 -10.85
C ASN C 165 38.19 26.76 -11.67
N LEU C 166 38.12 25.51 -11.27
CA LEU C 166 37.36 24.47 -11.97
C LEU C 166 36.03 24.31 -11.25
N LEU C 167 34.93 24.65 -11.92
CA LEU C 167 33.60 24.49 -11.36
C LEU C 167 32.99 23.19 -11.88
N LEU C 168 32.83 22.23 -10.97
CA LEU C 168 32.23 20.94 -11.30
C LEU C 168 30.72 21.13 -11.38
N VAL C 169 30.15 20.99 -12.57
CA VAL C 169 28.74 21.26 -12.81
C VAL C 169 28.00 19.92 -12.81
N GLU C 170 26.97 19.80 -11.96
CA GLU C 170 26.17 18.59 -11.92
C GLU C 170 25.62 18.29 -13.31
N LYS C 171 25.65 17.01 -13.68
CA LYS C 171 25.31 16.62 -15.04
C LYS C 171 23.93 17.13 -15.43
N LYS C 172 22.94 16.96 -14.54
CA LYS C 172 21.60 17.44 -14.85
C LYS C 172 21.54 18.95 -14.97
N ASP C 173 22.49 19.69 -14.38
CA ASP C 173 22.54 21.13 -14.56
C ASP C 173 23.27 21.53 -15.83
N SER C 174 24.20 20.69 -16.32
CA SER C 174 25.03 21.11 -17.44
C SER C 174 24.19 21.31 -18.69
N VAL C 175 23.16 20.51 -18.85
CA VAL C 175 22.22 20.58 -19.96
C VAL C 175 21.57 21.96 -20.03
N TYR C 176 21.73 22.77 -18.97
CA TYR C 176 21.03 24.04 -18.84
C TYR C 176 21.97 25.24 -18.73
N ILE C 177 22.48 25.49 -17.52
CA ILE C 177 23.30 26.65 -17.18
C ILE C 177 22.45 27.91 -17.28
N ASN C 178 21.33 27.92 -16.56
CA ASN C 178 20.45 29.08 -16.41
C ASN C 178 20.11 29.28 -14.94
N LYS C 179 21.14 29.31 -14.05
CA LYS C 179 20.88 29.20 -12.61
C LYS C 179 22.03 29.84 -11.81
N ILE C 180 22.06 31.18 -11.71
CA ILE C 180 23.00 31.91 -10.86
C ILE C 180 24.45 31.55 -11.18
N GLU C 181 24.74 30.26 -11.42
CA GLU C 181 26.06 29.75 -11.77
C GLU C 181 26.30 29.92 -13.27
N SER C 182 25.85 31.05 -13.84
CA SER C 182 25.68 31.18 -15.27
C SER C 182 26.94 31.78 -15.89
N ILE C 183 27.56 31.03 -16.83
CA ILE C 183 28.73 31.43 -17.64
C ILE C 183 29.81 32.05 -16.76
N SER C 184 29.87 31.63 -15.49
CA SER C 184 30.81 32.10 -14.45
C SER C 184 30.38 33.42 -13.81
N GLN C 185 29.24 33.99 -14.20
CA GLN C 185 28.91 35.31 -13.71
C GLN C 185 28.52 35.21 -12.23
N LEU C 186 29.56 34.92 -11.40
CA LEU C 186 29.44 34.71 -9.96
C LEU C 186 30.26 35.79 -9.29
N GLN C 187 31.46 35.48 -8.79
CA GLN C 187 32.37 36.44 -8.18
C GLN C 187 33.81 36.11 -8.56
N GLN C 188 34.03 35.25 -9.56
CA GLN C 188 35.36 34.85 -9.98
C GLN C 188 35.37 34.46 -11.45
N LYS C 189 36.58 34.26 -11.96
CA LYS C 189 36.85 33.52 -13.18
C LYS C 189 36.72 32.02 -12.91
N VAL C 190 36.24 31.27 -13.90
CA VAL C 190 36.02 29.83 -13.70
C VAL C 190 35.95 29.11 -15.04
N GLU C 191 36.28 27.83 -15.02
CA GLU C 191 36.07 26.90 -16.14
C GLU C 191 35.04 25.85 -15.71
N LEU C 192 33.96 25.72 -16.47
CA LEU C 192 32.93 24.74 -16.18
C LEU C 192 33.23 23.41 -16.84
N VAL C 193 33.09 22.32 -16.07
CA VAL C 193 33.19 20.98 -16.61
C VAL C 193 32.05 20.16 -16.07
N SER C 194 31.75 19.07 -16.78
CA SER C 194 30.69 18.16 -16.38
C SER C 194 30.93 16.81 -17.05
N ASN C 195 30.11 15.84 -16.67
CA ASN C 195 30.13 14.54 -17.35
C ASN C 195 29.49 14.68 -18.72
N PRO C 196 30.15 14.24 -19.79
CA PRO C 196 29.58 14.40 -21.13
C PRO C 196 28.70 13.25 -21.59
N SER C 197 28.67 12.13 -20.88
CA SER C 197 27.90 10.98 -21.31
C SER C 197 26.40 11.25 -21.16
N LEU C 198 25.60 10.36 -21.76
CA LEU C 198 24.15 10.52 -21.70
C LEU C 198 23.54 9.87 -20.46
N ASN C 199 24.19 8.85 -19.92
CA ASN C 199 23.64 8.07 -18.83
C ASN C 199 24.01 8.59 -17.44
N SER C 200 25.24 9.08 -17.28
CA SER C 200 25.93 9.10 -15.99
C SER C 200 25.91 10.47 -15.30
N ASP C 201 25.75 10.45 -13.98
CA ASP C 201 25.83 11.63 -13.13
C ASP C 201 27.18 11.78 -12.44
N SER C 202 28.10 10.84 -12.65
CA SER C 202 29.36 10.88 -11.91
C SER C 202 30.25 11.99 -12.42
N LEU C 203 30.97 12.62 -11.49
CA LEU C 203 31.99 13.60 -11.83
C LEU C 203 33.38 13.10 -11.50
N ILE C 204 33.52 11.84 -11.12
CA ILE C 204 34.82 11.20 -10.97
C ILE C 204 35.10 10.53 -12.31
N LEU C 205 35.87 11.20 -13.17
CA LEU C 205 36.03 10.79 -14.55
C LEU C 205 37.50 10.62 -14.89
N PRO C 206 37.90 9.45 -15.39
CA PRO C 206 39.31 9.25 -15.79
C PRO C 206 39.81 10.32 -16.75
N GLU C 207 38.94 10.86 -17.61
CA GLU C 207 39.39 11.90 -18.53
C GLU C 207 39.61 13.24 -17.84
N LEU C 208 38.94 13.48 -16.71
CA LEU C 208 39.17 14.71 -15.97
C LEU C 208 40.36 14.57 -15.03
N GLU C 209 40.51 13.41 -14.40
CA GLU C 209 41.73 13.09 -13.67
C GLU C 209 42.96 13.23 -14.57
N LYS C 210 42.87 12.67 -15.78
CA LYS C 210 43.96 12.80 -16.73
C LYS C 210 44.17 14.26 -17.13
N GLY C 211 43.09 15.03 -17.30
CA GLY C 211 43.23 16.42 -17.67
C GLY C 211 43.89 17.26 -16.57
N LEU C 212 43.54 16.99 -15.31
CA LEU C 212 44.16 17.66 -14.18
C LEU C 212 45.64 17.30 -14.06
N GLU C 213 45.96 16.02 -14.28
CA GLU C 213 47.35 15.58 -14.20
C GLU C 213 48.20 16.31 -15.24
N ASP C 214 47.73 16.36 -16.49
CA ASP C 214 48.42 17.09 -17.54
C ASP C 214 48.59 18.55 -17.16
N ALA C 215 47.52 19.20 -16.72
CA ALA C 215 47.59 20.59 -16.32
C ALA C 215 48.69 20.81 -15.29
N LEU C 216 48.80 19.90 -14.31
CA LEU C 216 49.73 20.10 -13.19
C LEU C 216 51.18 19.86 -13.61
N LYS C 217 51.40 19.00 -14.60
CA LYS C 217 52.74 18.84 -15.17
C LYS C 217 53.10 20.02 -16.07
N VAL C 218 52.22 20.38 -17.01
CA VAL C 218 52.57 21.40 -18.00
C VAL C 218 52.66 22.79 -17.36
N PHE C 219 51.76 23.11 -16.42
CA PHE C 219 51.74 24.39 -15.73
C PHE C 219 52.06 24.18 -14.26
N PRO C 220 53.28 23.76 -13.92
CA PRO C 220 53.54 23.26 -12.57
C PRO C 220 53.53 24.34 -11.51
N ASN C 221 53.32 25.60 -11.87
CA ASN C 221 53.20 26.62 -10.85
C ASN C 221 51.76 27.05 -10.61
N ILE C 222 50.82 26.62 -11.46
CA ILE C 222 49.45 27.11 -11.35
C ILE C 222 48.78 26.54 -10.10
N LYS C 223 47.89 27.33 -9.52
CA LYS C 223 47.00 26.85 -8.47
C LYS C 223 45.68 26.42 -9.09
N ILE C 224 45.26 25.20 -8.77
CA ILE C 224 43.97 24.68 -9.21
C ILE C 224 43.07 24.56 -8.00
N ASN C 225 41.91 25.21 -8.06
CA ASN C 225 40.84 25.02 -7.10
C ASN C 225 39.69 24.29 -7.80
N VAL C 226 39.19 23.25 -7.17
CA VAL C 226 38.05 22.50 -7.68
C VAL C 226 36.86 22.82 -6.77
N ILE C 227 35.87 23.53 -7.34
CA ILE C 227 34.68 24.00 -6.63
C ILE C 227 33.48 23.15 -7.04
N ALA C 228 32.67 22.78 -6.04
CA ALA C 228 31.41 22.07 -6.29
C ALA C 228 30.32 22.58 -5.36
N TYR C 229 29.07 22.29 -5.73
CA TYR C 229 27.88 22.74 -5.01
C TYR C 229 26.80 21.67 -4.81
N GLY C 230 26.92 20.50 -5.45
CA GLY C 230 25.94 19.44 -5.34
C GLY C 230 26.61 18.13 -4.98
N THR C 231 25.79 17.09 -4.85
CA THR C 231 26.24 15.87 -4.18
C THR C 231 27.36 15.17 -4.97
N GLN C 232 27.20 15.04 -6.30
CA GLN C 232 28.22 14.32 -7.06
C GLN C 232 29.48 15.16 -7.25
N GLY C 233 29.33 16.47 -7.44
CA GLY C 233 30.50 17.33 -7.52
C GLY C 233 31.28 17.38 -6.22
N ASN C 234 30.57 17.54 -5.10
CA ASN C 234 31.24 17.54 -3.80
C ASN C 234 32.00 16.24 -3.60
N PHE C 235 31.39 15.11 -4.01
CA PHE C 235 32.05 13.82 -3.86
C PHE C 235 33.27 13.73 -4.77
N ALA C 236 33.11 14.08 -6.05
CA ALA C 236 34.25 14.11 -6.95
C ALA C 236 35.36 15.04 -6.45
N ALA C 237 34.99 16.25 -5.99
CA ALA C 237 35.98 17.19 -5.48
C ALA C 237 36.80 16.57 -4.35
N LEU C 238 36.16 15.83 -3.45
CA LEU C 238 36.91 15.17 -2.39
C LEU C 238 37.90 14.18 -2.97
N TYR C 239 37.50 13.49 -4.04
CA TYR C 239 38.35 12.46 -4.64
C TYR C 239 39.55 13.08 -5.33
N TYR C 240 39.31 14.12 -6.13
CA TYR C 240 40.42 14.81 -6.78
C TYR C 240 41.40 15.35 -5.74
N ALA C 241 40.91 15.89 -4.62
CA ALA C 241 41.79 16.44 -3.61
C ALA C 241 42.65 15.36 -2.95
N LYS C 242 42.14 14.14 -2.85
CA LYS C 242 42.97 13.10 -2.28
C LYS C 242 44.03 12.64 -3.26
N LYS C 243 43.72 12.64 -4.56
CA LYS C 243 44.69 12.27 -5.57
C LYS C 243 45.72 13.37 -5.84
N PHE C 244 45.39 14.64 -5.60
CA PHE C 244 46.25 15.77 -5.94
C PHE C 244 46.38 16.75 -4.78
N PRO C 245 47.31 16.50 -3.85
CA PRO C 245 47.52 17.44 -2.74
C PRO C 245 47.79 18.88 -3.17
N ARG C 246 48.17 19.12 -4.42
CA ARG C 246 48.45 20.48 -4.85
C ARG C 246 47.18 21.30 -5.06
N ILE C 247 46.04 20.66 -5.30
CA ILE C 247 44.80 21.41 -5.54
C ILE C 247 44.05 21.61 -4.22
N THR C 248 43.18 22.61 -4.20
CA THR C 248 42.26 22.82 -3.09
C THR C 248 40.85 22.55 -3.56
N ALA C 249 40.12 21.78 -2.76
CA ALA C 249 38.71 21.51 -3.03
C ALA C 249 37.87 22.47 -2.22
N TYR C 250 36.84 23.02 -2.85
CA TYR C 250 35.82 23.81 -2.17
C TYR C 250 34.47 23.12 -2.36
N ILE C 251 33.89 22.65 -1.25
CA ILE C 251 32.61 21.96 -1.25
C ILE C 251 31.68 22.65 -0.25
N ASN C 252 30.38 22.58 -0.53
CA ASN C 252 29.38 23.17 0.36
C ASN C 252 28.65 22.13 1.23
N ASP C 253 29.18 20.89 1.31
CA ASP C 253 28.68 19.89 2.25
C ASP C 253 27.27 19.41 1.93
N CYS C 254 26.84 19.49 0.68
CA CYS C 254 25.57 18.90 0.26
C CYS C 254 25.85 17.50 -0.28
N PHE C 255 25.32 16.49 0.42
CA PHE C 255 25.67 15.11 0.17
C PHE C 255 24.44 14.22 0.23
N ALA C 256 24.46 13.15 -0.55
CA ALA C 256 23.62 11.98 -0.31
C ALA C 256 24.40 11.01 0.57
N PRO C 257 23.75 9.98 1.11
CA PRO C 257 24.50 9.00 1.90
C PRO C 257 25.58 8.34 1.04
N PHE C 258 26.63 7.86 1.71
CA PHE C 258 27.80 7.34 0.97
C PHE C 258 27.38 6.26 -0.02
N GLY C 259 26.62 5.27 0.45
CA GLY C 259 26.15 4.23 -0.44
C GLY C 259 25.35 4.74 -1.61
N ILE C 260 24.61 5.85 -1.43
CA ILE C 260 23.85 6.38 -2.55
C ILE C 260 24.79 7.10 -3.53
N LEU C 261 25.81 7.80 -3.02
CA LEU C 261 26.76 8.46 -3.91
C LEU C 261 27.42 7.46 -4.85
N LEU C 262 27.74 6.26 -4.36
CA LEU C 262 28.42 5.26 -5.18
C LEU C 262 27.57 4.81 -6.37
N LYS C 263 26.24 4.91 -6.26
CA LYS C 263 25.40 4.42 -7.35
C LYS C 263 25.63 5.15 -8.67
N SER C 264 26.31 6.30 -8.65
CA SER C 264 26.71 6.92 -9.90
C SER C 264 27.99 6.31 -10.50
N LEU C 265 28.66 5.40 -9.79
CA LEU C 265 29.77 4.63 -10.36
C LEU C 265 29.50 3.13 -10.17
N PRO C 266 28.53 2.58 -10.90
CA PRO C 266 28.07 1.20 -10.58
C PRO C 266 29.10 0.10 -10.82
N HIS C 267 30.05 0.29 -11.73
CA HIS C 267 30.98 -0.77 -12.08
C HIS C 267 32.20 -0.80 -11.16
N LEU C 268 32.09 -0.18 -10.01
CA LEU C 268 33.22 -0.05 -9.11
C LEU C 268 33.53 -1.39 -8.49
N THR C 269 34.82 -1.70 -8.41
CA THR C 269 35.23 -2.84 -7.64
C THR C 269 35.02 -2.58 -6.15
N ALA C 270 35.24 -3.65 -5.39
CA ALA C 270 35.32 -3.50 -3.94
C ALA C 270 36.59 -2.75 -3.52
N LYS C 271 37.71 -2.96 -4.19
CA LYS C 271 38.94 -2.30 -3.78
C LYS C 271 38.80 -0.78 -3.94
N GLN C 272 38.36 -0.34 -5.13
CA GLN C 272 38.04 1.08 -5.31
C GLN C 272 37.09 1.57 -4.23
N GLN C 273 36.11 0.74 -3.82
CA GLN C 273 35.08 1.18 -2.89
C GLN C 273 35.68 1.54 -1.53
N ILE C 274 36.65 0.75 -1.06
CA ILE C 274 37.28 1.08 0.21
C ILE C 274 38.13 2.34 0.07
N PHE C 275 38.66 2.59 -1.13
CA PHE C 275 39.42 3.82 -1.34
C PHE C 275 38.51 5.04 -1.20
N LEU C 276 37.31 4.97 -1.79
CA LEU C 276 36.41 6.11 -1.72
C LEU C 276 35.85 6.30 -0.31
N ARG C 277 35.67 5.21 0.45
CA ARG C 277 35.23 5.34 1.83
C ARG C 277 36.25 6.09 2.66
N GLU C 278 37.54 5.93 2.34
CA GLU C 278 38.57 6.68 3.04
C GLU C 278 38.46 8.17 2.72
N VAL C 279 38.40 8.52 1.45
CA VAL C 279 38.05 9.86 0.98
C VAL C 279 36.87 10.39 1.77
N TRP C 280 35.82 9.56 1.93
CA TRP C 280 34.60 9.99 2.59
C TRP C 280 34.80 10.27 4.07
N ASP C 281 35.46 9.37 4.79
CA ASP C 281 35.63 9.52 6.24
C ASP C 281 36.59 10.63 6.63
N THR C 282 37.37 11.18 5.70
CA THR C 282 38.29 12.29 6.01
C THR C 282 37.79 13.62 5.46
N ARG C 283 36.54 13.68 4.99
CA ARG C 283 36.04 14.89 4.35
C ARG C 283 36.05 16.08 5.29
N GLU C 284 36.01 15.86 6.60
CA GLU C 284 36.02 16.98 7.53
C GLU C 284 37.41 17.24 8.08
N THR C 285 38.40 16.40 7.75
CA THR C 285 39.75 16.53 8.28
C THR C 285 40.84 16.73 7.23
N SER C 286 40.61 16.34 5.98
CA SER C 286 41.62 16.53 4.94
C SER C 286 41.98 18.01 4.80
N PRO C 287 43.26 18.37 4.86
CA PRO C 287 43.64 19.80 4.89
C PRO C 287 43.44 20.54 3.58
N ASN C 288 43.39 19.87 2.42
CA ASN C 288 43.12 20.58 1.18
C ASN C 288 41.65 20.52 0.76
N VAL C 289 40.75 20.14 1.66
CA VAL C 289 39.32 20.28 1.43
C VAL C 289 38.81 21.40 2.33
N LYS C 290 38.32 22.46 1.71
CA LYS C 290 37.69 23.57 2.40
C LYS C 290 36.17 23.49 2.24
N HIS C 291 35.45 24.02 3.23
CA HIS C 291 33.99 23.93 3.28
C HIS C 291 33.39 25.33 3.30
N TYR C 292 32.42 25.57 2.44
CA TYR C 292 31.74 26.86 2.40
C TYR C 292 30.22 26.63 2.44
N GLY C 293 29.49 27.70 2.70
CA GLY C 293 28.04 27.68 2.55
C GLY C 293 27.31 27.52 3.88
N LEU C 294 26.01 27.30 3.76
CA LEU C 294 25.11 27.32 4.92
C LEU C 294 25.15 26.05 5.75
N VAL C 295 25.44 24.89 5.13
CA VAL C 295 25.25 23.61 5.81
C VAL C 295 26.09 23.53 7.08
N SER C 296 27.35 23.96 7.01
CA SER C 296 28.21 23.94 8.19
C SER C 296 27.71 24.88 9.29
N GLU C 297 26.83 25.83 8.97
CA GLU C 297 26.29 26.74 9.98
C GLU C 297 24.99 26.27 10.60
N ASN C 298 24.35 25.23 10.05
CA ASN C 298 23.06 24.73 10.56
C ASN C 298 23.09 23.21 10.42
N SER C 299 23.54 22.52 11.49
CA SER C 299 23.68 21.07 11.42
C SER C 299 22.34 20.38 11.20
N SER C 300 21.22 21.02 11.53
CA SER C 300 19.92 20.46 11.21
C SER C 300 19.74 20.30 9.71
N LEU C 301 20.51 21.02 8.89
CA LEU C 301 20.36 20.90 7.45
C LEU C 301 20.97 19.63 6.88
N ASN C 302 21.84 18.94 7.63
CA ASN C 302 22.49 17.73 7.10
C ASN C 302 21.46 16.71 6.61
N LEU C 303 20.41 16.49 7.40
CA LEU C 303 19.38 15.53 7.03
C LEU C 303 18.94 15.71 5.58
N VAL C 304 18.82 16.95 5.13
CA VAL C 304 18.18 17.30 3.87
C VAL C 304 19.15 17.87 2.85
N SER C 305 20.47 17.78 3.07
CA SER C 305 21.37 18.64 2.27
C SER C 305 21.38 18.28 0.79
N MET C 306 20.91 17.09 0.41
CA MET C 306 20.82 16.71 -1.02
C MET C 306 19.63 17.32 -1.74
N ILE C 307 18.69 17.95 -1.04
CA ILE C 307 17.59 18.64 -1.72
C ILE C 307 17.70 20.15 -1.63
N LEU C 308 18.69 20.67 -0.90
CA LEU C 308 18.95 22.11 -0.91
C LEU C 308 19.31 22.58 -2.31
N SER C 309 18.95 23.83 -2.62
CA SER C 309 19.47 24.50 -3.82
C SER C 309 20.89 24.99 -3.52
N GLY C 310 21.80 24.02 -3.42
CA GLY C 310 23.16 24.31 -3.03
C GLY C 310 23.91 25.23 -3.97
N ASN C 311 23.52 25.26 -5.25
CA ASN C 311 24.15 26.19 -6.20
C ASN C 311 24.03 27.63 -5.71
N GLU C 312 22.91 27.96 -5.06
CA GLU C 312 22.75 29.31 -4.52
C GLU C 312 23.70 29.61 -3.38
N HIS C 313 24.57 28.68 -3.01
CA HIS C 313 25.60 28.94 -2.00
C HIS C 313 26.90 29.44 -2.60
N LEU C 314 27.06 29.39 -3.92
CA LEU C 314 28.34 29.73 -4.51
C LEU C 314 28.86 31.12 -4.14
N PRO C 315 28.04 32.16 -3.92
CA PRO C 315 28.60 33.42 -3.43
C PRO C 315 29.20 33.37 -2.02
N TYR C 316 28.75 32.50 -1.11
CA TYR C 316 29.40 32.35 0.19
C TYR C 316 30.86 31.91 0.09
N LEU C 317 31.38 31.74 -1.13
CA LEU C 317 32.72 31.22 -1.38
C LEU C 317 33.80 32.26 -1.07
N THR C 318 33.69 33.44 -1.68
CA THR C 318 34.63 34.54 -1.46
C THR C 318 34.98 34.78 0.01
C1 GOL D . 13.12 -1.49 17.03
O1 GOL D . 11.82 -1.81 16.59
C2 GOL D . 14.07 -2.41 16.22
O2 GOL D . 13.70 -2.50 14.84
C3 GOL D . 15.55 -1.90 16.52
O3 GOL D . 15.74 -0.55 16.06
C1 GOL E . -3.20 35.52 -11.55
O1 GOL E . -4.05 34.76 -12.36
C2 GOL E . -1.71 35.23 -11.96
O2 GOL E . -1.13 36.29 -12.66
C3 GOL E . -1.00 34.94 -10.61
O3 GOL E . 0.31 34.55 -10.90
C1 GOL F . -7.90 19.88 14.75
O1 GOL F . -8.49 21.09 15.20
C2 GOL F . -6.64 19.60 15.62
O2 GOL F . -6.97 19.10 16.87
C3 GOL F . -5.79 18.59 14.80
O3 GOL F . -5.43 17.55 15.67
C1 GOL G . -21.42 21.63 16.27
O1 GOL G . -22.78 21.38 16.46
C2 GOL G . -20.77 20.63 17.20
O2 GOL G . -21.68 19.71 17.64
C3 GOL G . -19.67 19.97 16.44
O3 GOL G . -19.07 19.18 17.40
C1 GOL H . -30.23 36.44 -3.73
O1 GOL H . -30.41 37.45 -4.68
C2 GOL H . -31.29 36.67 -2.65
O2 GOL H . -32.13 35.56 -2.51
C3 GOL H . -30.47 36.99 -1.35
O3 GOL H . -31.26 37.70 -0.44
C1 GOL I . -11.53 26.28 5.77
O1 GOL I . -12.69 25.55 5.62
C2 GOL I . -10.47 25.27 6.31
O2 GOL I . -9.75 24.62 5.27
C3 GOL I . -9.54 26.10 7.30
O3 GOL I . -8.23 25.62 7.13
S SO4 J . -15.88 35.55 13.16
O1 SO4 J . -15.01 36.09 12.10
O2 SO4 J . -16.08 36.55 14.20
O3 SO4 J . -17.19 35.19 12.57
O4 SO4 J . -15.27 34.33 13.72
S SO4 K . -13.52 17.13 15.04
O1 SO4 K . -13.85 16.97 13.62
O2 SO4 K . -13.01 18.48 15.29
O3 SO4 K . -12.56 16.09 15.40
O4 SO4 K . -14.73 16.92 15.84
C1 GOL L . -23.31 -23.50 25.86
O1 GOL L . -22.67 -23.94 27.04
C2 GOL L . -22.18 -22.96 24.92
O2 GOL L . -21.23 -23.93 24.62
C3 GOL L . -22.87 -22.46 23.65
O3 GOL L . -21.81 -22.11 22.79
C1 GOL M . -6.41 -17.93 -4.98
O1 GOL M . -6.59 -16.85 -4.11
C2 GOL M . -6.86 -17.49 -6.43
O2 GOL M . -7.18 -16.13 -6.52
C3 GOL M . -5.67 -17.88 -7.35
O3 GOL M . -4.99 -16.70 -7.61
C1 GOL N . -0.01 -32.45 21.35
O1 GOL N . 0.33 -31.50 22.31
C2 GOL N . 0.35 -31.86 19.99
O2 GOL N . 1.68 -31.45 19.93
C3 GOL N . -0.02 -32.98 18.97
O3 GOL N . 1.04 -33.06 18.05
C1 GOL O . -7.99 -15.03 7.78
O1 GOL O . -8.12 -15.94 8.83
C2 GOL O . -6.92 -13.98 8.24
O2 GOL O . -5.88 -14.56 8.99
C3 GOL O . -6.42 -13.30 6.93
O3 GOL O . -5.98 -12.05 7.33
S SO4 P . 6.77 -14.94 23.72
O1 SO4 P . 7.92 -15.10 22.83
O2 SO4 P . 7.12 -13.99 24.77
O3 SO4 P . 5.63 -14.45 22.93
O4 SO4 P . 6.45 -16.25 24.29
C1 GOL Q . 20.70 14.34 10.81
O1 GOL Q . 21.55 14.25 9.68
C2 GOL Q . 20.85 15.79 11.36
O2 GOL Q . 20.65 16.78 10.37
C3 GOL Q . 19.82 15.92 12.50
O3 GOL Q . 20.04 17.17 13.09
C1 GOL R . -5.03 5.40 -10.94
O1 GOL R . -4.72 4.05 -11.14
C2 GOL R . -3.95 6.07 -10.00
O2 GOL R . -3.71 7.40 -10.39
C3 GOL R . -4.56 6.09 -8.56
O3 GOL R . -3.90 7.10 -7.84
C1 GOL S . 37.13 5.56 -10.18
O1 GOL S . 37.32 5.22 -8.84
C2 GOL S . 38.40 6.33 -10.59
O2 GOL S . 39.55 5.65 -10.22
C3 GOL S . 38.29 6.54 -12.13
O3 GOL S . 39.18 7.57 -12.49
#